data_3T1U
# 
_entry.id   3T1U 
# 
_audit_conform.dict_name       mmcif_pdbx.dic 
_audit_conform.dict_version    5.379 
_audit_conform.dict_location   http://mmcif.pdb.org/dictionaries/ascii/mmcif_pdbx.dic 
# 
loop_
_database_2.database_id 
_database_2.database_code 
_database_2.pdbx_database_accession 
_database_2.pdbx_DOI 
PDB   3T1U         pdb_00003t1u 10.2210/pdb3t1u/pdb 
RCSB  RCSB066930   ?            ?                   
WWPDB D_1000066930 ?            ?                   
# 
_pdbx_database_related.db_name        PDB 
_pdbx_database_related.db_id          3T17 
_pdbx_database_related.details        . 
_pdbx_database_related.content_type   unspecified 
# 
_pdbx_database_status.status_code                     REL 
_pdbx_database_status.entry_id                        3T1U 
_pdbx_database_status.recvd_initial_deposition_date   2011-07-22 
_pdbx_database_status.deposit_site                    RCSB 
_pdbx_database_status.process_site                    RCSB 
_pdbx_database_status.status_code_sf                  REL 
_pdbx_database_status.status_code_mr                  ? 
_pdbx_database_status.SG_entry                        ? 
_pdbx_database_status.status_code_cs                  ? 
_pdbx_database_status.methods_development_category    ? 
_pdbx_database_status.pdb_format_compatible           Y 
_pdbx_database_status.status_code_nmr_data            ? 
# 
loop_
_audit_author.name 
_audit_author.pdbx_ordinal 
'Karpusas, M.'       1 
'Christoforides, E.' 2 
'Bethanis, K.'       3 
'Dimou, M.'          4 
'Katinakis, P.'      5 
# 
_citation.id                        primary 
_citation.title                     'Structure of a bacterial cytoplasmic cyclophilin A in complex with a tetrapeptide.' 
_citation.journal_abbrev            'Acta Crystallogr.,Sect.F' 
_citation.journal_volume            68 
_citation.page_first                259 
_citation.page_last                 264 
_citation.year                      2012 
_citation.journal_id_ASTM           ? 
_citation.country                   DK 
_citation.journal_id_ISSN           1744-3091 
_citation.journal_id_CSD            ? 
_citation.book_publisher            ? 
_citation.pdbx_database_id_PubMed   22442217 
_citation.pdbx_database_id_DOI      10.1107/S1744309112000188 
# 
loop_
_citation_author.citation_id 
_citation_author.name 
_citation_author.ordinal 
_citation_author.identifier_ORCID 
primary 'Christoforides, E.' 1 ? 
primary 'Dimou, M.'          2 ? 
primary 'Katinakis, P.'      3 ? 
primary 'Bethanis, K.'       4 ? 
primary 'Karpusas, M.'       5 ? 
# 
_cell.entry_id           3T1U 
_cell.length_a           66.410 
_cell.length_b           66.410 
_cell.length_c           71.530 
_cell.angle_alpha        90.00 
_cell.angle_beta         90.00 
_cell.angle_gamma        90.00 
_cell.Z_PDB              8 
_cell.pdbx_unique_axis   ? 
_cell.length_a_esd       ? 
_cell.length_b_esd       ? 
_cell.length_c_esd       ? 
_cell.angle_alpha_esd    ? 
_cell.angle_beta_esd     ? 
_cell.angle_gamma_esd    ? 
# 
_symmetry.entry_id                         3T1U 
_symmetry.space_group_name_H-M             'P 42 21 2' 
_symmetry.pdbx_full_space_group_name_H-M   ? 
_symmetry.cell_setting                     ? 
_symmetry.Int_Tables_number                94 
_symmetry.space_group_name_Hall            ? 
# 
loop_
_entity.id 
_entity.type 
_entity.src_method 
_entity.pdbx_description 
_entity.formula_weight 
_entity.pdbx_number_of_molecules 
_entity.pdbx_ec 
_entity.pdbx_mutation 
_entity.pdbx_fragment 
_entity.details 
1 polymer man 'Peptidyl-prolyl cis-trans isomerase'   17681.797 1   5.2.1.8 ? ? ? 
2 polymer syn succinyl-Ala-Phe-Pro-Phe-p-nitroanilide 700.737   1   ?       ? ? ? 
3 water   nat water                                   18.015    118 ?       ? ? ? 
# 
_entity_name_com.entity_id   1 
_entity_name_com.name        Cyclophilin-A 
# 
loop_
_entity_poly.entity_id 
_entity_poly.type 
_entity_poly.nstd_linkage 
_entity_poly.nstd_monomer 
_entity_poly.pdbx_seq_one_letter_code 
_entity_poly.pdbx_seq_one_letter_code_can 
_entity_poly.pdbx_strand_id 
_entity_poly.pdbx_target_identifier 
1 'polypeptide(L)' no no  
;SIKLQTNHGTITLKLFADKAPETAANFEQYVKDGHYDGTIFHRVIDGFMIQGGGFEPGMKQKSTRAPIKNEANNGLSNKK
YTIAMARTPDPHSASAQFFINVKDNAFLDHTAPTAHGWGYAVFGEVVEGTDVVDRIKSVATGSRAGHGDVPVDDVIIEKA
EIV
;
;SIKLQTNHGTITLKLFADKAPETAANFEQYVKDGHYDGTIFHRVIDGFMIQGGGFEPGMKQKSTRAPIKNEANNGLSNKK
YTIAMARTPDPHSASAQFFINVKDNAFLDHTAPTAHGWGYAVFGEVVEGTDVVDRIKSVATGSRAGHGDVPVDDVIIEKA
EIV
;
A ? 
2 'polypeptide(L)' no yes '(SIN)AFPF(NIT)' XAFPFX B ? 
# 
loop_
_entity_poly_seq.entity_id 
_entity_poly_seq.num 
_entity_poly_seq.mon_id 
_entity_poly_seq.hetero 
1 1   SER n 
1 2   ILE n 
1 3   LYS n 
1 4   LEU n 
1 5   GLN n 
1 6   THR n 
1 7   ASN n 
1 8   HIS n 
1 9   GLY n 
1 10  THR n 
1 11  ILE n 
1 12  THR n 
1 13  LEU n 
1 14  LYS n 
1 15  LEU n 
1 16  PHE n 
1 17  ALA n 
1 18  ASP n 
1 19  LYS n 
1 20  ALA n 
1 21  PRO n 
1 22  GLU n 
1 23  THR n 
1 24  ALA n 
1 25  ALA n 
1 26  ASN n 
1 27  PHE n 
1 28  GLU n 
1 29  GLN n 
1 30  TYR n 
1 31  VAL n 
1 32  LYS n 
1 33  ASP n 
1 34  GLY n 
1 35  HIS n 
1 36  TYR n 
1 37  ASP n 
1 38  GLY n 
1 39  THR n 
1 40  ILE n 
1 41  PHE n 
1 42  HIS n 
1 43  ARG n 
1 44  VAL n 
1 45  ILE n 
1 46  ASP n 
1 47  GLY n 
1 48  PHE n 
1 49  MET n 
1 50  ILE n 
1 51  GLN n 
1 52  GLY n 
1 53  GLY n 
1 54  GLY n 
1 55  PHE n 
1 56  GLU n 
1 57  PRO n 
1 58  GLY n 
1 59  MET n 
1 60  LYS n 
1 61  GLN n 
1 62  LYS n 
1 63  SER n 
1 64  THR n 
1 65  ARG n 
1 66  ALA n 
1 67  PRO n 
1 68  ILE n 
1 69  LYS n 
1 70  ASN n 
1 71  GLU n 
1 72  ALA n 
1 73  ASN n 
1 74  ASN n 
1 75  GLY n 
1 76  LEU n 
1 77  SER n 
1 78  ASN n 
1 79  LYS n 
1 80  LYS n 
1 81  TYR n 
1 82  THR n 
1 83  ILE n 
1 84  ALA n 
1 85  MET n 
1 86  ALA n 
1 87  ARG n 
1 88  THR n 
1 89  PRO n 
1 90  ASP n 
1 91  PRO n 
1 92  HIS n 
1 93  SER n 
1 94  ALA n 
1 95  SER n 
1 96  ALA n 
1 97  GLN n 
1 98  PHE n 
1 99  PHE n 
1 100 ILE n 
1 101 ASN n 
1 102 VAL n 
1 103 LYS n 
1 104 ASP n 
1 105 ASN n 
1 106 ALA n 
1 107 PHE n 
1 108 LEU n 
1 109 ASP n 
1 110 HIS n 
1 111 THR n 
1 112 ALA n 
1 113 PRO n 
1 114 THR n 
1 115 ALA n 
1 116 HIS n 
1 117 GLY n 
1 118 TRP n 
1 119 GLY n 
1 120 TYR n 
1 121 ALA n 
1 122 VAL n 
1 123 PHE n 
1 124 GLY n 
1 125 GLU n 
1 126 VAL n 
1 127 VAL n 
1 128 GLU n 
1 129 GLY n 
1 130 THR n 
1 131 ASP n 
1 132 VAL n 
1 133 VAL n 
1 134 ASP n 
1 135 ARG n 
1 136 ILE n 
1 137 LYS n 
1 138 SER n 
1 139 VAL n 
1 140 ALA n 
1 141 THR n 
1 142 GLY n 
1 143 SER n 
1 144 ARG n 
1 145 ALA n 
1 146 GLY n 
1 147 HIS n 
1 148 GLY n 
1 149 ASP n 
1 150 VAL n 
1 151 PRO n 
1 152 VAL n 
1 153 ASP n 
1 154 ASP n 
1 155 VAL n 
1 156 ILE n 
1 157 ILE n 
1 158 GLU n 
1 159 LYS n 
1 160 ALA n 
1 161 GLU n 
1 162 ILE n 
1 163 VAL n 
2 1   SIN n 
2 2   ALA n 
2 3   PHE n 
2 4   PRO n 
2 5   PHE n 
2 6   NIT n 
# 
_entity_src_gen.entity_id                          1 
_entity_src_gen.pdbx_src_id                        1 
_entity_src_gen.pdbx_alt_source_flag               sample 
_entity_src_gen.pdbx_seq_type                      ? 
_entity_src_gen.pdbx_beg_seq_num                   ? 
_entity_src_gen.pdbx_end_seq_num                   ? 
_entity_src_gen.gene_src_common_name               ? 
_entity_src_gen.gene_src_genus                     ? 
_entity_src_gen.pdbx_gene_src_gene                 Avin_23510 
_entity_src_gen.gene_src_species                   ? 
_entity_src_gen.gene_src_strain                    'DJ / ATCC BAA-1303' 
_entity_src_gen.gene_src_tissue                    ? 
_entity_src_gen.gene_src_tissue_fraction           ? 
_entity_src_gen.gene_src_details                   ? 
_entity_src_gen.pdbx_gene_src_fragment             ? 
_entity_src_gen.pdbx_gene_src_scientific_name      'Azotobacter vinelandii' 
_entity_src_gen.pdbx_gene_src_ncbi_taxonomy_id     322710 
_entity_src_gen.pdbx_gene_src_variant              ? 
_entity_src_gen.pdbx_gene_src_cell_line            ? 
_entity_src_gen.pdbx_gene_src_atcc                 ? 
_entity_src_gen.pdbx_gene_src_organ                ? 
_entity_src_gen.pdbx_gene_src_organelle            ? 
_entity_src_gen.pdbx_gene_src_cell                 ? 
_entity_src_gen.pdbx_gene_src_cellular_location    ? 
_entity_src_gen.host_org_common_name               ? 
_entity_src_gen.pdbx_host_org_scientific_name      'Escherichia coli' 
_entity_src_gen.pdbx_host_org_ncbi_taxonomy_id     469008 
_entity_src_gen.host_org_genus                     ? 
_entity_src_gen.pdbx_host_org_gene                 ? 
_entity_src_gen.pdbx_host_org_organ                ? 
_entity_src_gen.host_org_species                   ? 
_entity_src_gen.pdbx_host_org_tissue               ? 
_entity_src_gen.pdbx_host_org_tissue_fraction      ? 
_entity_src_gen.pdbx_host_org_strain               'BL21(DE3)' 
_entity_src_gen.pdbx_host_org_variant              ? 
_entity_src_gen.pdbx_host_org_cell_line            ? 
_entity_src_gen.pdbx_host_org_atcc                 ? 
_entity_src_gen.pdbx_host_org_culture_collection   ? 
_entity_src_gen.pdbx_host_org_cell                 ? 
_entity_src_gen.pdbx_host_org_organelle            ? 
_entity_src_gen.pdbx_host_org_cellular_location    ? 
_entity_src_gen.pdbx_host_org_vector_type          plasmid 
_entity_src_gen.pdbx_host_org_vector               ? 
_entity_src_gen.host_org_details                   ? 
_entity_src_gen.expression_system_id               ? 
_entity_src_gen.plasmid_name                       pET28 
_entity_src_gen.plasmid_details                    ? 
_entity_src_gen.pdbx_description                   ? 
# 
loop_
_struct_ref.id 
_struct_ref.db_name 
_struct_ref.db_code 
_struct_ref.pdbx_db_accession 
_struct_ref.entity_id 
_struct_ref.pdbx_seq_one_letter_code 
_struct_ref.pdbx_align_begin 
_struct_ref.pdbx_db_isoform 
1 UNP C1DHE4_AZOVD C1DHE4 1 
;IKLQTNHGTITLKLFADKAPETAANFEQYVKDGHYDGTIFHRVIDGFMIQGGGFEPGMKQKSTRAPIKNEANNGLSNKKY
TIAMARTPDPHSASAQFFINVKDNAFLDHTAPTAHGWGYAVFGEVVEGTDVVDRIKSVATGSRAGHGDVPVDDVIIEKAE
IV
;
2 ? 
2 PDB 3T1U         3T1U   2 '(SIN)AFPF(NIT)' ? ? 
# 
loop_
_struct_ref_seq.align_id 
_struct_ref_seq.ref_id 
_struct_ref_seq.pdbx_PDB_id_code 
_struct_ref_seq.pdbx_strand_id 
_struct_ref_seq.seq_align_beg 
_struct_ref_seq.pdbx_seq_align_beg_ins_code 
_struct_ref_seq.seq_align_end 
_struct_ref_seq.pdbx_seq_align_end_ins_code 
_struct_ref_seq.pdbx_db_accession 
_struct_ref_seq.db_align_beg 
_struct_ref_seq.pdbx_db_align_beg_ins_code 
_struct_ref_seq.db_align_end 
_struct_ref_seq.pdbx_db_align_end_ins_code 
_struct_ref_seq.pdbx_auth_seq_align_beg 
_struct_ref_seq.pdbx_auth_seq_align_end 
1 1 3T1U A 2 ? 163 ? C1DHE4 2 ? 163 ? 2 163 
2 2 3T1U B 1 ? 6   ? 3T1U   0 ? 5   ? 0 5   
# 
_struct_ref_seq_dif.align_id                     1 
_struct_ref_seq_dif.pdbx_pdb_id_code             3T1U 
_struct_ref_seq_dif.mon_id                       SER 
_struct_ref_seq_dif.pdbx_pdb_strand_id           A 
_struct_ref_seq_dif.seq_num                      1 
_struct_ref_seq_dif.pdbx_pdb_ins_code            ? 
_struct_ref_seq_dif.pdbx_seq_db_name             UNP 
_struct_ref_seq_dif.pdbx_seq_db_accession_code   C1DHE4 
_struct_ref_seq_dif.db_mon_id                    ? 
_struct_ref_seq_dif.pdbx_seq_db_seq_num          ? 
_struct_ref_seq_dif.details                      'expression tag' 
_struct_ref_seq_dif.pdbx_auth_seq_num            1 
_struct_ref_seq_dif.pdbx_ordinal                 1 
# 
loop_
_chem_comp.id 
_chem_comp.type 
_chem_comp.mon_nstd_flag 
_chem_comp.name 
_chem_comp.pdbx_synonyms 
_chem_comp.formula 
_chem_comp.formula_weight 
ALA 'L-peptide linking' y ALANINE         ?                'C3 H7 N O2'     89.093  
ARG 'L-peptide linking' y ARGININE        ?                'C6 H15 N4 O2 1' 175.209 
ASN 'L-peptide linking' y ASPARAGINE      ?                'C4 H8 N2 O3'    132.118 
ASP 'L-peptide linking' y 'ASPARTIC ACID' ?                'C4 H7 N O4'     133.103 
GLN 'L-peptide linking' y GLUTAMINE       ?                'C5 H10 N2 O3'   146.144 
GLU 'L-peptide linking' y 'GLUTAMIC ACID' ?                'C5 H9 N O4'     147.129 
GLY 'peptide linking'   y GLYCINE         ?                'C2 H5 N O2'     75.067  
HIS 'L-peptide linking' y HISTIDINE       ?                'C6 H10 N3 O2 1' 156.162 
HOH non-polymer         . WATER           ?                'H2 O'           18.015  
ILE 'L-peptide linking' y ISOLEUCINE      ?                'C6 H13 N O2'    131.173 
LEU 'L-peptide linking' y LEUCINE         ?                'C6 H13 N O2'    131.173 
LYS 'L-peptide linking' y LYSINE          ?                'C6 H15 N2 O2 1' 147.195 
MET 'L-peptide linking' y METHIONINE      ?                'C5 H11 N O2 S'  149.211 
NIT non-polymer         . 4-NITROANILINE  PARANITROANILINE 'C6 H6 N2 O2'    138.124 
PHE 'L-peptide linking' y PHENYLALANINE   ?                'C9 H11 N O2'    165.189 
PRO 'L-peptide linking' y PROLINE         ?                'C5 H9 N O2'     115.130 
SER 'L-peptide linking' y SERINE          ?                'C3 H7 N O3'     105.093 
SIN non-polymer         . 'SUCCINIC ACID' ?                'C4 H6 O4'       118.088 
THR 'L-peptide linking' y THREONINE       ?                'C4 H9 N O3'     119.119 
TRP 'L-peptide linking' y TRYPTOPHAN      ?                'C11 H12 N2 O2'  204.225 
TYR 'L-peptide linking' y TYROSINE        ?                'C9 H11 N O3'    181.189 
VAL 'L-peptide linking' y VALINE          ?                'C5 H11 N O2'    117.146 
# 
_exptl.entry_id          3T1U 
_exptl.method            'X-RAY DIFFRACTION' 
_exptl.crystals_number   1 
# 
_exptl_crystal.id                    1 
_exptl_crystal.density_meas          ? 
_exptl_crystal.density_Matthews      2.15 
_exptl_crystal.density_percent_sol   42.66 
_exptl_crystal.description           ? 
_exptl_crystal.F_000                 ? 
_exptl_crystal.preparation           ? 
# 
_exptl_crystal_grow.crystal_id      1 
_exptl_crystal_grow.method          'VAPOR DIFFUSION, HANGING DROP' 
_exptl_crystal_grow.temp            291.16 
_exptl_crystal_grow.temp_details    ? 
_exptl_crystal_grow.pH              6.5 
_exptl_crystal_grow.pdbx_details    
'19% PEG8000, 0.1 M sodium acetate, 0.1 M sodium cacodylate, pH 6.5, VAPOR DIFFUSION, HANGING DROP, temperature 291.16K' 
_exptl_crystal_grow.pdbx_pH_range   ? 
# 
_diffrn.id                     1 
_diffrn.ambient_temp           100 
_diffrn.ambient_temp_details   ? 
_diffrn.crystal_id             1 
# 
_diffrn_detector.diffrn_id              1 
_diffrn_detector.detector               'IMAGE PLATE' 
_diffrn_detector.type                   'RIGAKU RAXIS IV' 
_diffrn_detector.pdbx_collection_date   2010-01-01 
_diffrn_detector.details                ? 
# 
_diffrn_radiation.diffrn_id                        1 
_diffrn_radiation.wavelength_id                    1 
_diffrn_radiation.pdbx_monochromatic_or_laue_m_l   M 
_diffrn_radiation.monochromator                    ? 
_diffrn_radiation.pdbx_diffrn_protocol             'SINGLE WAVELENGTH' 
_diffrn_radiation.pdbx_scattering_type             x-ray 
# 
_diffrn_radiation_wavelength.id           1 
_diffrn_radiation_wavelength.wavelength   1.54 
_diffrn_radiation_wavelength.wt           1.0 
# 
_diffrn_source.diffrn_id                   1 
_diffrn_source.source                      'ROTATING ANODE' 
_diffrn_source.type                        RIGAKU 
_diffrn_source.pdbx_synchrotron_site       ? 
_diffrn_source.pdbx_synchrotron_beamline   ? 
_diffrn_source.pdbx_wavelength             ? 
_diffrn_source.pdbx_wavelength_list        1.54 
# 
_reflns.entry_id                     3T1U 
_reflns.observed_criterion_sigma_I   ? 
_reflns.observed_criterion_sigma_F   ? 
_reflns.d_resolution_low             50 
_reflns.d_resolution_high            2 
_reflns.number_obs                   11291 
_reflns.number_all                   ? 
_reflns.percent_possible_obs         99.4 
_reflns.pdbx_Rmerge_I_obs            0.054 
_reflns.pdbx_Rsym_value              ? 
_reflns.pdbx_netI_over_sigmaI        24.72 
_reflns.B_iso_Wilson_estimate        ? 
_reflns.pdbx_redundancy              ? 
_reflns.R_free_details               ? 
_reflns.limit_h_max                  ? 
_reflns.limit_h_min                  ? 
_reflns.limit_k_max                  ? 
_reflns.limit_k_min                  ? 
_reflns.limit_l_max                  ? 
_reflns.limit_l_min                  ? 
_reflns.observed_criterion_F_max     ? 
_reflns.observed_criterion_F_min     ? 
_reflns.pdbx_chi_squared             ? 
_reflns.pdbx_scaling_rejects         ? 
_reflns.pdbx_ordinal                 1 
_reflns.pdbx_diffrn_id               1 
# 
_reflns_shell.d_res_high             2.00 
_reflns_shell.d_res_low              2.07 
_reflns_shell.percent_possible_all   98.9 
_reflns_shell.Rmerge_I_obs           0.304 
_reflns_shell.pdbx_Rsym_value        ? 
_reflns_shell.meanI_over_sigI_obs    4.74 
_reflns_shell.pdbx_redundancy        ? 
_reflns_shell.percent_possible_obs   ? 
_reflns_shell.number_unique_all      ? 
_reflns_shell.number_measured_all    ? 
_reflns_shell.number_measured_obs    ? 
_reflns_shell.number_unique_obs      ? 
_reflns_shell.pdbx_chi_squared       ? 
_reflns_shell.pdbx_ordinal           1 
_reflns_shell.pdbx_diffrn_id         1 
# 
_refine.entry_id                                 3T1U 
_refine.pdbx_refine_id                           'X-RAY DIFFRACTION' 
_refine.ls_d_res_high                            2.0000 
_refine.ls_d_res_low                             33.207 
_refine.pdbx_ls_sigma_F                          0.000 
_refine.pdbx_data_cutoff_high_absF               ? 
_refine.pdbx_data_cutoff_low_absF                ? 
_refine.ls_percent_reflns_obs                    98.7 
_refine.ls_number_reflns_obs                     11174 
_refine.ls_number_reflns_all                     ? 
_refine.pdbx_ls_cross_valid_method               ? 
_refine.ls_matrix_type                           ? 
_refine.pdbx_R_Free_selection_details            ? 
_refine.details                                  ? 
_refine.ls_R_factor_all                          ? 
_refine.ls_R_factor_obs                          ? 
_refine.ls_R_factor_R_work                       0.2013 
_refine.ls_wR_factor_R_work                      ? 
_refine.ls_R_factor_R_free                       0.2381 
_refine.ls_wR_factor_R_free                      ? 
_refine.ls_percent_reflns_R_free                 10.2000 
_refine.ls_number_reflns_R_free                  1156 
_refine.ls_number_reflns_R_work                  10018 
_refine.ls_R_factor_R_free_error                 ? 
_refine.B_iso_mean                               25.4721 
_refine.solvent_model_param_bsol                 39.9094 
_refine.solvent_model_param_ksol                 ? 
_refine.pdbx_isotropic_thermal_model             ? 
_refine.aniso_B[1][1]                            -1.6650 
_refine.aniso_B[2][2]                            -1.6650 
_refine.aniso_B[3][3]                            3.3300 
_refine.aniso_B[1][2]                            0.0000 
_refine.aniso_B[1][3]                            0.0000 
_refine.aniso_B[2][3]                            0.0000 
_refine.correlation_coeff_Fo_to_Fc               ? 
_refine.correlation_coeff_Fo_to_Fc_free          ? 
_refine.overall_SU_R_Cruickshank_DPI             ? 
_refine.pdbx_overall_SU_R_free_Cruickshank_DPI   ? 
_refine.pdbx_overall_SU_R_Blow_DPI               ? 
_refine.pdbx_overall_SU_R_free_Blow_DPI          ? 
_refine.overall_SU_R_free                        ? 
_refine.pdbx_overall_ESU_R_Free                  ? 
_refine.overall_SU_ML                            ? 
_refine.overall_SU_B                             ? 
_refine.solvent_model_details                    ? 
_refine.pdbx_solvent_vdw_probe_radii             ? 
_refine.pdbx_solvent_ion_probe_radii             ? 
_refine.pdbx_solvent_shrinkage_radii             ? 
_refine.ls_number_parameters                     ? 
_refine.ls_number_restraints                     ? 
_refine.pdbx_starting_model                      'PDB ENTRY 1LOP' 
_refine.pdbx_method_to_determine_struct          'MOLECULAR REPLACEMENT' 
_refine.pdbx_stereochemistry_target_values       ? 
_refine.pdbx_stereochem_target_val_spec_case     ? 
_refine.overall_FOM_work_R_set                   ? 
_refine.B_iso_max                                48.520 
_refine.B_iso_min                                10.590 
_refine.pdbx_overall_phase_error                 ? 
_refine.occupancy_max                            1.000 
_refine.occupancy_min                            1.000 
_refine.pdbx_ls_sigma_I                          ? 
_refine.ls_redundancy_reflns_obs                 ? 
_refine.ls_R_factor_R_free_error_details         ? 
_refine.pdbx_data_cutoff_high_rms_absF           ? 
_refine.overall_FOM_free_R_set                   ? 
_refine.pdbx_diffrn_id                           1 
_refine.pdbx_overall_ESU_R                       ? 
_refine.pdbx_TLS_residual_ADP_flag               ? 
# 
_refine_hist.pdbx_refine_id                   'X-RAY DIFFRACTION' 
_refine_hist.cycle_id                         LAST 
_refine_hist.pdbx_number_atoms_protein        1296 
_refine_hist.pdbx_number_atoms_nucleic_acid   0 
_refine_hist.pdbx_number_atoms_ligand         0 
_refine_hist.number_atoms_solvent             118 
_refine_hist.number_atoms_total               1414 
_refine_hist.d_res_high                       2.0000 
_refine_hist.d_res_low                        33.207 
# 
loop_
_refine_ls_restr.pdbx_refine_id 
_refine_ls_restr.type 
_refine_ls_restr.number 
_refine_ls_restr.dev_ideal 
_refine_ls_restr.dev_ideal_target 
_refine_ls_restr.weight 
_refine_ls_restr.pdbx_restraint_function 
'X-RAY DIFFRACTION' c_mcbond_it  ? 1.313 1.500 ? ? 
'X-RAY DIFFRACTION' c_scbond_it  ? 1.976 2.000 ? ? 
'X-RAY DIFFRACTION' c_mcangle_it ? 1.921 2.000 ? ? 
'X-RAY DIFFRACTION' c_scangle_it ? 2.794 2.500 ? ? 
# 
_struct.entry_id                  3T1U 
_struct.title                     
'Crystal Structure of the complex of Cyclophilin-A enzyme from Azotobacter vinelandii with sucAFPFpNA peptide' 
_struct.pdbx_model_details        ? 
_struct.pdbx_CASP_flag            ? 
_struct.pdbx_model_type_details   ? 
# 
_struct_keywords.entry_id        3T1U 
_struct_keywords.pdbx_keywords   ISOMERASE 
_struct_keywords.text            'peptidyl-prolyl isomerase, PPIase, ISOMERASE' 
# 
loop_
_struct_asym.id 
_struct_asym.pdbx_blank_PDB_chainid_flag 
_struct_asym.pdbx_modified 
_struct_asym.entity_id 
_struct_asym.details 
A N N 1 ? 
B N N 2 ? 
C N N 3 ? 
D N N 3 ? 
# 
_struct_biol.id        1 
_struct_biol.details   ? 
# 
loop_
_struct_conf.conf_type_id 
_struct_conf.id 
_struct_conf.pdbx_PDB_helix_id 
_struct_conf.beg_label_comp_id 
_struct_conf.beg_label_asym_id 
_struct_conf.beg_label_seq_id 
_struct_conf.pdbx_beg_PDB_ins_code 
_struct_conf.end_label_comp_id 
_struct_conf.end_label_asym_id 
_struct_conf.end_label_seq_id 
_struct_conf.pdbx_end_PDB_ins_code 
_struct_conf.beg_auth_comp_id 
_struct_conf.beg_auth_asym_id 
_struct_conf.beg_auth_seq_id 
_struct_conf.end_auth_comp_id 
_struct_conf.end_auth_asym_id 
_struct_conf.end_auth_seq_id 
_struct_conf.pdbx_PDB_helix_class 
_struct_conf.details 
_struct_conf.pdbx_PDB_helix_length 
HELX_P HELX_P1 1 ALA A 20  ? ASP A 33  ? ALA A 20  ASP A 33  1 ? 14 
HELX_P HELX_P2 2 ASN A 105 ? ASP A 109 ? ASN A 105 ASP A 109 5 ? 5  
HELX_P HELX_P3 3 GLY A 129 ? LYS A 137 ? GLY A 129 LYS A 137 1 ? 9  
# 
_struct_conf_type.id          HELX_P 
_struct_conf_type.criteria    ? 
_struct_conf_type.reference   ? 
# 
loop_
_struct_conn.id 
_struct_conn.conn_type_id 
_struct_conn.pdbx_leaving_atom_flag 
_struct_conn.pdbx_PDB_id 
_struct_conn.ptnr1_label_asym_id 
_struct_conn.ptnr1_label_comp_id 
_struct_conn.ptnr1_label_seq_id 
_struct_conn.ptnr1_label_atom_id 
_struct_conn.pdbx_ptnr1_label_alt_id 
_struct_conn.pdbx_ptnr1_PDB_ins_code 
_struct_conn.pdbx_ptnr1_standard_comp_id 
_struct_conn.ptnr1_symmetry 
_struct_conn.ptnr2_label_asym_id 
_struct_conn.ptnr2_label_comp_id 
_struct_conn.ptnr2_label_seq_id 
_struct_conn.ptnr2_label_atom_id 
_struct_conn.pdbx_ptnr2_label_alt_id 
_struct_conn.pdbx_ptnr2_PDB_ins_code 
_struct_conn.ptnr1_auth_asym_id 
_struct_conn.ptnr1_auth_comp_id 
_struct_conn.ptnr1_auth_seq_id 
_struct_conn.ptnr2_auth_asym_id 
_struct_conn.ptnr2_auth_comp_id 
_struct_conn.ptnr2_auth_seq_id 
_struct_conn.ptnr2_symmetry 
_struct_conn.pdbx_ptnr3_label_atom_id 
_struct_conn.pdbx_ptnr3_label_seq_id 
_struct_conn.pdbx_ptnr3_label_comp_id 
_struct_conn.pdbx_ptnr3_label_asym_id 
_struct_conn.pdbx_ptnr3_label_alt_id 
_struct_conn.pdbx_ptnr3_PDB_ins_code 
_struct_conn.details 
_struct_conn.pdbx_dist_value 
_struct_conn.pdbx_value_order 
_struct_conn.pdbx_role 
covale1 covale both ? B SIN 1 C4 ? ? ? 1_555 B ALA 2 N  ? ? B SIN 0 B ALA 1 1_555 ? ? ? ? ? ? ? 1.330 ? ? 
covale2 covale both ? B PHE 5 C  ? ? ? 1_555 B NIT 6 N1 ? ? B PHE 4 B NIT 5 1_555 ? ? ? ? ? ? ? 1.331 ? ? 
# 
_struct_conn_type.id          covale 
_struct_conn_type.criteria    ? 
_struct_conn_type.reference   ? 
# 
_struct_mon_prot_cis.pdbx_id                1 
_struct_mon_prot_cis.label_comp_id          PHE 
_struct_mon_prot_cis.label_seq_id           3 
_struct_mon_prot_cis.label_asym_id          B 
_struct_mon_prot_cis.label_alt_id           . 
_struct_mon_prot_cis.pdbx_PDB_ins_code      ? 
_struct_mon_prot_cis.auth_comp_id           PHE 
_struct_mon_prot_cis.auth_seq_id            2 
_struct_mon_prot_cis.auth_asym_id           B 
_struct_mon_prot_cis.pdbx_label_comp_id_2   PRO 
_struct_mon_prot_cis.pdbx_label_seq_id_2    4 
_struct_mon_prot_cis.pdbx_label_asym_id_2   B 
_struct_mon_prot_cis.pdbx_PDB_ins_code_2    ? 
_struct_mon_prot_cis.pdbx_auth_comp_id_2    PRO 
_struct_mon_prot_cis.pdbx_auth_seq_id_2     3 
_struct_mon_prot_cis.pdbx_auth_asym_id_2    B 
_struct_mon_prot_cis.pdbx_PDB_model_num     1 
_struct_mon_prot_cis.pdbx_omega_angle       2.32 
# 
loop_
_struct_sheet.id 
_struct_sheet.type 
_struct_sheet.number_strands 
_struct_sheet.details 
A ? 9 ? 
B ? 2 ? 
C ? 2 ? 
# 
loop_
_struct_sheet_order.sheet_id 
_struct_sheet_order.range_id_1 
_struct_sheet_order.range_id_2 
_struct_sheet_order.offset 
_struct_sheet_order.sense 
A 1 2 ? anti-parallel 
A 2 3 ? anti-parallel 
A 3 4 ? anti-parallel 
A 4 5 ? anti-parallel 
A 5 6 ? anti-parallel 
A 6 7 ? anti-parallel 
A 7 8 ? anti-parallel 
A 8 9 ? anti-parallel 
B 1 2 ? anti-parallel 
C 1 2 ? anti-parallel 
# 
loop_
_struct_sheet_range.sheet_id 
_struct_sheet_range.id 
_struct_sheet_range.beg_label_comp_id 
_struct_sheet_range.beg_label_asym_id 
_struct_sheet_range.beg_label_seq_id 
_struct_sheet_range.pdbx_beg_PDB_ins_code 
_struct_sheet_range.end_label_comp_id 
_struct_sheet_range.end_label_asym_id 
_struct_sheet_range.end_label_seq_id 
_struct_sheet_range.pdbx_end_PDB_ins_code 
_struct_sheet_range.beg_auth_comp_id 
_struct_sheet_range.beg_auth_asym_id 
_struct_sheet_range.beg_auth_seq_id 
_struct_sheet_range.end_auth_comp_id 
_struct_sheet_range.end_auth_asym_id 
_struct_sheet_range.end_auth_seq_id 
A 1 THR A 39  ? ILE A 40  ? THR A 39  ILE A 40  
A 2 ILE A 156 ? ILE A 162 ? ILE A 156 ILE A 162 
A 3 ILE A 2   ? THR A 6   ? ILE A 2   THR A 6   
A 4 GLY A 9   ? LEU A 15  ? GLY A 9   LEU A 15  
A 5 VAL A 122 ? GLU A 128 ? VAL A 122 GLU A 128 
A 6 THR A 82  ? MET A 85  ? THR A 82  MET A 85  
A 7 PHE A 98  ? ASN A 101 ? PHE A 98  ASN A 101 
A 8 MET A 49  ? GLY A 52  ? MET A 49  GLY A 52  
A 9 ARG A 43  ? ILE A 45  ? ARG A 43  ILE A 45  
B 1 PHE A 55  ? GLU A 56  ? PHE A 55  GLU A 56  
B 2 LYS A 60  ? GLN A 61  ? LYS A 60  GLN A 61  
C 1 THR A 141 ? ARG A 144 ? THR A 141 ARG A 144 
C 2 HIS A 147 ? PRO A 151 ? HIS A 147 PRO A 151 
# 
loop_
_pdbx_struct_sheet_hbond.sheet_id 
_pdbx_struct_sheet_hbond.range_id_1 
_pdbx_struct_sheet_hbond.range_id_2 
_pdbx_struct_sheet_hbond.range_1_label_atom_id 
_pdbx_struct_sheet_hbond.range_1_label_comp_id 
_pdbx_struct_sheet_hbond.range_1_label_asym_id 
_pdbx_struct_sheet_hbond.range_1_label_seq_id 
_pdbx_struct_sheet_hbond.range_1_PDB_ins_code 
_pdbx_struct_sheet_hbond.range_1_auth_atom_id 
_pdbx_struct_sheet_hbond.range_1_auth_comp_id 
_pdbx_struct_sheet_hbond.range_1_auth_asym_id 
_pdbx_struct_sheet_hbond.range_1_auth_seq_id 
_pdbx_struct_sheet_hbond.range_2_label_atom_id 
_pdbx_struct_sheet_hbond.range_2_label_comp_id 
_pdbx_struct_sheet_hbond.range_2_label_asym_id 
_pdbx_struct_sheet_hbond.range_2_label_seq_id 
_pdbx_struct_sheet_hbond.range_2_PDB_ins_code 
_pdbx_struct_sheet_hbond.range_2_auth_atom_id 
_pdbx_struct_sheet_hbond.range_2_auth_comp_id 
_pdbx_struct_sheet_hbond.range_2_auth_asym_id 
_pdbx_struct_sheet_hbond.range_2_auth_seq_id 
A 1 2 N THR A 39  ? N THR A 39  O ILE A 157 ? O ILE A 157 
A 2 3 O LYS A 159 ? O LYS A 159 N GLN A 5   ? N GLN A 5   
A 3 4 N ILE A 2   ? N ILE A 2   O LEU A 13  ? O LEU A 13  
A 4 5 N THR A 12  ? N THR A 12  O VAL A 127 ? O VAL A 127 
A 5 6 O PHE A 123 ? O PHE A 123 N ILE A 83  ? N ILE A 83  
A 6 7 N ALA A 84  ? N ALA A 84  O PHE A 99  ? O PHE A 99  
A 7 8 O ILE A 100 ? O ILE A 100 N ILE A 50  ? N ILE A 50  
A 8 9 O GLN A 51  ? O GLN A 51  N ARG A 43  ? N ARG A 43  
B 1 2 N GLU A 56  ? N GLU A 56  O LYS A 60  ? O LYS A 60  
C 1 2 N ARG A 144 ? N ARG A 144 O HIS A 147 ? O HIS A 147 
# 
_atom_sites.entry_id                    3T1U 
_atom_sites.fract_transf_matrix[1][1]   0.01264948 
_atom_sites.fract_transf_matrix[1][2]   -0.00777574 
_atom_sites.fract_transf_matrix[1][3]   0.00250438 
_atom_sites.fract_transf_matrix[2][1]   0.00517070 
_atom_sites.fract_transf_matrix[2][2]   0.00404719 
_atom_sites.fract_transf_matrix[2][3]   -0.01355092 
_atom_sites.fract_transf_matrix[3][1]   0.00587163 
_atom_sites.fract_transf_matrix[3][2]   0.01136692 
_atom_sites.fract_transf_matrix[3][3]   0.00563538 
_atom_sites.fract_transf_vector[1]      0.263648 
_atom_sites.fract_transf_vector[2]      0.366535 
_atom_sites.fract_transf_vector[3]      0.207287 
# 
loop_
_atom_type.symbol 
C 
N 
O 
S 
# 
loop_
_atom_site.group_PDB 
_atom_site.id 
_atom_site.type_symbol 
_atom_site.label_atom_id 
_atom_site.label_alt_id 
_atom_site.label_comp_id 
_atom_site.label_asym_id 
_atom_site.label_entity_id 
_atom_site.label_seq_id 
_atom_site.pdbx_PDB_ins_code 
_atom_site.Cartn_x 
_atom_site.Cartn_y 
_atom_site.Cartn_z 
_atom_site.occupancy 
_atom_site.B_iso_or_equiv 
_atom_site.pdbx_formal_charge 
_atom_site.auth_seq_id 
_atom_site.auth_comp_id 
_atom_site.auth_asym_id 
_atom_site.auth_atom_id 
_atom_site.pdbx_PDB_model_num 
ATOM   1    N N   . SER A 1 1   ? 1.884   9.712   11.909  1.00 29.56 ? 1   SER A N   1 
ATOM   2    C CA  . SER A 1 1   ? 2.705   10.875  11.462  1.00 30.99 ? 1   SER A CA  1 
ATOM   3    C C   . SER A 1 1   ? 2.483   11.172  9.984   1.00 30.44 ? 1   SER A C   1 
ATOM   4    O O   . SER A 1 1   ? 2.959   12.184  9.470   1.00 32.31 ? 1   SER A O   1 
ATOM   5    C CB  . SER A 1 1   ? 4.196   10.611  11.708  1.00 33.10 ? 1   SER A CB  1 
ATOM   6    O OG  . SER A 1 1   ? 4.696   9.598   10.844  1.00 36.12 ? 1   SER A OG  1 
ATOM   7    N N   . ILE A 1 2   ? 1.770   10.286  9.296   1.00 29.17 ? 2   ILE A N   1 
ATOM   8    C CA  . ILE A 1 2   ? 1.489   10.495  7.883   1.00 27.94 ? 2   ILE A CA  1 
ATOM   9    C C   . ILE A 1 2   ? -0.010  10.554  7.650   1.00 28.52 ? 2   ILE A C   1 
ATOM   10   O O   . ILE A 1 2   ? -0.770  9.702   8.114   1.00 28.70 ? 2   ILE A O   1 
ATOM   11   C CB  . ILE A 1 2   ? 2.129   9.399   7.001   1.00 29.46 ? 2   ILE A CB  1 
ATOM   12   C CG1 . ILE A 1 2   ? 3.650   9.579   7.001   1.00 27.41 ? 2   ILE A CG1 1 
ATOM   13   C CG2 . ILE A 1 2   ? 1.583   9.476   5.576   1.00 24.04 ? 2   ILE A CG2 1 
ATOM   14   C CD1 . ILE A 1 2   ? 4.382   8.626   6.093   1.00 33.42 ? 2   ILE A CD1 1 
ATOM   15   N N   . LYS A 1 3   ? -0.428  11.578  6.926   1.00 27.89 ? 3   LYS A N   1 
ATOM   16   C CA  . LYS A 1 3   ? -1.833  11.789  6.656   1.00 28.58 ? 3   LYS A CA  1 
ATOM   17   C C   . LYS A 1 3   ? -2.157  11.652  5.172   1.00 26.46 ? 3   LYS A C   1 
ATOM   18   O O   . LYS A 1 3   ? -1.582  12.346  4.331   1.00 26.65 ? 3   LYS A O   1 
ATOM   19   C CB  . LYS A 1 3   ? -2.217  13.176  7.178   1.00 31.83 ? 3   LYS A CB  1 
ATOM   20   C CG  . LYS A 1 3   ? -3.662  13.575  6.990   1.00 38.29 ? 3   LYS A CG  1 
ATOM   21   C CD  . LYS A 1 3   ? -3.985  14.834  7.799   1.00 41.60 ? 3   LYS A CD  1 
ATOM   22   C CE  . LYS A 1 3   ? -3.063  15.997  7.439   1.00 44.44 ? 3   LYS A CE  1 
ATOM   23   N NZ  . LYS A 1 3   ? -3.329  17.201  8.285   1.00 46.56 ? 3   LYS A NZ  1 
ATOM   24   N N   . LEU A 1 4   ? -3.064  10.731  4.860   1.00 23.54 ? 4   LEU A N   1 
ATOM   25   C CA  . LEU A 1 4   ? -3.497  10.504  3.490   1.00 22.65 ? 4   LEU A CA  1 
ATOM   26   C C   . LEU A 1 4   ? -4.923  11.042  3.360   1.00 22.65 ? 4   LEU A C   1 
ATOM   27   O O   . LEU A 1 4   ? -5.882  10.412  3.812   1.00 20.75 ? 4   LEU A O   1 
ATOM   28   C CB  . LEU A 1 4   ? -3.487  9.009   3.158   1.00 21.59 ? 4   LEU A CB  1 
ATOM   29   C CG  . LEU A 1 4   ? -2.183  8.228   3.317   1.00 21.20 ? 4   LEU A CG  1 
ATOM   30   C CD1 . LEU A 1 4   ? -2.418  6.788   2.893   1.00 18.81 ? 4   LEU A CD1 1 
ATOM   31   C CD2 . LEU A 1 4   ? -1.078  8.863   2.475   1.00 19.16 ? 4   LEU A CD2 1 
ATOM   32   N N   . GLN A 1 5   ? -5.046  12.222  2.762   1.00 22.76 ? 5   GLN A N   1 
ATOM   33   C CA  . GLN A 1 5   ? -6.337  12.864  2.551   1.00 22.94 ? 5   GLN A CA  1 
ATOM   34   C C   . GLN A 1 5   ? -6.929  12.324  1.254   1.00 21.38 ? 5   GLN A C   1 
ATOM   35   O O   . GLN A 1 5   ? -6.451  12.650  0.168   1.00 21.24 ? 5   GLN A O   1 
ATOM   36   C CB  . GLN A 1 5   ? -6.142  14.378  2.451   1.00 25.66 ? 5   GLN A CB  1 
ATOM   37   C CG  . GLN A 1 5   ? -7.377  15.155  2.046   1.00 30.74 ? 5   GLN A CG  1 
ATOM   38   C CD  . GLN A 1 5   ? -7.066  16.614  1.749   1.00 33.83 ? 5   GLN A CD  1 
ATOM   39   O OE1 . GLN A 1 5   ? -7.650  17.211  0.844   1.00 35.96 ? 5   GLN A OE1 1 
ATOM   40   N NE2 . GLN A 1 5   ? -6.146  17.194  2.514   1.00 33.38 ? 5   GLN A NE2 1 
ATOM   41   N N   . THR A 1 6   ? -7.960  11.493  1.372   1.00 20.82 ? 6   THR A N   1 
ATOM   42   C CA  . THR A 1 6   ? -8.606  10.889  0.209   1.00 19.95 ? 6   THR A CA  1 
ATOM   43   C C   . THR A 1 6   ? -10.031 11.414  0.043   1.00 22.26 ? 6   THR A C   1 
ATOM   44   O O   . THR A 1 6   ? -10.598 11.989  0.974   1.00 20.33 ? 6   THR A O   1 
ATOM   45   C CB  . THR A 1 6   ? -8.702  9.359   0.350   1.00 21.81 ? 6   THR A CB  1 
ATOM   46   O OG1 . THR A 1 6   ? -9.890  9.017   1.083   1.00 19.00 ? 6   THR A OG1 1 
ATOM   47   C CG2 . THR A 1 6   ? -7.476  8.809   1.091   1.00 20.90 ? 6   THR A CG2 1 
ATOM   48   N N   . ASN A 1 7   ? -10.622 11.193  -1.129  1.00 20.16 ? 7   ASN A N   1 
ATOM   49   C CA  . ASN A 1 7   ? -11.987 11.651  -1.350  1.00 21.92 ? 7   ASN A CA  1 
ATOM   50   C C   . ASN A 1 7   ? -13.022 10.787  -0.621  1.00 21.90 ? 7   ASN A C   1 
ATOM   51   O O   . ASN A 1 7   ? -14.219 10.883  -0.884  1.00 22.98 ? 7   ASN A O   1 
ATOM   52   C CB  . ASN A 1 7   ? -12.292 11.744  -2.854  1.00 22.47 ? 7   ASN A CB  1 
ATOM   53   C CG  . ASN A 1 7   ? -12.084 10.432  -3.587  1.00 24.59 ? 7   ASN A CG  1 
ATOM   54   O OD1 . ASN A 1 7   ? -11.432 9.516   -3.086  1.00 23.84 ? 7   ASN A OD1 1 
ATOM   55   N ND2 . ASN A 1 7   ? -12.628 10.345  -4.797  1.00 24.70 ? 7   ASN A ND2 1 
ATOM   56   N N   . HIS A 1 8   ? -12.553 9.946   0.301   1.00 20.00 ? 8   HIS A N   1 
ATOM   57   C CA  . HIS A 1 8   ? -13.431 9.098   1.111   1.00 16.58 ? 8   HIS A CA  1 
ATOM   58   C C   . HIS A 1 8   ? -13.164 9.378   2.587   1.00 17.86 ? 8   HIS A C   1 
ATOM   59   O O   . HIS A 1 8   ? -13.747 8.744   3.466   1.00 18.28 ? 8   HIS A O   1 
ATOM   60   C CB  . HIS A 1 8   ? -13.189 7.610   0.830   1.00 19.47 ? 8   HIS A CB  1 
ATOM   61   C CG  . HIS A 1 8   ? -13.892 7.103   -0.391  1.00 19.84 ? 8   HIS A CG  1 
ATOM   62   N ND1 . HIS A 1 8   ? -15.008 6.297   -0.325  1.00 22.12 ? 8   HIS A ND1 1 
ATOM   63   C CD2 . HIS A 1 8   ? -13.662 7.322   -1.708  1.00 19.96 ? 8   HIS A CD2 1 
ATOM   64   C CE1 . HIS A 1 8   ? -15.439 6.044   -1.548  1.00 20.03 ? 8   HIS A CE1 1 
ATOM   65   N NE2 . HIS A 1 8   ? -14.639 6.654   -2.406  1.00 21.79 ? 8   HIS A NE2 1 
ATOM   66   N N   . GLY A 1 9   ? -12.280 10.332  2.854   1.00 18.03 ? 9   GLY A N   1 
ATOM   67   C CA  . GLY A 1 9   ? -11.944 10.660  4.229   1.00 17.18 ? 9   GLY A CA  1 
ATOM   68   C C   . GLY A 1 9   ? -10.440 10.595  4.430   1.00 20.60 ? 9   GLY A C   1 
ATOM   69   O O   . GLY A 1 9   ? -9.695  10.209  3.523   1.00 17.81 ? 9   GLY A O   1 
ATOM   70   N N   . THR A 1 10  ? -9.981  10.957  5.620   1.00 18.98 ? 10  THR A N   1 
ATOM   71   C CA  . THR A 1 10  ? -8.550  10.938  5.875   1.00 19.72 ? 10  THR A CA  1 
ATOM   72   C C   . THR A 1 10  ? -8.054  9.736   6.664   1.00 18.21 ? 10  THR A C   1 
ATOM   73   O O   . THR A 1 10  ? -8.624  9.362   7.682   1.00 18.14 ? 10  THR A O   1 
ATOM   74   C CB  . THR A 1 10  ? -8.118  12.232  6.576   1.00 19.98 ? 10  THR A CB  1 
ATOM   75   O OG1 . THR A 1 10  ? -8.245  13.315  5.654   1.00 19.49 ? 10  THR A OG1 1 
ATOM   76   C CG2 . THR A 1 10  ? -6.665  12.141  7.046   1.00 19.54 ? 10  THR A CG2 1 
ATOM   77   N N   . ILE A 1 11  ? -6.989  9.125   6.158   1.00 20.04 ? 11  ILE A N   1 
ATOM   78   C CA  . ILE A 1 11  ? -6.369  7.972   6.804   1.00 19.23 ? 11  ILE A CA  1 
ATOM   79   C C   . ILE A 1 11  ? -5.045  8.431   7.395   1.00 20.13 ? 11  ILE A C   1 
ATOM   80   O O   . ILE A 1 11  ? -4.210  8.997   6.690   1.00 19.56 ? 11  ILE A O   1 
ATOM   81   C CB  . ILE A 1 11  ? -6.077  6.847   5.796   1.00 20.19 ? 11  ILE A CB  1 
ATOM   82   C CG1 . ILE A 1 11  ? -7.383  6.349   5.169   1.00 20.40 ? 11  ILE A CG1 1 
ATOM   83   C CG2 . ILE A 1 11  ? -5.370  5.694   6.504   1.00 20.31 ? 11  ILE A CG2 1 
ATOM   84   C CD1 . ILE A 1 11  ? -7.181  5.475   3.949   1.00 16.42 ? 11  ILE A CD1 1 
ATOM   85   N N   . THR A 1 12  ? -4.856  8.189   8.689   1.00 19.71 ? 12  THR A N   1 
ATOM   86   C CA  . THR A 1 12  ? -3.625  8.586   9.366   1.00 20.75 ? 12  THR A CA  1 
ATOM   87   C C   . THR A 1 12  ? -2.774  7.353   9.647   1.00 19.72 ? 12  THR A C   1 
ATOM   88   O O   . THR A 1 12  ? -3.243  6.385   10.242  1.00 19.03 ? 12  THR A O   1 
ATOM   89   C CB  . THR A 1 12  ? -3.932  9.297   10.692  1.00 22.64 ? 12  THR A CB  1 
ATOM   90   O OG1 . THR A 1 12  ? -4.805  10.404  10.441  1.00 24.25 ? 12  THR A OG1 1 
ATOM   91   C CG2 . THR A 1 12  ? -2.653  9.810   11.336  1.00 25.30 ? 12  THR A CG2 1 
ATOM   92   N N   . LEU A 1 13  ? -1.517  7.399   9.226   1.00 20.11 ? 13  LEU A N   1 
ATOM   93   C CA  . LEU A 1 13  ? -0.625  6.265   9.404   1.00 22.06 ? 13  LEU A CA  1 
ATOM   94   C C   . LEU A 1 13  ? 0.513   6.511   10.375  1.00 23.12 ? 13  LEU A C   1 
ATOM   95   O O   . LEU A 1 13  ? 1.075   7.602   10.419  1.00 23.36 ? 13  LEU A O   1 
ATOM   96   C CB  . LEU A 1 13  ? -0.013  5.872   8.060   1.00 21.98 ? 13  LEU A CB  1 
ATOM   97   C CG  . LEU A 1 13  ? -0.927  5.497   6.892   1.00 22.58 ? 13  LEU A CG  1 
ATOM   98   C CD1 . LEU A 1 13  ? -0.115  5.535   5.608   1.00 25.70 ? 13  LEU A CD1 1 
ATOM   99   C CD2 . LEU A 1 13  ? -1.532  4.119   7.114   1.00 22.64 ? 13  LEU A CD2 1 
ATOM   100  N N   . LYS A 1 14  ? 0.841   5.484   11.150  1.00 22.99 ? 14  LYS A N   1 
ATOM   101  C CA  . LYS A 1 14  ? 1.971   5.546   12.066  1.00 24.83 ? 14  LYS A CA  1 
ATOM   102  C C   . LYS A 1 14  ? 2.966   4.550   11.468  1.00 25.23 ? 14  LYS A C   1 
ATOM   103  O O   . LYS A 1 14  ? 2.622   3.392   11.216  1.00 23.89 ? 14  LYS A O   1 
ATOM   104  C CB  . LYS A 1 14  ? 1.573   5.128   13.486  1.00 28.12 ? 14  LYS A CB  1 
ATOM   105  C CG  . LYS A 1 14  ? 1.003   3.721   13.638  1.00 33.42 ? 14  LYS A CG  1 
ATOM   106  C CD  . LYS A 1 14  ? 0.583   3.476   15.098  1.00 36.50 ? 14  LYS A CD  1 
ATOM   107  C CE  . LYS A 1 14  ? -0.167  2.156   15.288  1.00 37.62 ? 14  LYS A CE  1 
ATOM   108  N NZ  . LYS A 1 14  ? 0.691   0.953   15.080  1.00 37.67 ? 14  LYS A NZ  1 
ATOM   109  N N   . LEU A 1 15  ? 4.186   4.999   11.203  1.00 23.39 ? 15  LEU A N   1 
ATOM   110  C CA  . LEU A 1 15  ? 5.168   4.104   10.613  1.00 24.91 ? 15  LEU A CA  1 
ATOM   111  C C   . LEU A 1 15  ? 6.059   3.479   11.676  1.00 25.67 ? 15  LEU A C   1 
ATOM   112  O O   . LEU A 1 15  ? 6.180   4.000   12.783  1.00 23.99 ? 15  LEU A O   1 
ATOM   113  C CB  . LEU A 1 15  ? 6.021   4.851   9.586   1.00 25.31 ? 15  LEU A CB  1 
ATOM   114  C CG  . LEU A 1 15  ? 5.272   5.626   8.499   1.00 25.18 ? 15  LEU A CG  1 
ATOM   115  C CD1 . LEU A 1 15  ? 6.277   6.124   7.484   1.00 26.14 ? 15  LEU A CD1 1 
ATOM   116  C CD2 . LEU A 1 15  ? 4.238   4.739   7.826   1.00 24.56 ? 15  LEU A CD2 1 
ATOM   117  N N   . PHE A 1 16  ? 6.660   2.343   11.338  1.00 25.74 ? 16  PHE A N   1 
ATOM   118  C CA  . PHE A 1 16  ? 7.549   1.653   12.263  1.00 26.54 ? 16  PHE A CA  1 
ATOM   119  C C   . PHE A 1 16  ? 8.967   1.855   11.746  1.00 26.93 ? 16  PHE A C   1 
ATOM   120  O O   . PHE A 1 16  ? 9.565   0.953   11.160  1.00 26.85 ? 16  PHE A O   1 
ATOM   121  C CB  . PHE A 1 16  ? 7.207   0.162   12.319  1.00 26.51 ? 16  PHE A CB  1 
ATOM   122  C CG  . PHE A 1 16  ? 5.745   -0.121  12.556  1.00 28.83 ? 16  PHE A CG  1 
ATOM   123  C CD1 . PHE A 1 16  ? 5.021   0.599   13.507  1.00 28.65 ? 16  PHE A CD1 1 
ATOM   124  C CD2 . PHE A 1 16  ? 5.101   -1.137  11.855  1.00 27.20 ? 16  PHE A CD2 1 
ATOM   125  C CE1 . PHE A 1 16  ? 3.676   0.307   13.755  1.00 28.97 ? 16  PHE A CE1 1 
ATOM   126  C CE2 . PHE A 1 16  ? 3.760   -1.439  12.094  1.00 26.77 ? 16  PHE A CE2 1 
ATOM   127  C CZ  . PHE A 1 16  ? 3.045   -0.718  13.045  1.00 28.67 ? 16  PHE A CZ  1 
ATOM   128  N N   . ALA A 1 17  ? 9.485   3.059   11.959  1.00 27.07 ? 17  ALA A N   1 
ATOM   129  C CA  . ALA A 1 17  ? 10.816  3.433   11.503  1.00 29.40 ? 17  ALA A CA  1 
ATOM   130  C C   . ALA A 1 17  ? 11.940  2.487   11.929  1.00 28.54 ? 17  ALA A C   1 
ATOM   131  O O   . ALA A 1 17  ? 12.886  2.278   11.170  1.00 30.39 ? 17  ALA A O   1 
ATOM   132  C CB  . ALA A 1 17  ? 11.129  4.853   11.961  1.00 27.02 ? 17  ALA A CB  1 
ATOM   133  N N   . ASP A 1 18  ? 11.845  1.910   13.123  1.00 28.91 ? 18  ASP A N   1 
ATOM   134  C CA  . ASP A 1 18  ? 12.901  1.010   13.596  1.00 29.71 ? 18  ASP A CA  1 
ATOM   135  C C   . ASP A 1 18  ? 12.771  -0.429  13.091  1.00 30.21 ? 18  ASP A C   1 
ATOM   136  O O   . ASP A 1 18  ? 13.774  -1.065  12.759  1.00 30.21 ? 18  ASP A O   1 
ATOM   137  C CB  . ASP A 1 18  ? 12.962  0.992   15.128  1.00 29.16 ? 18  ASP A CB  1 
ATOM   138  C CG  . ASP A 1 18  ? 13.213  2.372   15.725  1.00 30.87 ? 18  ASP A CG  1 
ATOM   139  O OD1 . ASP A 1 18  ? 14.005  3.147   15.146  1.00 28.11 ? 18  ASP A OD1 1 
ATOM   140  O OD2 . ASP A 1 18  ? 12.625  2.672   16.789  1.00 31.55 ? 18  ASP A OD2 1 
ATOM   141  N N   . LYS A 1 19  ? 11.543  -0.937  13.028  1.00 28.26 ? 19  LYS A N   1 
ATOM   142  C CA  . LYS A 1 19  ? 11.303  -2.305  12.579  1.00 27.55 ? 19  LYS A CA  1 
ATOM   143  C C   . LYS A 1 19  ? 11.368  -2.501  11.069  1.00 27.57 ? 19  LYS A C   1 
ATOM   144  O O   . LYS A 1 19  ? 11.507  -3.628  10.592  1.00 26.43 ? 19  LYS A O   1 
ATOM   145  C CB  . LYS A 1 19  ? 9.953   -2.785  13.102  1.00 29.57 ? 19  LYS A CB  1 
ATOM   146  C CG  . LYS A 1 19  ? 9.914   -2.873  14.611  1.00 30.14 ? 19  LYS A CG  1 
ATOM   147  C CD  . LYS A 1 19  ? 8.610   -3.456  15.097  1.00 31.76 ? 19  LYS A CD  1 
ATOM   148  C CE  . LYS A 1 19  ? 8.693   -3.781  16.573  1.00 35.91 ? 19  LYS A CE  1 
ATOM   149  N NZ  . LYS A 1 19  ? 9.787   -4.762  16.846  1.00 35.81 ? 19  LYS A NZ  1 
ATOM   150  N N   . ALA A 1 20  ? 11.265  -1.405  10.322  1.00 26.34 ? 20  ALA A N   1 
ATOM   151  C CA  . ALA A 1 20  ? 11.322  -1.446  8.865   1.00 25.85 ? 20  ALA A CA  1 
ATOM   152  C C   . ALA A 1 20  ? 11.913  -0.120  8.400   1.00 25.55 ? 20  ALA A C   1 
ATOM   153  O O   . ALA A 1 20  ? 11.289  0.614   7.633   1.00 24.14 ? 20  ALA A O   1 
ATOM   154  C CB  . ALA A 1 20  ? 9.915   -1.631  8.292   1.00 26.99 ? 20  ALA A CB  1 
ATOM   155  N N   . PRO A 1 21  ? 13.141  0.193   8.850   1.00 26.81 ? 21  PRO A N   1 
ATOM   156  C CA  . PRO A 1 21  ? 13.881  1.424   8.536   1.00 25.57 ? 21  PRO A CA  1 
ATOM   157  C C   . PRO A 1 21  ? 13.979  1.860   7.078   1.00 25.83 ? 21  PRO A C   1 
ATOM   158  O O   . PRO A 1 21  ? 13.649  2.997   6.743   1.00 25.24 ? 21  PRO A O   1 
ATOM   159  C CB  . PRO A 1 21  ? 15.255  1.166   9.159   1.00 25.47 ? 21  PRO A CB  1 
ATOM   160  C CG  . PRO A 1 21  ? 15.394  -0.322  9.067   1.00 25.68 ? 21  PRO A CG  1 
ATOM   161  C CD  . PRO A 1 21  ? 14.028  -0.783  9.514   1.00 25.60 ? 21  PRO A CD  1 
ATOM   162  N N   . GLU A 1 22  ? 14.438  0.971   6.207   1.00 26.39 ? 22  GLU A N   1 
ATOM   163  C CA  . GLU A 1 22  ? 14.575  1.326   4.804   1.00 26.07 ? 22  GLU A CA  1 
ATOM   164  C C   . GLU A 1 22  ? 13.226  1.579   4.142   1.00 24.92 ? 22  GLU A C   1 
ATOM   165  O O   . GLU A 1 22  ? 13.073  2.521   3.362   1.00 24.12 ? 22  GLU A O   1 
ATOM   166  C CB  . GLU A 1 22  ? 15.313  0.223   4.042   1.00 29.83 ? 22  GLU A CB  1 
ATOM   167  C CG  . GLU A 1 22  ? 15.754  0.646   2.655   1.00 36.31 ? 22  GLU A CG  1 
ATOM   168  C CD  . GLU A 1 22  ? 16.646  -0.384  1.986   1.00 40.21 ? 22  GLU A CD  1 
ATOM   169  O OE1 . GLU A 1 22  ? 17.566  -0.899  2.659   1.00 41.16 ? 22  GLU A OE1 1 
ATOM   170  O OE2 . GLU A 1 22  ? 16.432  -0.669  0.786   1.00 43.66 ? 22  GLU A OE2 1 
ATOM   171  N N   . THR A 1 23  ? 12.250  0.734   4.455   1.00 24.17 ? 23  THR A N   1 
ATOM   172  C CA  . THR A 1 23  ? 10.920  0.872   3.870   1.00 22.77 ? 23  THR A CA  1 
ATOM   173  C C   . THR A 1 23  ? 10.231  2.158   4.316   1.00 22.75 ? 23  THR A C   1 
ATOM   174  O O   . THR A 1 23  ? 9.684   2.897   3.490   1.00 22.82 ? 23  THR A O   1 
ATOM   175  C CB  . THR A 1 23  ? 10.030  -0.319  4.239   1.00 20.91 ? 23  THR A CB  1 
ATOM   176  O OG1 . THR A 1 23  ? 10.708  -1.542  3.907   1.00 22.02 ? 23  THR A OG1 1 
ATOM   177  C CG2 . THR A 1 23  ? 8.723   -0.254  3.462   1.00 19.41 ? 23  THR A CG2 1 
ATOM   178  N N   . ALA A 1 24  ? 10.255  2.420   5.621   1.00 21.02 ? 24  ALA A N   1 
ATOM   179  C CA  . ALA A 1 24  ? 9.636   3.624   6.163   1.00 21.66 ? 24  ALA A CA  1 
ATOM   180  C C   . ALA A 1 24  ? 10.233  4.877   5.519   1.00 22.76 ? 24  ALA A C   1 
ATOM   181  O O   . ALA A 1 24  ? 9.502   5.778   5.112   1.00 22.40 ? 24  ALA A O   1 
ATOM   182  C CB  . ALA A 1 24  ? 9.811   3.669   7.675   1.00 19.81 ? 24  ALA A CB  1 
ATOM   183  N N   . ALA A 1 25  ? 11.561  4.921   5.415   1.00 24.69 ? 25  ALA A N   1 
ATOM   184  C CA  . ALA A 1 25  ? 12.250  6.067   4.814   1.00 25.78 ? 25  ALA A CA  1 
ATOM   185  C C   . ALA A 1 25  ? 11.888  6.237   3.342   1.00 25.81 ? 25  ALA A C   1 
ATOM   186  O O   . ALA A 1 25  ? 11.743  7.359   2.855   1.00 25.10 ? 25  ALA A O   1 
ATOM   187  C CB  . ALA A 1 25  ? 13.770  5.911   4.961   1.00 27.02 ? 25  ALA A CB  1 
ATOM   188  N N   . ASN A 1 26  ? 11.760  5.123   2.631   1.00 26.15 ? 26  ASN A N   1 
ATOM   189  C CA  . ASN A 1 26  ? 11.403  5.161   1.215   1.00 25.47 ? 26  ASN A CA  1 
ATOM   190  C C   . ASN A 1 26  ? 9.997   5.738   1.048   1.00 24.95 ? 26  ASN A C   1 
ATOM   191  O O   . ASN A 1 26  ? 9.747   6.556   0.165   1.00 24.33 ? 26  ASN A O   1 
ATOM   192  C CB  . ASN A 1 26  ? 11.452  3.747   0.623   1.00 25.03 ? 26  ASN A CB  1 
ATOM   193  C CG  . ASN A 1 26  ? 11.053  3.710   -0.841  1.00 26.34 ? 26  ASN A CG  1 
ATOM   194  O OD1 . ASN A 1 26  ? 11.717  4.297   -1.696  1.00 26.22 ? 26  ASN A OD1 1 
ATOM   195  N ND2 . ASN A 1 26  ? 9.957   3.017   -1.138  1.00 25.39 ? 26  ASN A ND2 1 
ATOM   196  N N   . PHE A 1 27  ? 9.081   5.303   1.906   1.00 24.71 ? 27  PHE A N   1 
ATOM   197  C CA  . PHE A 1 27  ? 7.698   5.772   1.857   1.00 24.61 ? 27  PHE A CA  1 
ATOM   198  C C   . PHE A 1 27  ? 7.623   7.260   2.191   1.00 25.66 ? 27  PHE A C   1 
ATOM   199  O O   . PHE A 1 27  ? 7.077   8.060   1.431   1.00 23.45 ? 27  PHE A O   1 
ATOM   200  C CB  . PHE A 1 27  ? 6.848   4.989   2.861   1.00 24.31 ? 27  PHE A CB  1 
ATOM   201  C CG  . PHE A 1 27  ? 5.385   5.318   2.802   1.00 23.47 ? 27  PHE A CG  1 
ATOM   202  C CD1 . PHE A 1 27  ? 4.607   4.902   1.724   1.00 23.43 ? 27  PHE A CD1 1 
ATOM   203  C CD2 . PHE A 1 27  ? 4.784   6.054   3.821   1.00 22.65 ? 27  PHE A CD2 1 
ATOM   204  C CE1 . PHE A 1 27  ? 3.242   5.215   1.659   1.00 23.96 ? 27  PHE A CE1 1 
ATOM   205  C CE2 . PHE A 1 27  ? 3.419   6.373   3.768   1.00 24.54 ? 27  PHE A CE2 1 
ATOM   206  C CZ  . PHE A 1 27  ? 2.649   5.952   2.683   1.00 24.10 ? 27  PHE A CZ  1 
ATOM   207  N N   . GLU A 1 28  ? 8.183   7.623   3.336   1.00 26.69 ? 28  GLU A N   1 
ATOM   208  C CA  . GLU A 1 28  ? 8.170   9.004   3.785   1.00 28.74 ? 28  GLU A CA  1 
ATOM   209  C C   . GLU A 1 28  ? 8.722   9.948   2.716   1.00 29.80 ? 28  GLU A C   1 
ATOM   210  O O   . GLU A 1 28  ? 8.213   11.053  2.533   1.00 27.85 ? 28  GLU A O   1 
ATOM   211  C CB  . GLU A 1 28  ? 8.968   9.122   5.086   1.00 31.52 ? 28  GLU A CB  1 
ATOM   212  C CG  . GLU A 1 28  ? 8.929   10.490  5.725   1.00 37.19 ? 28  GLU A CG  1 
ATOM   213  C CD  . GLU A 1 28  ? 9.543   10.491  7.109   1.00 38.99 ? 28  GLU A CD  1 
ATOM   214  O OE1 . GLU A 1 28  ? 9.005   9.794   7.998   1.00 39.90 ? 28  GLU A OE1 1 
ATOM   215  O OE2 . GLU A 1 28  ? 10.564  11.184  7.305   1.00 42.13 ? 28  GLU A OE2 1 
ATOM   216  N N   . GLN A 1 29  ? 9.749   9.508   1.995   1.00 30.77 ? 29  GLN A N   1 
ATOM   217  C CA  . GLN A 1 29  ? 10.330  10.342  0.950   1.00 31.93 ? 29  GLN A CA  1 
ATOM   218  C C   . GLN A 1 29  ? 9.299   10.617  -0.142  1.00 31.27 ? 29  GLN A C   1 
ATOM   219  O O   . GLN A 1 29  ? 9.104   11.764  -0.546  1.00 31.25 ? 29  GLN A O   1 
ATOM   220  C CB  . GLN A 1 29  ? 11.558  9.670   0.333   1.00 33.75 ? 29  GLN A CB  1 
ATOM   221  C CG  . GLN A 1 29  ? 12.387  10.611  -0.525  1.00 37.62 ? 29  GLN A CG  1 
ATOM   222  C CD  . GLN A 1 29  ? 13.544  9.913   -1.207  1.00 40.99 ? 29  GLN A CD  1 
ATOM   223  O OE1 . GLN A 1 29  ? 14.297  9.168   -0.574  1.00 43.01 ? 29  GLN A OE1 1 
ATOM   224  N NE2 . GLN A 1 29  ? 13.702  10.157  -2.505  1.00 42.57 ? 29  GLN A NE2 1 
ATOM   225  N N   . TYR A 1 30  ? 8.647   9.562   -0.626  1.00 28.75 ? 30  TYR A N   1 
ATOM   226  C CA  . TYR A 1 30  ? 7.628   9.719   -1.660  1.00 27.76 ? 30  TYR A CA  1 
ATOM   227  C C   . TYR A 1 30  ? 6.580   10.725  -1.198  1.00 27.66 ? 30  TYR A C   1 
ATOM   228  O O   . TYR A 1 30  ? 6.149   11.586  -1.969  1.00 27.08 ? 30  TYR A O   1 
ATOM   229  C CB  . TYR A 1 30  ? 6.955   8.376   -1.973  1.00 26.72 ? 30  TYR A CB  1 
ATOM   230  C CG  . TYR A 1 30  ? 7.741   7.514   -2.937  1.00 23.35 ? 30  TYR A CG  1 
ATOM   231  C CD1 . TYR A 1 30  ? 8.068   7.984   -4.211  1.00 25.10 ? 30  TYR A CD1 1 
ATOM   232  C CD2 . TYR A 1 30  ? 8.161   6.235   -2.577  1.00 21.91 ? 30  TYR A CD2 1 
ATOM   233  C CE1 . TYR A 1 30  ? 8.798   7.200   -5.110  1.00 24.26 ? 30  TYR A CE1 1 
ATOM   234  C CE2 . TYR A 1 30  ? 8.891   5.443   -3.463  1.00 23.70 ? 30  TYR A CE2 1 
ATOM   235  C CZ  . TYR A 1 30  ? 9.206   5.933   -4.729  1.00 24.71 ? 30  TYR A CZ  1 
ATOM   236  O OH  . TYR A 1 30  ? 9.922   5.155   -5.617  1.00 23.70 ? 30  TYR A OH  1 
ATOM   237  N N   . VAL A 1 31  ? 6.172   10.610  0.062   1.00 24.90 ? 31  VAL A N   1 
ATOM   238  C CA  . VAL A 1 31  ? 5.189   11.526  0.611   1.00 26.03 ? 31  VAL A CA  1 
ATOM   239  C C   . VAL A 1 31  ? 5.752   12.940  0.520   1.00 27.75 ? 31  VAL A C   1 
ATOM   240  O O   . VAL A 1 31  ? 5.140   13.822  -0.081  1.00 27.76 ? 31  VAL A O   1 
ATOM   241  C CB  . VAL A 1 31  ? 4.872   11.201  2.086   1.00 25.03 ? 31  VAL A CB  1 
ATOM   242  C CG1 . VAL A 1 31  ? 3.902   12.234  2.650   1.00 25.95 ? 31  VAL A CG1 1 
ATOM   243  C CG2 . VAL A 1 31  ? 4.267   9.811   2.191   1.00 24.48 ? 31  VAL A CG2 1 
ATOM   244  N N   . LYS A 1 32  ? 6.935   13.129  1.103   1.00 28.12 ? 32  LYS A N   1 
ATOM   245  C CA  . LYS A 1 32  ? 7.618   14.420  1.112   1.00 29.46 ? 32  LYS A CA  1 
ATOM   246  C C   . LYS A 1 32  ? 7.739   15.016  -0.289  1.00 28.30 ? 32  LYS A C   1 
ATOM   247  O O   . LYS A 1 32  ? 7.469   16.200  -0.491  1.00 27.36 ? 32  LYS A O   1 
ATOM   248  C CB  . LYS A 1 32  ? 9.008   14.263  1.738   1.00 29.48 ? 32  LYS A CB  1 
ATOM   249  C CG  . LYS A 1 32  ? 9.873   15.514  1.685   1.00 34.13 ? 32  LYS A CG  1 
ATOM   250  C CD  . LYS A 1 32  ? 11.252  15.235  2.267   1.00 34.22 ? 32  LYS A CD  1 
ATOM   251  C CE  . LYS A 1 32  ? 12.167  16.445  2.183   1.00 37.27 ? 32  LYS A CE  1 
ATOM   252  N NZ  . LYS A 1 32  ? 13.464  16.202  2.900   1.00 37.68 ? 32  LYS A NZ  1 
ATOM   253  N N   . ASP A 1 33  ? 8.143   14.201  -1.258  1.00 28.73 ? 33  ASP A N   1 
ATOM   254  C CA  . ASP A 1 33  ? 8.276   14.686  -2.628  1.00 30.19 ? 33  ASP A CA  1 
ATOM   255  C C   . ASP A 1 33  ? 6.920   14.846  -3.309  1.00 29.64 ? 33  ASP A C   1 
ATOM   256  O O   . ASP A 1 33  ? 6.849   15.164  -4.499  1.00 30.54 ? 33  ASP A O   1 
ATOM   257  C CB  . ASP A 1 33  ? 9.160   13.747  -3.457  1.00 30.70 ? 33  ASP A CB  1 
ATOM   258  C CG  . ASP A 1 33  ? 10.609  13.751  -2.996  1.00 33.21 ? 33  ASP A CG  1 
ATOM   259  O OD1 . ASP A 1 33  ? 11.102  14.831  -2.606  1.00 33.39 ? 33  ASP A OD1 1 
ATOM   260  O OD2 . ASP A 1 33  ? 11.257  12.681  -3.034  1.00 32.10 ? 33  ASP A OD2 1 
ATOM   261  N N   . GLY A 1 34  ? 5.847   14.617  -2.555  1.00 28.18 ? 34  GLY A N   1 
ATOM   262  C CA  . GLY A 1 34  ? 4.507   14.754  -3.100  1.00 27.78 ? 34  GLY A CA  1 
ATOM   263  C C   . GLY A 1 34  ? 4.154   13.760  -4.190  1.00 28.15 ? 34  GLY A C   1 
ATOM   264  O O   . GLY A 1 34  ? 3.207   13.968  -4.946  1.00 27.73 ? 34  GLY A O   1 
ATOM   265  N N   . HIS A 1 35  ? 4.902   12.665  -4.268  1.00 27.82 ? 35  HIS A N   1 
ATOM   266  C CA  . HIS A 1 35  ? 4.662   11.650  -5.289  1.00 26.48 ? 35  HIS A CA  1 
ATOM   267  C C   . HIS A 1 35  ? 3.259   11.034  -5.247  1.00 25.19 ? 35  HIS A C   1 
ATOM   268  O O   . HIS A 1 35  ? 2.682   10.741  -6.292  1.00 26.18 ? 35  HIS A O   1 
ATOM   269  C CB  . HIS A 1 35  ? 5.726   10.551  -5.179  1.00 26.43 ? 35  HIS A CB  1 
ATOM   270  C CG  . HIS A 1 35  ? 5.541   9.426   -6.146  1.00 29.82 ? 35  HIS A CG  1 
ATOM   271  N ND1 . HIS A 1 35  ? 4.576   8.454   -5.983  1.00 31.45 ? 35  HIS A ND1 1 
ATOM   272  C CD2 . HIS A 1 35  ? 6.195   9.117   -7.289  1.00 29.23 ? 35  HIS A CD2 1 
ATOM   273  C CE1 . HIS A 1 35  ? 4.647   7.595   -6.984  1.00 31.24 ? 35  HIS A CE1 1 
ATOM   274  N NE2 . HIS A 1 35  ? 5.621   7.975   -7.791  1.00 30.81 ? 35  HIS A NE2 1 
ATOM   275  N N   . TYR A 1 36  ? 2.700   10.863  -4.051  1.00 24.28 ? 36  TYR A N   1 
ATOM   276  C CA  . TYR A 1 36  ? 1.376   10.254  -3.911  1.00 22.01 ? 36  TYR A CA  1 
ATOM   277  C C   . TYR A 1 36  ? 0.173   11.165  -4.154  1.00 22.10 ? 36  TYR A C   1 
ATOM   278  O O   . TYR A 1 36  ? -0.951  10.684  -4.304  1.00 20.88 ? 36  TYR A O   1 
ATOM   279  C CB  . TYR A 1 36  ? 1.235   9.607   -2.528  1.00 21.56 ? 36  TYR A CB  1 
ATOM   280  C CG  . TYR A 1 36  ? 2.188   8.458   -2.291  1.00 24.04 ? 36  TYR A CG  1 
ATOM   281  C CD1 . TYR A 1 36  ? 2.335   7.438   -3.240  1.00 24.82 ? 36  TYR A CD1 1 
ATOM   282  C CD2 . TYR A 1 36  ? 2.943   8.383   -1.120  1.00 22.57 ? 36  TYR A CD2 1 
ATOM   283  C CE1 . TYR A 1 36  ? 3.209   6.376   -3.026  1.00 24.28 ? 36  TYR A CE1 1 
ATOM   284  C CE2 . TYR A 1 36  ? 3.822   7.325   -0.896  1.00 24.00 ? 36  TYR A CE2 1 
ATOM   285  C CZ  . TYR A 1 36  ? 3.950   6.328   -1.849  1.00 23.80 ? 36  TYR A CZ  1 
ATOM   286  O OH  . TYR A 1 36  ? 4.820   5.284   -1.628  1.00 23.84 ? 36  TYR A OH  1 
ATOM   287  N N   . ASP A 1 37  ? 0.394   12.474  -4.178  1.00 24.26 ? 37  ASP A N   1 
ATOM   288  C CA  . ASP A 1 37  ? -0.704  13.410  -4.408  1.00 23.23 ? 37  ASP A CA  1 
ATOM   289  C C   . ASP A 1 37  ? -1.284  13.162  -5.790  1.00 23.38 ? 37  ASP A C   1 
ATOM   290  O O   . ASP A 1 37  ? -0.566  13.193  -6.789  1.00 24.11 ? 37  ASP A O   1 
ATOM   291  C CB  . ASP A 1 37  ? -0.211  14.856  -4.325  1.00 24.16 ? 37  ASP A CB  1 
ATOM   292  C CG  . ASP A 1 37  ? 0.445   15.176  -3.003  1.00 25.42 ? 37  ASP A CG  1 
ATOM   293  O OD1 . ASP A 1 37  ? 0.390   14.334  -2.083  1.00 24.36 ? 37  ASP A OD1 1 
ATOM   294  O OD2 . ASP A 1 37  ? 1.010   16.283  -2.878  1.00 27.84 ? 37  ASP A OD2 1 
ATOM   295  N N   . GLY A 1 38  ? -2.584  12.909  -5.850  1.00 23.60 ? 38  GLY A N   1 
ATOM   296  C CA  . GLY A 1 38  ? -3.210  12.670  -7.134  1.00 23.96 ? 38  GLY A CA  1 
ATOM   297  C C   . GLY A 1 38  ? -3.169  11.226  -7.601  1.00 23.95 ? 38  GLY A C   1 
ATOM   298  O O   . GLY A 1 38  ? -3.473  10.953  -8.760  1.00 23.14 ? 38  GLY A O   1 
ATOM   299  N N   . THR A 1 39  ? -2.768  10.305  -6.726  1.00 23.69 ? 39  THR A N   1 
ATOM   300  C CA  . THR A 1 39  ? -2.743  8.893   -7.098  1.00 21.32 ? 39  THR A CA  1 
ATOM   301  C C   . THR A 1 39  ? -4.023  8.269   -6.570  1.00 22.23 ? 39  THR A C   1 
ATOM   302  O O   . THR A 1 39  ? -4.715  8.864   -5.745  1.00 23.08 ? 39  THR A O   1 
ATOM   303  C CB  . THR A 1 39  ? -1.512  8.131   -6.520  1.00 21.38 ? 39  THR A CB  1 
ATOM   304  O OG1 . THR A 1 39  ? -1.503  8.207   -5.087  1.00 17.95 ? 39  THR A OG1 1 
ATOM   305  C CG2 . THR A 1 39  ? -0.223  8.717   -7.071  1.00 19.62 ? 39  THR A CG2 1 
ATOM   306  N N   . ILE A 1 40  ? -4.337  7.073   -7.049  1.00 21.58 ? 40  ILE A N   1 
ATOM   307  C CA  . ILE A 1 40  ? -5.551  6.383   -6.648  1.00 19.82 ? 40  ILE A CA  1 
ATOM   308  C C   . ILE A 1 40  ? -5.277  5.012   -6.036  1.00 19.18 ? 40  ILE A C   1 
ATOM   309  O O   . ILE A 1 40  ? -4.154  4.513   -6.061  1.00 17.75 ? 40  ILE A O   1 
ATOM   310  C CB  . ILE A 1 40  ? -6.459  6.139   -7.875  1.00 20.13 ? 40  ILE A CB  1 
ATOM   311  C CG1 . ILE A 1 40  ? -5.745  5.198   -8.855  1.00 18.71 ? 40  ILE A CG1 1 
ATOM   312  C CG2 . ILE A 1 40  ? -6.774  7.456   -8.565  1.00 20.19 ? 40  ILE A CG2 1 
ATOM   313  C CD1 . ILE A 1 40  ? -6.601  4.743   -10.023 1.00 18.51 ? 40  ILE A CD1 1 
ATOM   314  N N   . PHE A 1 41  ? -6.320  4.420   -5.470  1.00 18.95 ? 41  PHE A N   1 
ATOM   315  C CA  . PHE A 1 41  ? -6.231  3.072   -4.934  1.00 19.91 ? 41  PHE A CA  1 
ATOM   316  C C   . PHE A 1 41  ? -6.767  2.313   -6.147  1.00 19.04 ? 41  PHE A C   1 
ATOM   317  O O   . PHE A 1 41  ? -7.973  2.199   -6.338  1.00 18.56 ? 41  PHE A O   1 
ATOM   318  C CB  . PHE A 1 41  ? -7.137  2.923   -3.711  1.00 19.47 ? 41  PHE A CB  1 
ATOM   319  C CG  . PHE A 1 41  ? -6.470  3.324   -2.417  1.00 19.79 ? 41  PHE A CG  1 
ATOM   320  C CD1 . PHE A 1 41  ? -5.548  2.479   -1.806  1.00 18.71 ? 41  PHE A CD1 1 
ATOM   321  C CD2 . PHE A 1 41  ? -6.730  4.560   -1.837  1.00 16.91 ? 41  PHE A CD2 1 
ATOM   322  C CE1 . PHE A 1 41  ? -4.892  2.862   -0.637  1.00 20.65 ? 41  PHE A CE1 1 
ATOM   323  C CE2 . PHE A 1 41  ? -6.082  4.955   -0.669  1.00 20.45 ? 41  PHE A CE2 1 
ATOM   324  C CZ  . PHE A 1 41  ? -5.158  4.105   -0.066  1.00 20.44 ? 41  PHE A CZ  1 
ATOM   325  N N   . HIS A 1 42  ? -5.848  1.830   -6.983  1.00 21.19 ? 42  HIS A N   1 
ATOM   326  C CA  . HIS A 1 42  ? -6.204  1.147   -8.231  1.00 20.09 ? 42  HIS A CA  1 
ATOM   327  C C   . HIS A 1 42  ? -6.610  -0.313  -8.099  1.00 21.61 ? 42  HIS A C   1 
ATOM   328  O O   . HIS A 1 42  ? -7.165  -0.902  -9.034  1.00 21.00 ? 42  HIS A O   1 
ATOM   329  C CB  . HIS A 1 42  ? -5.038  1.237   -9.221  1.00 19.86 ? 42  HIS A CB  1 
ATOM   330  C CG  . HIS A 1 42  ? -3.835  0.444   -8.809  1.00 19.45 ? 42  HIS A CG  1 
ATOM   331  N ND1 . HIS A 1 42  ? -3.003  0.834   -7.783  1.00 20.32 ? 42  HIS A ND1 1 
ATOM   332  C CD2 . HIS A 1 42  ? -3.360  -0.746  -9.245  1.00 21.15 ? 42  HIS A CD2 1 
ATOM   333  C CE1 . HIS A 1 42  ? -2.069  -0.081  -7.600  1.00 19.84 ? 42  HIS A CE1 1 
ATOM   334  N NE2 . HIS A 1 42  ? -2.262  -1.053  -8.474  1.00 21.72 ? 42  HIS A NE2 1 
ATOM   335  N N   . ARG A 1 43  ? -6.336  -0.897  -6.942  1.00 20.30 ? 43  ARG A N   1 
ATOM   336  C CA  . ARG A 1 43  ? -6.646  -2.295  -6.717  1.00 18.23 ? 43  ARG A CA  1 
ATOM   337  C C   . ARG A 1 43  ? -7.328  -2.439  -5.364  1.00 19.18 ? 43  ARG A C   1 
ATOM   338  O O   . ARG A 1 43  ? -6.679  -2.425  -4.318  1.00 17.28 ? 43  ARG A O   1 
ATOM   339  C CB  . ARG A 1 43  ? -5.349  -3.103  -6.767  1.00 18.40 ? 43  ARG A CB  1 
ATOM   340  C CG  . ARG A 1 43  ? -5.525  -4.593  -6.906  1.00 19.91 ? 43  ARG A CG  1 
ATOM   341  C CD  . ARG A 1 43  ? -4.174  -5.267  -6.761  1.00 19.63 ? 43  ARG A CD  1 
ATOM   342  N NE  . ARG A 1 43  ? -4.292  -6.716  -6.752  1.00 23.48 ? 43  ARG A NE  1 
ATOM   343  C CZ  . ARG A 1 43  ? -3.432  -7.521  -6.148  1.00 21.14 ? 43  ARG A CZ  1 
ATOM   344  N NH1 . ARG A 1 43  ? -2.395  -7.005  -5.499  1.00 19.23 ? 43  ARG A NH1 1 
ATOM   345  N NH2 . ARG A 1 43  ? -3.605  -8.836  -6.200  1.00 21.28 ? 43  ARG A NH2 1 
ATOM   346  N N   . VAL A 1 44  ? -8.650  -2.568  -5.403  1.00 18.38 ? 44  VAL A N   1 
ATOM   347  C CA  . VAL A 1 44  ? -9.457  -2.692  -4.201  1.00 18.92 ? 44  VAL A CA  1 
ATOM   348  C C   . VAL A 1 44  ? -10.119 -4.060  -4.186  1.00 19.93 ? 44  VAL A C   1 
ATOM   349  O O   . VAL A 1 44  ? -10.931 -4.378  -5.052  1.00 18.47 ? 44  VAL A O   1 
ATOM   350  C CB  . VAL A 1 44  ? -10.524 -1.578  -4.158  1.00 19.88 ? 44  VAL A CB  1 
ATOM   351  C CG1 . VAL A 1 44  ? -11.446 -1.769  -2.959  1.00 18.83 ? 44  VAL A CG1 1 
ATOM   352  C CG2 . VAL A 1 44  ? -9.835  -0.220  -4.092  1.00 18.58 ? 44  VAL A CG2 1 
ATOM   353  N N   . ILE A 1 45  ? -9.757  -4.873  -3.199  1.00 19.34 ? 45  ILE A N   1 
ATOM   354  C CA  . ILE A 1 45  ? -10.294 -6.221  -3.101  1.00 18.91 ? 45  ILE A CA  1 
ATOM   355  C C   . ILE A 1 45  ? -10.847 -6.480  -1.709  1.00 19.79 ? 45  ILE A C   1 
ATOM   356  O O   . ILE A 1 45  ? -10.099 -6.692  -0.757  1.00 20.94 ? 45  ILE A O   1 
ATOM   357  C CB  . ILE A 1 45  ? -9.202  -7.257  -3.435  1.00 17.95 ? 45  ILE A CB  1 
ATOM   358  C CG1 . ILE A 1 45  ? -8.572  -6.920  -4.792  1.00 18.13 ? 45  ILE A CG1 1 
ATOM   359  C CG2 . ILE A 1 45  ? -9.805  -8.659  -3.470  1.00 19.53 ? 45  ILE A CG2 1 
ATOM   360  C CD1 . ILE A 1 45  ? -7.382  -7.806  -5.178  1.00 17.90 ? 45  ILE A CD1 1 
ATOM   361  N N   . ASP A 1 46  ? -12.170 -6.446  -1.607  1.00 20.82 ? 46  ASP A N   1 
ATOM   362  C CA  . ASP A 1 46  ? -12.871 -6.659  -0.349  1.00 20.85 ? 46  ASP A CA  1 
ATOM   363  C C   . ASP A 1 46  ? -12.421 -7.983  0.261   1.00 20.48 ? 46  ASP A C   1 
ATOM   364  O O   . ASP A 1 46  ? -12.187 -8.953  -0.462  1.00 18.15 ? 46  ASP A O   1 
ATOM   365  C CB  . ASP A 1 46  ? -14.377 -6.683  -0.612  1.00 23.49 ? 46  ASP A CB  1 
ATOM   366  C CG  . ASP A 1 46  ? -15.196 -6.390  0.630   1.00 24.43 ? 46  ASP A CG  1 
ATOM   367  O OD1 . ASP A 1 46  ? -14.614 -6.261  1.729   1.00 25.40 ? 46  ASP A OD1 1 
ATOM   368  O OD2 . ASP A 1 46  ? -16.432 -6.290  0.498   1.00 27.61 ? 46  ASP A OD2 1 
ATOM   369  N N   . GLY A 1 47  ? -12.277 -8.008  1.584   1.00 19.85 ? 47  GLY A N   1 
ATOM   370  C CA  . GLY A 1 47  ? -11.843 -9.219  2.259   1.00 19.41 ? 47  GLY A CA  1 
ATOM   371  C C   . GLY A 1 47  ? -10.365 -9.515  2.082   1.00 22.04 ? 47  GLY A C   1 
ATOM   372  O O   . GLY A 1 47  ? -9.874  -10.566 2.512   1.00 20.60 ? 47  GLY A O   1 
ATOM   373  N N   . PHE A 1 48  ? -9.644  -8.593  1.452   1.00 19.33 ? 48  PHE A N   1 
ATOM   374  C CA  . PHE A 1 48  ? -8.220  -8.793  1.230   1.00 18.24 ? 48  PHE A CA  1 
ATOM   375  C C   . PHE A 1 48  ? -7.432  -7.522  1.546   1.00 17.90 ? 48  PHE A C   1 
ATOM   376  O O   . PHE A 1 48  ? -6.862  -7.390  2.634   1.00 15.72 ? 48  PHE A O   1 
ATOM   377  C CB  . PHE A 1 48  ? -7.998  -9.259  -0.220  1.00 17.92 ? 48  PHE A CB  1 
ATOM   378  C CG  . PHE A 1 48  ? -6.554  -9.451  -0.591  1.00 18.82 ? 48  PHE A CG  1 
ATOM   379  C CD1 . PHE A 1 48  ? -5.646  -9.987  0.317   1.00 19.68 ? 48  PHE A CD1 1 
ATOM   380  C CD2 . PHE A 1 48  ? -6.105  -9.114  -1.865  1.00 19.53 ? 48  PHE A CD2 1 
ATOM   381  C CE1 . PHE A 1 48  ? -4.313  -10.184 -0.035  1.00 20.77 ? 48  PHE A CE1 1 
ATOM   382  C CE2 . PHE A 1 48  ? -4.768  -9.309  -2.229  1.00 22.38 ? 48  PHE A CE2 1 
ATOM   383  C CZ  . PHE A 1 48  ? -3.871  -9.845  -1.314  1.00 19.97 ? 48  PHE A CZ  1 
ATOM   384  N N   . MET A 1 49  ? -7.412  -6.572  0.620   1.00 15.91 ? 49  MET A N   1 
ATOM   385  C CA  . MET A 1 49  ? -6.677  -5.336  0.867   1.00 15.47 ? 49  MET A CA  1 
ATOM   386  C C   . MET A 1 49  ? -6.989  -4.262  -0.162  1.00 15.15 ? 49  MET A C   1 
ATOM   387  O O   . MET A 1 49  ? -7.730  -4.507  -1.122  1.00 14.20 ? 49  MET A O   1 
ATOM   388  C CB  . MET A 1 49  ? -5.169  -5.633  0.874   1.00 15.94 ? 49  MET A CB  1 
ATOM   389  C CG  . MET A 1 49  ? -4.632  -6.273  -0.418  1.00 17.09 ? 49  MET A CG  1 
ATOM   390  S SD  . MET A 1 49  ? -4.291  -5.103  -1.786  1.00 18.00 ? 49  MET A SD  1 
ATOM   391  C CE  . MET A 1 49  ? -5.557  -5.538  -2.980  1.00 21.49 ? 49  MET A CE  1 
ATOM   392  N N   . ILE A 1 50  ? -6.455  -3.061  0.066   1.00 14.74 ? 50  ILE A N   1 
ATOM   393  C CA  . ILE A 1 50  ? -6.617  -1.964  -0.879  1.00 14.56 ? 50  ILE A CA  1 
ATOM   394  C C   . ILE A 1 50  ? -5.202  -1.483  -1.198  1.00 15.84 ? 50  ILE A C   1 
ATOM   395  O O   . ILE A 1 50  ? -4.391  -1.234  -0.294  1.00 16.40 ? 50  ILE A O   1 
ATOM   396  C CB  . ILE A 1 50  ? -7.508  -0.817  -0.322  1.00 14.12 ? 50  ILE A CB  1 
ATOM   397  C CG1 . ILE A 1 50  ? -6.907  -0.211  0.950   1.00 16.61 ? 50  ILE A CG1 1 
ATOM   398  C CG2 . ILE A 1 50  ? -8.909  -1.351  -0.067  1.00 10.59 ? 50  ILE A CG2 1 
ATOM   399  C CD1 . ILE A 1 50  ? -7.735  0.953   1.507   1.00 16.02 ? 50  ILE A CD1 1 
ATOM   400  N N   . GLN A 1 51  ? -4.905  -1.389  -2.490  1.00 14.19 ? 51  GLN A N   1 
ATOM   401  C CA  . GLN A 1 51  ? -3.579  -1.012  -2.961  1.00 16.26 ? 51  GLN A CA  1 
ATOM   402  C C   . GLN A 1 51  ? -3.567  0.291   -3.747  1.00 16.30 ? 51  GLN A C   1 
ATOM   403  O O   . GLN A 1 51  ? -4.469  0.553   -4.534  1.00 16.74 ? 51  GLN A O   1 
ATOM   404  C CB  . GLN A 1 51  ? -3.029  -2.151  -3.823  1.00 15.80 ? 51  GLN A CB  1 
ATOM   405  C CG  . GLN A 1 51  ? -1.634  -1.951  -4.375  1.00 17.69 ? 51  GLN A CG  1 
ATOM   406  C CD  . GLN A 1 51  ? -1.152  -3.171  -5.151  1.00 18.12 ? 51  GLN A CD  1 
ATOM   407  O OE1 . GLN A 1 51  ? -1.537  -4.304  -4.853  1.00 16.99 ? 51  GLN A OE1 1 
ATOM   408  N NE2 . GLN A 1 51  ? -0.295  -2.946  -6.125  1.00 16.86 ? 51  GLN A NE2 1 
ATOM   409  N N   . GLY A 1 52  ? -2.534  1.103   -3.534  1.00 17.70 ? 52  GLY A N   1 
ATOM   410  C CA  . GLY A 1 52  ? -2.439  2.369   -4.236  1.00 19.58 ? 52  GLY A CA  1 
ATOM   411  C C   . GLY A 1 52  ? -1.017  2.886   -4.335  1.00 22.79 ? 52  GLY A C   1 
ATOM   412  O O   . GLY A 1 52  ? -0.057  2.123   -4.199  1.00 22.25 ? 52  GLY A O   1 
ATOM   413  N N   . GLY A 1 53  ? -0.887  4.186   -4.589  1.00 23.74 ? 53  GLY A N   1 
ATOM   414  C CA  . GLY A 1 53  ? 0.424   4.802   -4.679  1.00 23.24 ? 53  GLY A CA  1 
ATOM   415  C C   . GLY A 1 53  ? 1.197   4.615   -5.970  1.00 25.96 ? 53  GLY A C   1 
ATOM   416  O O   . GLY A 1 53  ? 2.355   5.028   -6.050  1.00 26.87 ? 53  GLY A O   1 
ATOM   417  N N   . GLY A 1 54  ? 0.584   4.010   -6.984  1.00 24.38 ? 54  GLY A N   1 
ATOM   418  C CA  . GLY A 1 54  ? 1.303   3.805   -8.228  1.00 25.15 ? 54  GLY A CA  1 
ATOM   419  C C   . GLY A 1 54  ? 0.692   4.357   -9.507  1.00 25.42 ? 54  GLY A C   1 
ATOM   420  O O   . GLY A 1 54  ? 1.417   4.635   -10.462 1.00 26.16 ? 54  GLY A O   1 
ATOM   421  N N   . PHE A 1 55  ? -0.628  4.531   -9.530  1.00 24.77 ? 55  PHE A N   1 
ATOM   422  C CA  . PHE A 1 55  ? -1.318  5.021   -10.722 1.00 23.15 ? 55  PHE A CA  1 
ATOM   423  C C   . PHE A 1 55  ? -2.115  6.305   -10.523 1.00 23.91 ? 55  PHE A C   1 
ATOM   424  O O   . PHE A 1 55  ? -2.559  6.626   -9.421  1.00 21.62 ? 55  PHE A O   1 
ATOM   425  C CB  . PHE A 1 55  ? -2.293  3.957   -11.239 1.00 22.86 ? 55  PHE A CB  1 
ATOM   426  C CG  . PHE A 1 55  ? -1.634  2.715   -11.751 1.00 22.58 ? 55  PHE A CG  1 
ATOM   427  C CD1 . PHE A 1 55  ? -1.377  2.557   -13.107 1.00 24.85 ? 55  PHE A CD1 1 
ATOM   428  C CD2 . PHE A 1 55  ? -1.287  1.692   -10.882 1.00 23.84 ? 55  PHE A CD2 1 
ATOM   429  C CE1 . PHE A 1 55  ? -0.784  1.393   -13.593 1.00 25.70 ? 55  PHE A CE1 1 
ATOM   430  C CE2 . PHE A 1 55  ? -0.694  0.523   -11.355 1.00 25.93 ? 55  PHE A CE2 1 
ATOM   431  C CZ  . PHE A 1 55  ? -0.443  0.372   -12.713 1.00 25.48 ? 55  PHE A CZ  1 
ATOM   432  N N   . GLU A 1 56  ? -2.303  7.026   -11.623 1.00 24.71 ? 56  GLU A N   1 
ATOM   433  C CA  . GLU A 1 56  ? -3.088  8.250   -11.627 1.00 25.96 ? 56  GLU A CA  1 
ATOM   434  C C   . GLU A 1 56  ? -4.382  7.881   -12.342 1.00 26.25 ? 56  GLU A C   1 
ATOM   435  O O   . GLU A 1 56  ? -4.448  6.838   -13.005 1.00 24.57 ? 56  GLU A O   1 
ATOM   436  C CB  . GLU A 1 56  ? -2.364  9.353   -12.402 1.00 28.80 ? 56  GLU A CB  1 
ATOM   437  C CG  . GLU A 1 56  ? -1.026  9.747   -11.805 1.00 31.38 ? 56  GLU A CG  1 
ATOM   438  C CD  . GLU A 1 56  ? -0.452  10.988  -12.453 1.00 35.09 ? 56  GLU A CD  1 
ATOM   439  O OE1 . GLU A 1 56  ? -0.282  10.989  -13.691 1.00 35.54 ? 56  GLU A OE1 1 
ATOM   440  O OE2 . GLU A 1 56  ? -0.168  11.963  -11.723 1.00 37.55 ? 56  GLU A OE2 1 
ATOM   441  N N   . PRO A 1 57  ? -5.428  8.719   -12.211 1.00 27.25 ? 57  PRO A N   1 
ATOM   442  C CA  . PRO A 1 57  ? -6.709  8.444   -12.865 1.00 28.80 ? 57  PRO A CA  1 
ATOM   443  C C   . PRO A 1 57  ? -6.518  7.994   -14.307 1.00 29.55 ? 57  PRO A C   1 
ATOM   444  O O   . PRO A 1 57  ? -5.685  8.542   -15.028 1.00 31.75 ? 57  PRO A O   1 
ATOM   445  C CB  . PRO A 1 57  ? -7.436  9.777   -12.749 1.00 28.03 ? 57  PRO A CB  1 
ATOM   446  C CG  . PRO A 1 57  ? -6.998  10.246  -11.386 1.00 28.19 ? 57  PRO A CG  1 
ATOM   447  C CD  . PRO A 1 57  ? -5.500  9.966   -11.425 1.00 26.30 ? 57  PRO A CD  1 
ATOM   448  N N   . GLY A 1 58  ? -7.282  6.986   -14.713 1.00 30.84 ? 58  GLY A N   1 
ATOM   449  C CA  . GLY A 1 58  ? -7.171  6.468   -16.063 1.00 29.45 ? 58  GLY A CA  1 
ATOM   450  C C   . GLY A 1 58  ? -6.113  5.387   -16.130 1.00 29.69 ? 58  GLY A C   1 
ATOM   451  O O   . GLY A 1 58  ? -5.668  5.007   -17.211 1.00 29.75 ? 58  GLY A O   1 
ATOM   452  N N   . MET A 1 59  ? -5.710  4.894   -14.962 1.00 29.43 ? 59  MET A N   1 
ATOM   453  C CA  . MET A 1 59  ? -4.691  3.854   -14.865 1.00 28.88 ? 59  MET A CA  1 
ATOM   454  C C   . MET A 1 59  ? -3.381  4.243   -15.540 1.00 28.98 ? 59  MET A C   1 
ATOM   455  O O   . MET A 1 59  ? -2.774  3.442   -16.256 1.00 27.83 ? 59  MET A O   1 
ATOM   456  C CB  . MET A 1 59  ? -5.213  2.539   -15.450 1.00 28.38 ? 59  MET A CB  1 
ATOM   457  C CG  . MET A 1 59  ? -6.265  1.873   -14.579 1.00 28.45 ? 59  MET A CG  1 
ATOM   458  S SD  . MET A 1 59  ? -5.714  1.802   -12.862 1.00 29.12 ? 59  MET A SD  1 
ATOM   459  C CE  . MET A 1 59  ? -4.638  0.375   -12.896 1.00 28.75 ? 59  MET A CE  1 
ATOM   460  N N   . LYS A 1 60  ? -2.949  5.476   -15.292 1.00 30.11 ? 60  LYS A N   1 
ATOM   461  C CA  . LYS A 1 60  ? -1.709  6.019   -15.844 1.00 31.73 ? 60  LYS A CA  1 
ATOM   462  C C   . LYS A 1 60  ? -0.602  5.799   -14.812 1.00 32.21 ? 60  LYS A C   1 
ATOM   463  O O   . LYS A 1 60  ? -0.582  6.460   -13.768 1.00 30.94 ? 60  LYS A O   1 
ATOM   464  C CB  . LYS A 1 60  ? -1.884  7.520   -16.103 1.00 35.26 ? 60  LYS A CB  1 
ATOM   465  C CG  . LYS A 1 60  ? -0.729  8.201   -16.818 1.00 38.49 ? 60  LYS A CG  1 
ATOM   466  C CD  . LYS A 1 60  ? -0.838  9.715   -16.653 1.00 41.20 ? 60  LYS A CD  1 
ATOM   467  C CE  . LYS A 1 60  ? 0.101   10.467  -17.577 1.00 41.15 ? 60  LYS A CE  1 
ATOM   468  N NZ  . LYS A 1 60  ? -0.378  10.424  -18.985 1.00 42.22 ? 60  LYS A NZ  1 
ATOM   469  N N   . GLN A 1 61  ? 0.318   4.882   -15.106 1.00 30.90 ? 61  GLN A N   1 
ATOM   470  C CA  . GLN A 1 61  ? 1.402   4.557   -14.183 1.00 32.61 ? 61  GLN A CA  1 
ATOM   471  C C   . GLN A 1 61  ? 2.504   5.606   -14.119 1.00 32.02 ? 61  GLN A C   1 
ATOM   472  O O   . GLN A 1 61  ? 3.088   5.969   -15.139 1.00 34.29 ? 61  GLN A O   1 
ATOM   473  C CB  . GLN A 1 61  ? 2.009   3.197   -14.544 1.00 31.94 ? 61  GLN A CB  1 
ATOM   474  C CG  . GLN A 1 61  ? 2.713   2.521   -13.378 1.00 36.79 ? 61  GLN A CG  1 
ATOM   475  C CD  . GLN A 1 61  ? 3.077   1.075   -13.663 1.00 38.21 ? 61  GLN A CD  1 
ATOM   476  O OE1 . GLN A 1 61  ? 2.268   0.308   -14.191 1.00 38.10 ? 61  GLN A OE1 1 
ATOM   477  N NE2 . GLN A 1 61  ? 4.295   0.691   -13.301 1.00 40.56 ? 61  GLN A NE2 1 
ATOM   478  N N   . LYS A 1 62  ? 2.781   6.085   -12.909 1.00 31.58 ? 62  LYS A N   1 
ATOM   479  C CA  . LYS A 1 62  ? 3.809   7.098   -12.683 1.00 30.70 ? 62  LYS A CA  1 
ATOM   480  C C   . LYS A 1 62  ? 5.192   6.465   -12.577 1.00 32.50 ? 62  LYS A C   1 
ATOM   481  O O   . LYS A 1 62  ? 5.324   5.267   -12.312 1.00 31.77 ? 62  LYS A O   1 
ATOM   482  C CB  . LYS A 1 62  ? 3.525   7.863   -11.387 1.00 31.19 ? 62  LYS A CB  1 
ATOM   483  C CG  . LYS A 1 62  ? 2.155   8.511   -11.321 1.00 30.82 ? 62  LYS A CG  1 
ATOM   484  C CD  . LYS A 1 62  ? 2.002   9.369   -10.067 1.00 31.71 ? 62  LYS A CD  1 
ATOM   485  C CE  . LYS A 1 62  ? 3.013   10.509  -10.039 1.00 32.58 ? 62  LYS A CE  1 
ATOM   486  N NZ  . LYS A 1 62  ? 2.755   11.470  -8.929  1.00 34.11 ? 62  LYS A NZ  1 
ATOM   487  N N   . SER A 1 63  ? 6.226   7.276   -12.780 1.00 32.32 ? 63  SER A N   1 
ATOM   488  C CA  . SER A 1 63  ? 7.590   6.788   -12.673 1.00 33.10 ? 63  SER A CA  1 
ATOM   489  C C   . SER A 1 63  ? 7.934   6.702   -11.184 1.00 33.60 ? 63  SER A C   1 
ATOM   490  O O   . SER A 1 63  ? 7.298   7.352   -10.354 1.00 32.13 ? 63  SER A O   1 
ATOM   491  C CB  . SER A 1 63  ? 8.555   7.741   -13.383 1.00 33.85 ? 63  SER A CB  1 
ATOM   492  O OG  . SER A 1 63  ? 8.582   9.004   -12.744 1.00 34.50 ? 63  SER A OG  1 
ATOM   493  N N   . THR A 1 64  ? 8.934   5.897   -10.846 1.00 33.09 ? 64  THR A N   1 
ATOM   494  C CA  . THR A 1 64  ? 9.336   5.738   -9.452  1.00 32.33 ? 64  THR A CA  1 
ATOM   495  C C   . THR A 1 64  ? 10.846  5.763   -9.320  1.00 32.01 ? 64  THR A C   1 
ATOM   496  O O   . THR A 1 64  ? 11.563  5.872   -10.312 1.00 31.36 ? 64  THR A O   1 
ATOM   497  C CB  . THR A 1 64  ? 8.875   4.393   -8.886  1.00 32.50 ? 64  THR A CB  1 
ATOM   498  O OG1 . THR A 1 64  ? 9.559   3.339   -9.576  1.00 30.57 ? 64  THR A OG1 1 
ATOM   499  C CG2 . THR A 1 64  ? 7.369   4.220   -9.052  1.00 32.15 ? 64  THR A CG2 1 
ATOM   500  N N   . ARG A 1 65  ? 11.317  5.651   -8.083  1.00 31.43 ? 65  ARG A N   1 
ATOM   501  C CA  . ARG A 1 65  ? 12.743  5.615   -7.799  1.00 32.02 ? 65  ARG A CA  1 
ATOM   502  C C   . ARG A 1 65  ? 13.146  4.141   -7.756  1.00 32.54 ? 65  ARG A C   1 
ATOM   503  O O   . ARG A 1 65  ? 12.305  3.265   -7.961  1.00 32.13 ? 65  ARG A O   1 
ATOM   504  C CB  . ARG A 1 65  ? 13.037  6.302   -6.459  1.00 31.10 ? 65  ARG A CB  1 
ATOM   505  C CG  . ARG A 1 65  ? 12.900  7.813   -6.523  1.00 29.18 ? 65  ARG A CG  1 
ATOM   506  C CD  . ARG A 1 65  ? 13.290  8.504   -5.219  1.00 30.04 ? 65  ARG A CD  1 
ATOM   507  N NE  . ARG A 1 65  ? 12.237  8.478   -4.206  1.00 26.53 ? 65  ARG A NE  1 
ATOM   508  C CZ  . ARG A 1 65  ? 12.151  7.585   -3.226  1.00 28.34 ? 65  ARG A CZ  1 
ATOM   509  N NH1 . ARG A 1 65  ? 13.063  6.625   -3.118  1.00 29.62 ? 65  ARG A NH1 1 
ATOM   510  N NH2 . ARG A 1 65  ? 11.154  7.653   -2.349  1.00 26.42 ? 65  ARG A NH2 1 
ATOM   511  N N   . ALA A 1 66  ? 14.421  3.864   -7.494  1.00 31.65 ? 66  ALA A N   1 
ATOM   512  C CA  . ALA A 1 66  ? 14.912  2.486   -7.443  1.00 31.44 ? 66  ALA A CA  1 
ATOM   513  C C   . ALA A 1 66  ? 14.222  1.659   -6.352  1.00 30.67 ? 66  ALA A C   1 
ATOM   514  O O   . ALA A 1 66  ? 13.780  2.202   -5.342  1.00 28.11 ? 66  ALA A O   1 
ATOM   515  C CB  . ALA A 1 66  ? 16.417  2.483   -7.223  1.00 30.29 ? 66  ALA A CB  1 
ATOM   516  N N   . PRO A 1 67  ? 14.143  0.326   -6.540  1.00 31.43 ? 67  PRO A N   1 
ATOM   517  C CA  . PRO A 1 67  ? 13.508  -0.586  -5.580  1.00 31.18 ? 67  PRO A CA  1 
ATOM   518  C C   . PRO A 1 67  ? 14.241  -0.598  -4.250  1.00 31.40 ? 67  PRO A C   1 
ATOM   519  O O   . PRO A 1 67  ? 15.350  -0.084  -4.138  1.00 32.80 ? 67  PRO A O   1 
ATOM   520  C CB  . PRO A 1 67  ? 13.600  -1.955  -6.264  1.00 32.58 ? 67  PRO A CB  1 
ATOM   521  C CG  . PRO A 1 67  ? 13.820  -1.635  -7.713  1.00 32.21 ? 67  PRO A CG  1 
ATOM   522  C CD  . PRO A 1 67  ? 14.719  -0.434  -7.662  1.00 30.85 ? 67  PRO A CD  1 
ATOM   523  N N   . ILE A 1 68  ? 13.624  -1.208  -3.249  1.00 29.88 ? 68  ILE A N   1 
ATOM   524  C CA  . ILE A 1 68  ? 14.233  -1.298  -1.937  1.00 29.88 ? 68  ILE A CA  1 
ATOM   525  C C   . ILE A 1 68  ? 14.306  -2.764  -1.544  1.00 29.84 ? 68  ILE A C   1 
ATOM   526  O O   . ILE A 1 68  ? 13.573  -3.601  -2.089  1.00 28.34 ? 68  ILE A O   1 
ATOM   527  C CB  . ILE A 1 68  ? 13.412  -0.518  -0.883  1.00 29.10 ? 68  ILE A CB  1 
ATOM   528  C CG1 . ILE A 1 68  ? 12.004  -1.105  -0.763  1.00 30.18 ? 68  ILE A CG1 1 
ATOM   529  C CG2 . ILE A 1 68  ? 13.322  0.946   -1.283  1.00 29.89 ? 68  ILE A CG2 1 
ATOM   530  C CD1 . ILE A 1 68  ? 11.177  -0.495  0.364   1.00 27.52 ? 68  ILE A CD1 1 
ATOM   531  N N   . LYS A 1 69  ? 15.196  -3.082  -0.612  1.00 29.25 ? 69  LYS A N   1 
ATOM   532  C CA  . LYS A 1 69  ? 15.333  -4.459  -0.170  1.00 31.57 ? 69  LYS A CA  1 
ATOM   533  C C   . LYS A 1 69  ? 14.086  -4.831  0.610   1.00 30.64 ? 69  LYS A C   1 
ATOM   534  O O   . LYS A 1 69  ? 13.446  -3.976  1.218   1.00 31.30 ? 69  LYS A O   1 
ATOM   535  C CB  . LYS A 1 69  ? 16.571  -4.631  0.712   1.00 32.70 ? 69  LYS A CB  1 
ATOM   536  C CG  . LYS A 1 69  ? 16.523  -3.885  2.030   1.00 34.93 ? 69  LYS A CG  1 
ATOM   537  C CD  . LYS A 1 69  ? 17.726  -4.252  2.881   1.00 38.07 ? 69  LYS A CD  1 
ATOM   538  C CE  . LYS A 1 69  ? 17.695  -3.568  4.238   1.00 39.53 ? 69  LYS A CE  1 
ATOM   539  N NZ  . LYS A 1 69  ? 18.791  -4.081  5.113   1.00 40.23 ? 69  LYS A NZ  1 
ATOM   540  N N   . ASN A 1 70  ? 13.733  -6.109  0.587   1.00 30.09 ? 70  ASN A N   1 
ATOM   541  C CA  . ASN A 1 70  ? 12.549  -6.557  1.299   1.00 28.75 ? 70  ASN A CA  1 
ATOM   542  C C   . ASN A 1 70  ? 12.845  -6.692  2.791   1.00 28.67 ? 70  ASN A C   1 
ATOM   543  O O   . ASN A 1 70  ? 13.739  -7.438  3.188   1.00 29.60 ? 70  ASN A O   1 
ATOM   544  C CB  . ASN A 1 70  ? 12.080  -7.898  0.741   1.00 26.80 ? 70  ASN A CB  1 
ATOM   545  C CG  . ASN A 1 70  ? 10.693  -8.258  1.208   1.00 26.78 ? 70  ASN A CG  1 
ATOM   546  O OD1 . ASN A 1 70  ? 10.383  -8.159  2.393   1.00 26.42 ? 70  ASN A OD1 1 
ATOM   547  N ND2 . ASN A 1 70  ? 9.846   -8.686  0.279   1.00 26.96 ? 70  ASN A ND2 1 
ATOM   548  N N   . GLU A 1 71  ? 12.093  -5.968  3.616   1.00 26.48 ? 71  GLU A N   1 
ATOM   549  C CA  . GLU A 1 71  ? 12.285  -6.017  5.062   1.00 25.70 ? 71  GLU A CA  1 
ATOM   550  C C   . GLU A 1 71  ? 11.169  -6.814  5.736   1.00 25.49 ? 71  GLU A C   1 
ATOM   551  O O   . GLU A 1 71  ? 10.901  -6.642  6.925   1.00 25.44 ? 71  GLU A O   1 
ATOM   552  C CB  . GLU A 1 71  ? 12.312  -4.599  5.641   1.00 26.34 ? 71  GLU A CB  1 
ATOM   553  C CG  . GLU A 1 71  ? 13.345  -3.668  5.012   1.00 26.31 ? 71  GLU A CG  1 
ATOM   554  C CD  . GLU A 1 71  ? 13.450  -2.345  5.753   1.00 27.03 ? 71  GLU A CD  1 
ATOM   555  O OE1 . GLU A 1 71  ? 12.400  -1.713  5.992   1.00 22.01 ? 71  GLU A OE1 1 
ATOM   556  O OE2 . GLU A 1 71  ? 14.581  -1.936  6.096   1.00 26.70 ? 71  GLU A OE2 1 
ATOM   557  N N   . ALA A 1 72  ? 10.532  -7.701  4.978   1.00 23.77 ? 72  ALA A N   1 
ATOM   558  C CA  . ALA A 1 72  ? 9.427   -8.498  5.499   1.00 24.62 ? 72  ALA A CA  1 
ATOM   559  C C   . ALA A 1 72  ? 9.779   -9.385  6.686   1.00 23.74 ? 72  ALA A C   1 
ATOM   560  O O   . ALA A 1 72  ? 8.906   -9.725  7.483   1.00 22.47 ? 72  ALA A O   1 
ATOM   561  C CB  . ALA A 1 72  ? 8.820   -9.343  4.379   1.00 25.86 ? 72  ALA A CB  1 
ATOM   562  N N   . ASN A 1 73  ? 11.045  -9.772  6.804   1.00 23.83 ? 73  ASN A N   1 
ATOM   563  C CA  . ASN A 1 73  ? 11.457  -10.623 7.914   1.00 23.35 ? 73  ASN A CA  1 
ATOM   564  C C   . ASN A 1 73  ? 11.787  -9.750  9.120   1.00 24.17 ? 73  ASN A C   1 
ATOM   565  O O   . ASN A 1 73  ? 12.931  -9.709  9.579   1.00 24.32 ? 73  ASN A O   1 
ATOM   566  C CB  . ASN A 1 73  ? 12.673  -11.480 7.519   1.00 22.86 ? 73  ASN A CB  1 
ATOM   567  C CG  . ASN A 1 73  ? 13.128  -12.400 8.644   1.00 23.59 ? 73  ASN A CG  1 
ATOM   568  O OD1 . ASN A 1 73  ? 12.316  -12.885 9.433   1.00 20.83 ? 73  ASN A OD1 1 
ATOM   569  N ND2 . ASN A 1 73  ? 14.432  -12.655 8.714   1.00 25.73 ? 73  ASN A ND2 1 
ATOM   570  N N   . ASN A 1 74  ? 10.776  -9.044  9.623   1.00 23.00 ? 74  ASN A N   1 
ATOM   571  C CA  . ASN A 1 74  ? 10.955  -8.171  10.775  1.00 21.61 ? 74  ASN A CA  1 
ATOM   572  C C   . ASN A 1 74  ? 10.024  -8.544  11.912  1.00 20.78 ? 74  ASN A C   1 
ATOM   573  O O   . ASN A 1 74  ? 9.904   -7.812  12.887  1.00 20.53 ? 74  ASN A O   1 
ATOM   574  C CB  . ASN A 1 74  ? 10.740  -6.704  10.384  1.00 21.22 ? 74  ASN A CB  1 
ATOM   575  C CG  . ASN A 1 74  ? 9.343   -6.433  9.852   1.00 20.92 ? 74  ASN A CG  1 
ATOM   576  O OD1 . ASN A 1 74  ? 8.471   -7.300  9.892   1.00 19.17 ? 74  ASN A OD1 1 
ATOM   577  N ND2 . ASN A 1 74  ? 9.125   -5.221  9.356   1.00 17.41 ? 74  ASN A ND2 1 
ATOM   578  N N   . GLY A 1 75  ? 9.365   -9.691  11.784  1.00 20.90 ? 75  GLY A N   1 
ATOM   579  C CA  . GLY A 1 75  ? 8.472   -10.153 12.830  1.00 20.46 ? 75  GLY A CA  1 
ATOM   580  C C   . GLY A 1 75  ? 7.084   -9.536  12.846  1.00 22.03 ? 75  GLY A C   1 
ATOM   581  O O   . GLY A 1 75  ? 6.283   -9.852  13.724  1.00 22.72 ? 75  GLY A O   1 
ATOM   582  N N   . LEU A 1 76  ? 6.790   -8.662  11.888  1.00 21.24 ? 76  LEU A N   1 
ATOM   583  C CA  . LEU A 1 76  ? 5.478   -8.019  11.824  1.00 19.10 ? 76  LEU A CA  1 
ATOM   584  C C   . LEU A 1 76  ? 4.536   -8.723  10.855  1.00 19.10 ? 76  LEU A C   1 
ATOM   585  O O   . LEU A 1 76  ? 4.841   -8.877  9.675   1.00 20.78 ? 76  LEU A O   1 
ATOM   586  C CB  . LEU A 1 76  ? 5.618   -6.557  11.408  1.00 20.25 ? 76  LEU A CB  1 
ATOM   587  C CG  . LEU A 1 76  ? 6.452   -5.687  12.344  1.00 22.54 ? 76  LEU A CG  1 
ATOM   588  C CD1 . LEU A 1 76  ? 6.481   -4.262  11.824  1.00 22.98 ? 76  LEU A CD1 1 
ATOM   589  C CD2 . LEU A 1 76  ? 5.871   -5.743  13.748  1.00 23.55 ? 76  LEU A CD2 1 
ATOM   590  N N   . SER A 1 77  ? 3.381   -9.131  11.365  1.00 18.49 ? 77  SER A N   1 
ATOM   591  C CA  . SER A 1 77  ? 2.386   -9.821  10.565  1.00 19.34 ? 77  SER A CA  1 
ATOM   592  C C   . SER A 1 77  ? 1.487   -8.835  9.815   1.00 20.08 ? 77  SER A C   1 
ATOM   593  O O   . SER A 1 77  ? 1.287   -7.695  10.242  1.00 17.59 ? 77  SER A O   1 
ATOM   594  C CB  . SER A 1 77  ? 1.530   -10.708 11.468  1.00 18.55 ? 77  SER A CB  1 
ATOM   595  O OG  . SER A 1 77  ? 0.566   -11.421 10.715  1.00 23.38 ? 77  SER A OG  1 
ATOM   596  N N   . ASN A 1 78  ? 0.951   -9.288  8.689   1.00 20.19 ? 78  ASN A N   1 
ATOM   597  C CA  . ASN A 1 78  ? 0.059   -8.470  7.888   1.00 18.54 ? 78  ASN A CA  1 
ATOM   598  C C   . ASN A 1 78  ? -1.335  -8.488  8.509   1.00 18.56 ? 78  ASN A C   1 
ATOM   599  O O   . ASN A 1 78  ? -2.299  -9.009  7.937   1.00 18.29 ? 78  ASN A O   1 
ATOM   600  C CB  . ASN A 1 78  ? 0.045   -8.995  6.456   1.00 18.75 ? 78  ASN A CB  1 
ATOM   601  C CG  . ASN A 1 78  ? 1.233   -8.506  5.658   1.00 18.85 ? 78  ASN A CG  1 
ATOM   602  O OD1 . ASN A 1 78  ? 1.160   -7.473  5.002   1.00 18.71 ? 78  ASN A OD1 1 
ATOM   603  N ND2 . ASN A 1 78  ? 2.350   -9.230  5.736   1.00 20.84 ? 78  ASN A ND2 1 
ATOM   604  N N   . LYS A 1 79  ? -1.412  -7.917  9.707   1.00 17.61 ? 79  LYS A N   1 
ATOM   605  C CA  . LYS A 1 79  ? -2.647  -7.836  10.465  1.00 19.14 ? 79  LYS A CA  1 
ATOM   606  C C   . LYS A 1 79  ? -3.562  -6.778  9.853   1.00 17.45 ? 79  LYS A C   1 
ATOM   607  O O   . LYS A 1 79  ? -3.123  -5.922  9.077   1.00 14.15 ? 79  LYS A O   1 
ATOM   608  C CB  . LYS A 1 79  ? -2.346  -7.466  11.924  1.00 21.62 ? 79  LYS A CB  1 
ATOM   609  C CG  . LYS A 1 79  ? -1.675  -8.570  12.742  1.00 25.27 ? 79  LYS A CG  1 
ATOM   610  C CD  . LYS A 1 79  ? -2.689  -9.580  13.259  1.00 29.11 ? 79  LYS A CD  1 
ATOM   611  C CE  . LYS A 1 79  ? -2.003  -10.745 13.960  1.00 32.28 ? 79  LYS A CE  1 
ATOM   612  N NZ  . LYS A 1 79  ? -1.048  -10.286 15.016  1.00 33.68 ? 79  LYS A NZ  1 
ATOM   613  N N   . LYS A 1 80  ? -4.838  -6.850  10.207  1.00 16.83 ? 80  LYS A N   1 
ATOM   614  C CA  . LYS A 1 80  ? -5.819  -5.899  9.706   1.00 16.92 ? 80  LYS A CA  1 
ATOM   615  C C   . LYS A 1 80  ? -5.385  -4.467  10.006  1.00 17.67 ? 80  LYS A C   1 
ATOM   616  O O   . LYS A 1 80  ? -5.048  -4.135  11.143  1.00 16.20 ? 80  LYS A O   1 
ATOM   617  C CB  . LYS A 1 80  ? -7.178  -6.163  10.351  1.00 17.07 ? 80  LYS A CB  1 
ATOM   618  C CG  . LYS A 1 80  ? -8.315  -5.303  9.804   1.00 19.88 ? 80  LYS A CG  1 
ATOM   619  C CD  . LYS A 1 80  ? -9.645  -5.676  10.468  1.00 22.78 ? 80  LYS A CD  1 
ATOM   620  C CE  . LYS A 1 80  ? -10.827 -4.990  9.798   1.00 26.56 ? 80  LYS A CE  1 
ATOM   621  N NZ  . LYS A 1 80  ? -12.140 -5.371  10.420  1.00 27.73 ? 80  LYS A NZ  1 
ATOM   622  N N   . TYR A 1 81  ? -5.384  -3.639  8.967   1.00 17.19 ? 81  TYR A N   1 
ATOM   623  C CA  . TYR A 1 81  ? -5.033  -2.229  9.061   1.00 16.93 ? 81  TYR A CA  1 
ATOM   624  C C   . TYR A 1 81  ? -3.552  -1.894  9.018   1.00 17.14 ? 81  TYR A C   1 
ATOM   625  O O   . TYR A 1 81  ? -3.183  -0.722  9.104   1.00 15.93 ? 81  TYR A O   1 
ATOM   626  C CB  . TYR A 1 81  ? -5.669  -1.591  10.300  1.00 18.78 ? 81  TYR A CB  1 
ATOM   627  C CG  . TYR A 1 81  ? -7.183  -1.634  10.296  1.00 21.80 ? 81  TYR A CG  1 
ATOM   628  C CD1 . TYR A 1 81  ? -7.914  -1.233  9.177   1.00 20.12 ? 81  TYR A CD1 1 
ATOM   629  C CD2 . TYR A 1 81  ? -7.885  -2.075  11.418  1.00 20.81 ? 81  TYR A CD2 1 
ATOM   630  C CE1 . TYR A 1 81  ? -9.309  -1.272  9.179   1.00 21.89 ? 81  TYR A CE1 1 
ATOM   631  C CE2 . TYR A 1 81  ? -9.271  -2.118  11.428  1.00 23.15 ? 81  TYR A CE2 1 
ATOM   632  C CZ  . TYR A 1 81  ? -9.979  -1.718  10.311  1.00 23.30 ? 81  TYR A CZ  1 
ATOM   633  O OH  . TYR A 1 81  ? -11.356 -1.776  10.337  1.00 25.82 ? 81  TYR A OH  1 
ATOM   634  N N   . THR A 1 82  ? -2.698  -2.901  8.882   1.00 17.65 ? 82  THR A N   1 
ATOM   635  C CA  . THR A 1 82  ? -1.274  -2.620  8.774   1.00 17.43 ? 82  THR A CA  1 
ATOM   636  C C   . THR A 1 82  ? -1.037  -2.242  7.320   1.00 18.51 ? 82  THR A C   1 
ATOM   637  O O   . THR A 1 82  ? -1.801  -2.647  6.438   1.00 18.35 ? 82  THR A O   1 
ATOM   638  C CB  . THR A 1 82  ? -0.394  -3.854  9.092   1.00 20.67 ? 82  THR A CB  1 
ATOM   639  O OG1 . THR A 1 82  ? -0.768  -4.950  8.241   1.00 20.90 ? 82  THR A OG1 1 
ATOM   640  C CG2 . THR A 1 82  ? -0.542  -4.251  10.548  1.00 18.72 ? 82  THR A CG2 1 
ATOM   641  N N   . ILE A 1 83  ? -0.003  -1.442  7.071   1.00 18.24 ? 83  ILE A N   1 
ATOM   642  C CA  . ILE A 1 83  ? 0.339   -1.057  5.708   1.00 17.07 ? 83  ILE A CA  1 
ATOM   643  C C   . ILE A 1 83  ? 1.627   -1.806  5.339   1.00 17.79 ? 83  ILE A C   1 
ATOM   644  O O   . ILE A 1 83  ? 2.523   -1.978  6.178   1.00 15.34 ? 83  ILE A O   1 
ATOM   645  C CB  . ILE A 1 83  ? 0.548   0.479   5.576   1.00 17.24 ? 83  ILE A CB  1 
ATOM   646  C CG1 . ILE A 1 83  ? 0.793   0.848   4.111   1.00 14.96 ? 83  ILE A CG1 1 
ATOM   647  C CG2 . ILE A 1 83  ? 1.712   0.926   6.446   1.00 20.58 ? 83  ILE A CG2 1 
ATOM   648  C CD1 . ILE A 1 83  ? 0.732   2.348   3.827   1.00 15.35 ? 83  ILE A CD1 1 
ATOM   649  N N   . ALA A 1 84  ? 1.708   -2.262  4.092   1.00 16.58 ? 84  ALA A N   1 
ATOM   650  C CA  . ALA A 1 84  ? 2.869   -3.014  3.618   1.00 17.45 ? 84  ALA A CA  1 
ATOM   651  C C   . ALA A 1 84  ? 3.139   -2.678  2.157   1.00 18.85 ? 84  ALA A C   1 
ATOM   652  O O   . ALA A 1 84  ? 2.283   -2.103  1.482   1.00 18.52 ? 84  ALA A O   1 
ATOM   653  C CB  . ALA A 1 84  ? 2.616   -4.509  3.777   1.00 19.07 ? 84  ALA A CB  1 
ATOM   654  N N   . MET A 1 85  ? 4.318   -3.056  1.670   1.00 17.25 ? 85  MET A N   1 
ATOM   655  C CA  . MET A 1 85  ? 4.714   -2.763  0.297   1.00 15.89 ? 85  MET A CA  1 
ATOM   656  C C   . MET A 1 85  ? 4.296   -3.782  -0.760  1.00 16.42 ? 85  MET A C   1 
ATOM   657  O O   . MET A 1 85  ? 4.552   -4.981  -0.624  1.00 16.27 ? 85  MET A O   1 
ATOM   658  C CB  . MET A 1 85  ? 6.234   -2.592  0.222   1.00 18.20 ? 85  MET A CB  1 
ATOM   659  C CG  . MET A 1 85  ? 6.787   -1.417  1.000   1.00 18.09 ? 85  MET A CG  1 
ATOM   660  S SD  . MET A 1 85  ? 6.078   0.157   0.487   1.00 21.68 ? 85  MET A SD  1 
ATOM   661  C CE  . MET A 1 85  ? 6.602   0.216   -1.215  1.00 19.63 ? 85  MET A CE  1 
ATOM   662  N N   . ALA A 1 86  ? 3.657   -3.292  -1.821  1.00 16.58 ? 86  ALA A N   1 
ATOM   663  C CA  . ALA A 1 86  ? 3.251   -4.144  -2.932  1.00 18.22 ? 86  ALA A CA  1 
ATOM   664  C C   . ALA A 1 86  ? 4.494   -4.242  -3.798  1.00 18.95 ? 86  ALA A C   1 
ATOM   665  O O   . ALA A 1 86  ? 5.423   -3.441  -3.652  1.00 18.67 ? 86  ALA A O   1 
ATOM   666  C CB  . ALA A 1 86  ? 2.120   -3.502  -3.724  1.00 16.26 ? 86  ALA A CB  1 
ATOM   667  N N   . ARG A 1 87  ? 4.527   -5.201  -4.710  1.00 18.53 ? 87  ARG A N   1 
ATOM   668  C CA  . ARG A 1 87  ? 5.708   -5.334  -5.545  1.00 20.99 ? 87  ARG A CA  1 
ATOM   669  C C   . ARG A 1 87  ? 5.522   -6.293  -6.695  1.00 22.66 ? 87  ARG A C   1 
ATOM   670  O O   . ARG A 1 87  ? 4.417   -6.724  -7.008  1.00 22.24 ? 87  ARG A O   1 
ATOM   671  C CB  . ARG A 1 87  ? 6.889   -5.816  -4.701  1.00 19.51 ? 87  ARG A CB  1 
ATOM   672  C CG  . ARG A 1 87  ? 6.643   -7.160  -4.015  1.00 19.00 ? 87  ARG A CG  1 
ATOM   673  C CD  . ARG A 1 87  ? 7.864   -7.596  -3.214  1.00 19.55 ? 87  ARG A CD  1 
ATOM   674  N NE  . ARG A 1 87  ? 7.621   -8.764  -2.366  1.00 16.76 ? 87  ARG A NE  1 
ATOM   675  C CZ  . ARG A 1 87  ? 7.524   -10.019 -2.798  1.00 18.62 ? 87  ARG A CZ  1 
ATOM   676  N NH1 . ARG A 1 87  ? 7.646   -10.305 -4.089  1.00 19.25 ? 87  ARG A NH1 1 
ATOM   677  N NH2 . ARG A 1 87  ? 7.315   -10.997 -1.925  1.00 18.81 ? 87  ARG A NH2 1 
ATOM   678  N N   . THR A 1 88  ? 6.657   -6.617  -7.293  1.00 25.41 ? 88  THR A N   1 
ATOM   679  C CA  . THR A 1 88  ? 6.785   -7.527  -8.413  1.00 26.45 ? 88  THR A CA  1 
ATOM   680  C C   . THR A 1 88  ? 7.082   -8.893  -7.788  1.00 28.40 ? 88  THR A C   1 
ATOM   681  O O   . THR A 1 88  ? 7.335   -8.976  -6.588  1.00 27.92 ? 88  THR A O   1 
ATOM   682  C CB  . THR A 1 88  ? 7.978   -7.037  -9.281  1.00 26.91 ? 88  THR A CB  1 
ATOM   683  O OG1 . THR A 1 88  ? 7.509   -6.071  -10.230 1.00 29.12 ? 88  THR A OG1 1 
ATOM   684  C CG2 . THR A 1 88  ? 8.678   -8.165  -9.967  1.00 27.78 ? 88  THR A CG2 1 
ATOM   685  N N   . PRO A 1 89  ? 7.004   -9.983  -8.574  1.00 29.34 ? 89  PRO A N   1 
ATOM   686  C CA  . PRO A 1 89  ? 7.304   -11.296 -7.992  1.00 31.58 ? 89  PRO A CA  1 
ATOM   687  C C   . PRO A 1 89  ? 8.712   -11.276 -7.385  1.00 32.25 ? 89  PRO A C   1 
ATOM   688  O O   . PRO A 1 89  ? 9.034   -12.063 -6.496  1.00 33.39 ? 89  PRO A O   1 
ATOM   689  C CB  . PRO A 1 89  ? 7.202   -12.226 -9.194  1.00 31.37 ? 89  PRO A CB  1 
ATOM   690  C CG  . PRO A 1 89  ? 6.071   -11.616 -9.965  1.00 31.46 ? 89  PRO A CG  1 
ATOM   691  C CD  . PRO A 1 89  ? 6.379   -10.131 -9.902  1.00 30.31 ? 89  PRO A CD  1 
ATOM   692  N N   . ASP A 1 90  ? 9.538   -10.361 -7.884  1.00 32.71 ? 90  ASP A N   1 
ATOM   693  C CA  . ASP A 1 90  ? 10.910  -10.178 -7.410  1.00 34.10 ? 90  ASP A CA  1 
ATOM   694  C C   . ASP A 1 90  ? 10.812  -9.614  -5.991  1.00 32.48 ? 90  ASP A C   1 
ATOM   695  O O   . ASP A 1 90  ? 10.290  -8.520  -5.788  1.00 33.21 ? 90  ASP A O   1 
ATOM   696  C CB  . ASP A 1 90  ? 11.643  -9.188  -8.333  1.00 35.61 ? 90  ASP A CB  1 
ATOM   697  C CG  . ASP A 1 90  ? 13.008  -8.763  -7.792  1.00 41.22 ? 90  ASP A CG  1 
ATOM   698  O OD1 . ASP A 1 90  ? 13.094  -8.380  -6.606  1.00 44.88 ? 90  ASP A OD1 1 
ATOM   699  O OD2 . ASP A 1 90  ? 13.997  -8.790  -8.558  1.00 42.49 ? 90  ASP A OD2 1 
ATOM   700  N N   . PRO A 1 91  ? 11.307  -10.359 -4.993  1.00 30.78 ? 91  PRO A N   1 
ATOM   701  C CA  . PRO A 1 91  ? 11.270  -9.937  -3.590  1.00 30.09 ? 91  PRO A CA  1 
ATOM   702  C C   . PRO A 1 91  ? 11.809  -8.539  -3.297  1.00 28.32 ? 91  PRO A C   1 
ATOM   703  O O   . PRO A 1 91  ? 11.223  -7.801  -2.507  1.00 27.06 ? 91  PRO A O   1 
ATOM   704  C CB  . PRO A 1 91  ? 12.076  -11.026 -2.888  1.00 31.12 ? 91  PRO A CB  1 
ATOM   705  C CG  . PRO A 1 91  ? 11.725  -12.245 -3.694  1.00 32.80 ? 91  PRO A CG  1 
ATOM   706  C CD  . PRO A 1 91  ? 11.860  -11.721 -5.111  1.00 31.31 ? 91  PRO A CD  1 
ATOM   707  N N   . HIS A 1 92  ? 12.915  -8.173  -3.933  1.00 26.35 ? 92  HIS A N   1 
ATOM   708  C CA  . HIS A 1 92  ? 13.516  -6.866  -3.695  1.00 26.08 ? 92  HIS A CA  1 
ATOM   709  C C   . HIS A 1 92  ? 13.152  -5.838  -4.757  1.00 24.81 ? 92  HIS A C   1 
ATOM   710  O O   . HIS A 1 92  ? 13.993  -5.030  -5.154  1.00 24.81 ? 92  HIS A O   1 
ATOM   711  C CB  . HIS A 1 92  ? 15.039  -7.008  -3.616  1.00 26.90 ? 92  HIS A CB  1 
ATOM   712  C CG  . HIS A 1 92  ? 15.493  -8.050  -2.643  1.00 26.08 ? 92  HIS A CG  1 
ATOM   713  N ND1 . HIS A 1 92  ? 15.124  -8.037  -1.314  1.00 28.02 ? 92  HIS A ND1 1 
ATOM   714  C CD2 . HIS A 1 92  ? 16.259  -9.152  -2.810  1.00 25.90 ? 92  HIS A CD2 1 
ATOM   715  C CE1 . HIS A 1 92  ? 15.644  -9.088  -0.705  1.00 27.66 ? 92  HIS A CE1 1 
ATOM   716  N NE2 . HIS A 1 92  ? 16.336  -9.782  -1.590  1.00 26.87 ? 92  HIS A NE2 1 
ATOM   717  N N   . SER A 1 93  ? 11.896  -5.850  -5.197  1.00 22.49 ? 93  SER A N   1 
ATOM   718  C CA  . SER A 1 93  ? 11.454  -4.928  -6.242  1.00 22.72 ? 93  SER A CA  1 
ATOM   719  C C   . SER A 1 93  ? 10.490  -3.830  -5.802  1.00 22.50 ? 93  SER A C   1 
ATOM   720  O O   . SER A 1 93  ? 10.096  -3.003  -6.617  1.00 25.08 ? 93  SER A O   1 
ATOM   721  C CB  . SER A 1 93  ? 10.806  -5.713  -7.382  1.00 20.30 ? 93  SER A CB  1 
ATOM   722  O OG  . SER A 1 93  ? 9.699   -6.447  -6.898  1.00 24.86 ? 93  SER A OG  1 
ATOM   723  N N   . ALA A 1 94  ? 10.099  -3.822  -4.533  1.00 23.27 ? 94  ALA A N   1 
ATOM   724  C CA  . ALA A 1 94  ? 9.177   -2.802  -4.043  1.00 22.54 ? 94  ALA A CA  1 
ATOM   725  C C   . ALA A 1 94  ? 9.716   -1.398  -4.319  1.00 23.69 ? 94  ALA A C   1 
ATOM   726  O O   . ALA A 1 94  ? 10.911  -1.138  -4.162  1.00 22.33 ? 94  ALA A O   1 
ATOM   727  C CB  . ALA A 1 94  ? 8.945   -2.980  -2.556  1.00 21.36 ? 94  ALA A CB  1 
ATOM   728  N N   . SER A 1 95  ? 8.833   -0.501  -4.746  1.00 22.97 ? 95  SER A N   1 
ATOM   729  C CA  . SER A 1 95  ? 9.230   0.873   -5.021  1.00 23.47 ? 95  SER A CA  1 
ATOM   730  C C   . SER A 1 95  ? 8.261   1.856   -4.377  1.00 22.92 ? 95  SER A C   1 
ATOM   731  O O   . SER A 1 95  ? 8.463   2.253   -3.232  1.00 22.94 ? 95  SER A O   1 
ATOM   732  C CB  . SER A 1 95  ? 9.330   1.123   -6.534  1.00 24.23 ? 95  SER A CB  1 
ATOM   733  O OG  . SER A 1 95  ? 8.119   0.805   -7.203  1.00 31.15 ? 95  SER A OG  1 
ATOM   734  N N   . ALA A 1 96  ? 7.197   2.220   -5.088  1.00 21.21 ? 96  ALA A N   1 
ATOM   735  C CA  . ALA A 1 96  ? 6.232   3.181   -4.560  1.00 22.46 ? 96  ALA A CA  1 
ATOM   736  C C   . ALA A 1 96  ? 4.883   2.621   -4.120  1.00 22.46 ? 96  ALA A C   1 
ATOM   737  O O   . ALA A 1 96  ? 4.222   3.206   -3.259  1.00 22.20 ? 96  ALA A O   1 
ATOM   738  C CB  . ALA A 1 96  ? 6.005   4.296   -5.583  1.00 23.51 ? 96  ALA A CB  1 
ATOM   739  N N   . GLN A 1 97  ? 4.468   1.494   -4.690  1.00 21.04 ? 97  GLN A N   1 
ATOM   740  C CA  . GLN A 1 97  ? 3.167   0.932   -4.341  1.00 20.13 ? 97  GLN A CA  1 
ATOM   741  C C   . GLN A 1 97  ? 3.058   0.229   -2.991  1.00 19.23 ? 97  GLN A C   1 
ATOM   742  O O   . GLN A 1 97  ? 3.917   -0.561  -2.598  1.00 19.69 ? 97  GLN A O   1 
ATOM   743  C CB  . GLN A 1 97  ? 2.690   0.002   -5.456  1.00 21.96 ? 97  GLN A CB  1 
ATOM   744  C CG  . GLN A 1 97  ? 2.344   0.743   -6.748  1.00 21.58 ? 97  GLN A CG  1 
ATOM   745  C CD  . GLN A 1 97  ? 1.834   -0.188  -7.829  1.00 24.15 ? 97  GLN A CD  1 
ATOM   746  O OE1 . GLN A 1 97  ? 0.952   -1.014  -7.585  1.00 20.54 ? 97  GLN A OE1 1 
ATOM   747  N NE2 . GLN A 1 97  ? 2.379   -0.054  -9.034  1.00 26.93 ? 97  GLN A NE2 1 
ATOM   748  N N   . PHE A 1 98  ? 1.972   0.529   -2.292  1.00 19.23 ? 98  PHE A N   1 
ATOM   749  C CA  . PHE A 1 98  ? 1.698   -0.039  -0.983  1.00 18.26 ? 98  PHE A CA  1 
ATOM   750  C C   . PHE A 1 98  ? 0.253   -0.527  -0.908  1.00 18.91 ? 98  PHE A C   1 
ATOM   751  O O   . PHE A 1 98  ? -0.572  -0.203  -1.771  1.00 16.40 ? 98  PHE A O   1 
ATOM   752  C CB  . PHE A 1 98  ? 1.923   1.029   0.086   1.00 20.47 ? 98  PHE A CB  1 
ATOM   753  C CG  . PHE A 1 98  ? 1.023   2.227   -0.059  1.00 21.87 ? 98  PHE A CG  1 
ATOM   754  C CD1 . PHE A 1 98  ? -0.261  2.220   0.472   1.00 22.34 ? 98  PHE A CD1 1 
ATOM   755  C CD2 . PHE A 1 98  ? 1.454   3.357   -0.751  1.00 22.50 ? 98  PHE A CD2 1 
ATOM   756  C CE1 . PHE A 1 98  ? -1.105  3.322   0.314   1.00 23.38 ? 98  PHE A CE1 1 
ATOM   757  C CE2 . PHE A 1 98  ? 0.621   4.457   -0.914  1.00 22.78 ? 98  PHE A CE2 1 
ATOM   758  C CZ  . PHE A 1 98  ? -0.661  4.442   -0.381  1.00 23.96 ? 98  PHE A CZ  1 
ATOM   759  N N   . PHE A 1 99  ? -0.045  -1.313  0.122   1.00 16.71 ? 99  PHE A N   1 
ATOM   760  C CA  . PHE A 1 99  ? -1.392  -1.801  0.327   1.00 15.73 ? 99  PHE A CA  1 
ATOM   761  C C   . PHE A 1 99  ? -1.704  -1.831  1.809   1.00 16.05 ? 99  PHE A C   1 
ATOM   762  O O   . PHE A 1 99  ? -0.807  -1.934  2.653   1.00 17.52 ? 99  PHE A O   1 
ATOM   763  C CB  . PHE A 1 99  ? -1.589  -3.196  -0.302  1.00 17.87 ? 99  PHE A CB  1 
ATOM   764  C CG  . PHE A 1 99  ? -0.781  -4.299  0.348   1.00 16.89 ? 99  PHE A CG  1 
ATOM   765  C CD1 . PHE A 1 99  ? -1.333  -5.087  1.356   1.00 13.26 ? 99  PHE A CD1 1 
ATOM   766  C CD2 . PHE A 1 99  ? 0.514   -4.576  -0.087  1.00 15.18 ? 99  PHE A CD2 1 
ATOM   767  C CE1 . PHE A 1 99  ? -0.607  -6.147  1.924   1.00 13.57 ? 99  PHE A CE1 1 
ATOM   768  C CE2 . PHE A 1 99  ? 1.250   -5.625  0.467   1.00 13.50 ? 99  PHE A CE2 1 
ATOM   769  C CZ  . PHE A 1 99  ? 0.689   -6.415  1.473   1.00 13.67 ? 99  PHE A CZ  1 
ATOM   770  N N   . ILE A 1 100 ? -2.983  -1.701  2.122   1.00 16.49 ? 100 ILE A N   1 
ATOM   771  C CA  . ILE A 1 100 ? -3.445  -1.735  3.495   1.00 16.85 ? 100 ILE A CA  1 
ATOM   772  C C   . ILE A 1 100 ? -4.319  -2.976  3.655   1.00 18.97 ? 100 ILE A C   1 
ATOM   773  O O   . ILE A 1 100 ? -5.303  -3.153  2.935   1.00 18.05 ? 100 ILE A O   1 
ATOM   774  C CB  . ILE A 1 100 ? -4.279  -0.495  3.831   1.00 17.70 ? 100 ILE A CB  1 
ATOM   775  C CG1 . ILE A 1 100 ? -3.416  0.760   3.685   1.00 19.47 ? 100 ILE A CG1 1 
ATOM   776  C CG2 . ILE A 1 100 ? -4.855  -0.628  5.238   1.00 18.29 ? 100 ILE A CG2 1 
ATOM   777  C CD1 . ILE A 1 100 ? -4.187  2.062   3.807   1.00 22.32 ? 100 ILE A CD1 1 
ATOM   778  N N   . ASN A 1 101 ? -3.949  -3.841  4.593   1.00 17.57 ? 101 ASN A N   1 
ATOM   779  C CA  . ASN A 1 101 ? -4.711  -5.054  4.839   1.00 18.32 ? 101 ASN A CA  1 
ATOM   780  C C   . ASN A 1 101 ? -6.045  -4.696  5.480   1.00 18.43 ? 101 ASN A C   1 
ATOM   781  O O   . ASN A 1 101 ? -6.098  -3.930  6.443   1.00 17.98 ? 101 ASN A O   1 
ATOM   782  C CB  . ASN A 1 101 ? -3.925  -5.991  5.760   1.00 17.90 ? 101 ASN A CB  1 
ATOM   783  C CG  . ASN A 1 101 ? -2.643  -6.498  5.116   1.00 17.54 ? 101 ASN A CG  1 
ATOM   784  O OD1 . ASN A 1 101 ? -2.678  -7.333  4.208   1.00 17.64 ? 101 ASN A OD1 1 
ATOM   785  N ND2 . ASN A 1 101 ? -1.510  -5.987  5.575   1.00 17.28 ? 101 ASN A ND2 1 
ATOM   786  N N   . VAL A 1 102 ? -7.123  -5.254  4.943   1.00 19.61 ? 102 VAL A N   1 
ATOM   787  C CA  . VAL A 1 102 ? -8.455  -4.990  5.473   1.00 21.69 ? 102 VAL A CA  1 
ATOM   788  C C   . VAL A 1 102 ? -8.923  -6.217  6.239   1.00 22.69 ? 102 VAL A C   1 
ATOM   789  O O   . VAL A 1 102 ? -10.084 -6.326  6.628   1.00 23.00 ? 102 VAL A O   1 
ATOM   790  C CB  . VAL A 1 102 ? -9.452  -4.678  4.343   1.00 20.50 ? 102 VAL A CB  1 
ATOM   791  C CG1 . VAL A 1 102 ? -9.061  -3.376  3.660   1.00 20.82 ? 102 VAL A CG1 1 
ATOM   792  C CG2 . VAL A 1 102 ? -9.476  -5.828  3.332   1.00 21.03 ? 102 VAL A CG2 1 
ATOM   793  N N   . LYS A 1 103 ? -7.989  -7.133  6.462   1.00 24.54 ? 103 LYS A N   1 
ATOM   794  C CA  . LYS A 1 103 ? -8.265  -8.370  7.179   1.00 24.53 ? 103 LYS A CA  1 
ATOM   795  C C   . LYS A 1 103 ? -6.919  -8.924  7.625   1.00 23.93 ? 103 LYS A C   1 
ATOM   796  O O   . LYS A 1 103 ? -5.884  -8.541  7.080   1.00 21.32 ? 103 LYS A O   1 
ATOM   797  C CB  . LYS A 1 103 ? -8.957  -9.363  6.235   1.00 26.63 ? 103 LYS A CB  1 
ATOM   798  C CG  . LYS A 1 103 ? -9.284  -10.714 6.846   1.00 29.46 ? 103 LYS A CG  1 
ATOM   799  C CD  . LYS A 1 103 ? -9.882  -11.665 5.813   1.00 32.21 ? 103 LYS A CD  1 
ATOM   800  C CE  . LYS A 1 103 ? -10.105 -13.057 6.412   1.00 36.67 ? 103 LYS A CE  1 
ATOM   801  N NZ  . LYS A 1 103 ? -10.730 -14.020 5.451   1.00 39.70 ? 103 LYS A NZ  1 
ATOM   802  N N   . ASP A 1 104 ? -6.916  -9.800  8.627   1.00 24.36 ? 104 ASP A N   1 
ATOM   803  C CA  . ASP A 1 104 ? -5.656  -10.403 9.054   1.00 23.42 ? 104 ASP A CA  1 
ATOM   804  C C   . ASP A 1 104 ? -5.243  -11.308 7.895   1.00 23.57 ? 104 ASP A C   1 
ATOM   805  O O   . ASP A 1 104 ? -5.954  -12.256 7.558   1.00 24.09 ? 104 ASP A O   1 
ATOM   806  C CB  . ASP A 1 104 ? -5.843  -11.236 10.328  1.00 24.18 ? 104 ASP A CB  1 
ATOM   807  C CG  . ASP A 1 104 ? -5.948  -10.380 11.586  1.00 24.03 ? 104 ASP A CG  1 
ATOM   808  O OD1 . ASP A 1 104 ? -5.755  -9.151  11.503  1.00 24.46 ? 104 ASP A OD1 1 
ATOM   809  O OD2 . ASP A 1 104 ? -6.219  -10.943 12.668  1.00 22.67 ? 104 ASP A OD2 1 
ATOM   810  N N   . ASN A 1 105 ? -4.109  -11.001 7.270   1.00 22.30 ? 105 ASN A N   1 
ATOM   811  C CA  . ASN A 1 105 ? -3.622  -11.783 6.138   1.00 21.08 ? 105 ASN A CA  1 
ATOM   812  C C   . ASN A 1 105 ? -2.258  -12.407 6.432   1.00 20.20 ? 105 ASN A C   1 
ATOM   813  O O   . ASN A 1 105 ? -1.247  -12.050 5.820   1.00 19.84 ? 105 ASN A O   1 
ATOM   814  C CB  . ASN A 1 105 ? -3.535  -10.894 4.887   1.00 17.19 ? 105 ASN A CB  1 
ATOM   815  C CG  . ASN A 1 105 ? -4.893  -10.365 4.451   1.00 20.02 ? 105 ASN A CG  1 
ATOM   816  O OD1 . ASN A 1 105 ? -5.868  -11.115 4.385   1.00 18.97 ? 105 ASN A OD1 1 
ATOM   817  N ND2 . ASN A 1 105 ? -4.960  -9.070  4.138   1.00 17.31 ? 105 ASN A ND2 1 
ATOM   818  N N   . ALA A 1 106 ? -2.236  -13.354 7.365   1.00 21.92 ? 106 ALA A N   1 
ATOM   819  C CA  . ALA A 1 106 ? -0.994  -14.025 7.754   1.00 21.24 ? 106 ALA A CA  1 
ATOM   820  C C   . ALA A 1 106 ? -0.260  -14.657 6.569   1.00 20.98 ? 106 ALA A C   1 
ATOM   821  O O   . ALA A 1 106 ? 0.974   -14.746 6.566   1.00 21.26 ? 106 ALA A O   1 
ATOM   822  C CB  . ALA A 1 106 ? -1.294  -15.093 8.810   1.00 22.05 ? 106 ALA A CB  1 
ATOM   823  N N   . PHE A 1 107 ? -1.008  -15.083 5.557   1.00 19.85 ? 107 PHE A N   1 
ATOM   824  C CA  . PHE A 1 107 ? -0.396  -15.727 4.399   1.00 18.55 ? 107 PHE A CA  1 
ATOM   825  C C   . PHE A 1 107 ? 0.577   -14.831 3.635   1.00 18.95 ? 107 PHE A C   1 
ATOM   826  O O   . PHE A 1 107 ? 1.380   -15.320 2.833   1.00 15.17 ? 107 PHE A O   1 
ATOM   827  C CB  . PHE A 1 107 ? -1.476  -16.273 3.453   1.00 19.43 ? 107 PHE A CB  1 
ATOM   828  C CG  . PHE A 1 107 ? -2.335  -15.217 2.821   1.00 20.50 ? 107 PHE A CG  1 
ATOM   829  C CD1 . PHE A 1 107 ? -2.050  -14.741 1.545   1.00 21.85 ? 107 PHE A CD1 1 
ATOM   830  C CD2 . PHE A 1 107 ? -3.456  -14.729 3.484   1.00 23.02 ? 107 PHE A CD2 1 
ATOM   831  C CE1 . PHE A 1 107 ? -2.872  -13.793 0.933   1.00 21.63 ? 107 PHE A CE1 1 
ATOM   832  C CE2 . PHE A 1 107 ? -4.288  -13.778 2.879   1.00 21.68 ? 107 PHE A CE2 1 
ATOM   833  C CZ  . PHE A 1 107 ? -3.992  -13.314 1.601   1.00 21.58 ? 107 PHE A CZ  1 
ATOM   834  N N   . LEU A 1 108 ? 0.514   -13.529 3.905   1.00 18.46 ? 108 LEU A N   1 
ATOM   835  C CA  . LEU A 1 108 ? 1.389   -12.552 3.260   1.00 19.81 ? 108 LEU A CA  1 
ATOM   836  C C   . LEU A 1 108 ? 2.701   -12.381 4.021   1.00 19.19 ? 108 LEU A C   1 
ATOM   837  O O   . LEU A 1 108 ? 3.609   -11.709 3.548   1.00 18.39 ? 108 LEU A O   1 
ATOM   838  C CB  . LEU A 1 108 ? 0.694   -11.186 3.171   1.00 18.27 ? 108 LEU A CB  1 
ATOM   839  C CG  . LEU A 1 108 ? -0.587  -11.079 2.338   1.00 19.52 ? 108 LEU A CG  1 
ATOM   840  C CD1 . LEU A 1 108 ? -1.106  -9.640  2.374   1.00 16.94 ? 108 LEU A CD1 1 
ATOM   841  C CD2 . LEU A 1 108 ? -0.300  -11.501 0.908   1.00 13.76 ? 108 LEU A CD2 1 
ATOM   842  N N   . ASP A 1 109 ? 2.800   -12.990 5.198   1.00 21.06 ? 109 ASP A N   1 
ATOM   843  C CA  . ASP A 1 109 ? 4.010   -12.857 6.006   1.00 21.89 ? 109 ASP A CA  1 
ATOM   844  C C   . ASP A 1 109 ? 5.209   -13.647 5.504   1.00 22.82 ? 109 ASP A C   1 
ATOM   845  O O   . ASP A 1 109 ? 5.072   -14.669 4.830   1.00 22.63 ? 109 ASP A O   1 
ATOM   846  C CB  . ASP A 1 109 ? 3.745   -13.267 7.458   1.00 22.81 ? 109 ASP A CB  1 
ATOM   847  C CG  . ASP A 1 109 ? 2.625   -12.485 8.092   1.00 21.33 ? 109 ASP A CG  1 
ATOM   848  O OD1 . ASP A 1 109 ? 2.298   -11.385 7.588   1.00 24.28 ? 109 ASP A OD1 1 
ATOM   849  O OD2 . ASP A 1 109 ? 2.077   -12.966 9.106   1.00 20.72 ? 109 ASP A OD2 1 
ATOM   850  N N   . HIS A 1 110 ? 6.389   -13.157 5.860   1.00 22.54 ? 110 HIS A N   1 
ATOM   851  C CA  . HIS A 1 110 ? 7.640   -13.796 5.493   1.00 22.35 ? 110 HIS A CA  1 
ATOM   852  C C   . HIS A 1 110 ? 7.714   -15.169 6.158   1.00 23.26 ? 110 HIS A C   1 
ATOM   853  O O   . HIS A 1 110 ? 7.391   -15.315 7.338   1.00 21.40 ? 110 HIS A O   1 
ATOM   854  C CB  . HIS A 1 110 ? 8.818   -12.923 5.948   1.00 21.88 ? 110 HIS A CB  1 
ATOM   855  C CG  . HIS A 1 110 ? 10.163  -13.476 5.590   1.00 23.16 ? 110 HIS A CG  1 
ATOM   856  N ND1 . HIS A 1 110 ? 10.862  -14.331 6.415   1.00 25.79 ? 110 HIS A ND1 1 
ATOM   857  C CD2 . HIS A 1 110 ? 10.938  -13.295 4.494   1.00 21.98 ? 110 HIS A CD2 1 
ATOM   858  C CE1 . HIS A 1 110 ? 12.010  -14.652 5.843   1.00 23.47 ? 110 HIS A CE1 1 
ATOM   859  N NE2 . HIS A 1 110 ? 12.080  -14.037 4.676   1.00 23.55 ? 110 HIS A NE2 1 
ATOM   860  N N   . THR A 1 111 ? 8.118   -16.172 5.383   1.00 24.76 ? 111 THR A N   1 
ATOM   861  C CA  . THR A 1 111 ? 8.267   -17.533 5.891   1.00 26.35 ? 111 THR A CA  1 
ATOM   862  C C   . THR A 1 111 ? 9.700   -17.981 5.602   1.00 26.67 ? 111 THR A C   1 
ATOM   863  O O   . THR A 1 111 ? 10.292  -18.744 6.362   1.00 26.45 ? 111 THR A O   1 
ATOM   864  C CB  . THR A 1 111 ? 7.303   -18.524 5.197   1.00 26.47 ? 111 THR A CB  1 
ATOM   865  O OG1 . THR A 1 111 ? 7.555   -18.520 3.786   1.00 27.59 ? 111 THR A OG1 1 
ATOM   866  C CG2 . THR A 1 111 ? 5.857   -18.144 5.457   1.00 28.36 ? 111 THR A CG2 1 
ATOM   867  N N   . ALA A 1 112 ? 10.256  -17.496 4.498   1.00 27.52 ? 112 ALA A N   1 
ATOM   868  C CA  . ALA A 1 112 ? 11.617  -17.852 4.130   1.00 29.52 ? 112 ALA A CA  1 
ATOM   869  C C   . ALA A 1 112 ? 12.197  -16.869 3.132   1.00 30.94 ? 112 ALA A C   1 
ATOM   870  O O   . ALA A 1 112 ? 11.466  -16.193 2.409   1.00 31.24 ? 112 ALA A O   1 
ATOM   871  C CB  . ALA A 1 112 ? 11.653  -19.266 3.545   1.00 30.07 ? 112 ALA A CB  1 
ATOM   872  N N   . PRO A 1 113 ? 13.531  -16.765 3.093   1.00 31.42 ? 113 PRO A N   1 
ATOM   873  C CA  . PRO A 1 113 ? 14.189  -15.853 2.163   1.00 32.30 ? 113 PRO A CA  1 
ATOM   874  C C   . PRO A 1 113 ? 14.249  -16.506 0.783   1.00 33.60 ? 113 PRO A C   1 
ATOM   875  O O   . PRO A 1 113 ? 15.317  -16.620 0.180   1.00 35.12 ? 113 PRO A O   1 
ATOM   876  C CB  . PRO A 1 113 ? 15.562  -15.667 2.792   1.00 32.61 ? 113 PRO A CB  1 
ATOM   877  C CG  . PRO A 1 113 ? 15.829  -17.016 3.370   1.00 32.06 ? 113 PRO A CG  1 
ATOM   878  C CD  . PRO A 1 113 ? 14.509  -17.366 4.019   1.00 31.53 ? 113 PRO A CD  1 
ATOM   879  N N   . THR A 1 114 ? 13.087  -16.942 0.303   1.00 32.93 ? 114 THR A N   1 
ATOM   880  C CA  . THR A 1 114 ? 12.964  -17.585 -1.000  1.00 33.38 ? 114 THR A CA  1 
ATOM   881  C C   . THR A 1 114 ? 12.031  -16.783 -1.900  1.00 33.23 ? 114 THR A C   1 
ATOM   882  O O   . THR A 1 114 ? 11.275  -15.938 -1.429  1.00 31.94 ? 114 THR A O   1 
ATOM   883  C CB  . THR A 1 114 ? 12.386  -19.007 -0.873  1.00 35.03 ? 114 THR A CB  1 
ATOM   884  O OG1 . THR A 1 114 ? 11.049  -18.931 -0.366  1.00 35.80 ? 114 THR A OG1 1 
ATOM   885  C CG2 . THR A 1 114 ? 13.237  -19.853 0.073   1.00 34.95 ? 114 THR A CG2 1 
ATOM   886  N N   . ALA A 1 115 ? 12.080  -17.056 -3.198  1.00 32.14 ? 115 ALA A N   1 
ATOM   887  C CA  . ALA A 1 115 ? 11.237  -16.347 -4.152  1.00 32.78 ? 115 ALA A CA  1 
ATOM   888  C C   . ALA A 1 115 ? 9.769   -16.325 -3.723  1.00 32.49 ? 115 ALA A C   1 
ATOM   889  O O   . ALA A 1 115 ? 9.127   -15.273 -3.743  1.00 31.62 ? 115 ALA A O   1 
ATOM   890  C CB  . ALA A 1 115 ? 11.364  -16.985 -5.524  1.00 32.76 ? 115 ALA A CB  1 
ATOM   891  N N   . HIS A 1 116 ? 9.255   -17.480 -3.311  1.00 29.84 ? 116 HIS A N   1 
ATOM   892  C CA  . HIS A 1 116 ? 7.859   -17.602 -2.909  1.00 30.57 ? 116 HIS A CA  1 
ATOM   893  C C   . HIS A 1 116 ? 7.556   -17.343 -1.430  1.00 29.91 ? 116 HIS A C   1 
ATOM   894  O O   . HIS A 1 116 ? 6.405   -17.110 -1.062  1.00 29.94 ? 116 HIS A O   1 
ATOM   895  C CB  . HIS A 1 116 ? 7.342   -18.991 -3.297  1.00 33.07 ? 116 HIS A CB  1 
ATOM   896  C CG  . HIS A 1 116 ? 7.424   -19.277 -4.765  1.00 34.79 ? 116 HIS A CG  1 
ATOM   897  N ND1 . HIS A 1 116 ? 6.730   -18.545 -5.706  1.00 35.37 ? 116 HIS A ND1 1 
ATOM   898  C CD2 . HIS A 1 116 ? 8.123   -20.211 -5.454  1.00 34.48 ? 116 HIS A CD2 1 
ATOM   899  C CE1 . HIS A 1 116 ? 6.999   -19.015 -6.912  1.00 35.67 ? 116 HIS A CE1 1 
ATOM   900  N NE2 . HIS A 1 116 ? 7.842   -20.027 -6.787  1.00 35.70 ? 116 HIS A NE2 1 
ATOM   901  N N   . GLY A 1 117 ? 8.574   -17.371 -0.581  1.00 27.77 ? 117 GLY A N   1 
ATOM   902  C CA  . GLY A 1 117 ? 8.323   -17.155 0.832   1.00 26.84 ? 117 GLY A CA  1 
ATOM   903  C C   . GLY A 1 117 ? 8.725   -15.817 1.426   1.00 25.26 ? 117 GLY A C   1 
ATOM   904  O O   . GLY A 1 117 ? 8.419   -15.553 2.587   1.00 26.16 ? 117 GLY A O   1 
ATOM   905  N N   . TRP A 1 118 ? 9.394   -14.970 0.651   1.00 25.35 ? 118 TRP A N   1 
ATOM   906  C CA  . TRP A 1 118 ? 9.835   -13.678 1.172   1.00 24.99 ? 118 TRP A CA  1 
ATOM   907  C C   . TRP A 1 118 ? 8.732   -12.862 1.841   1.00 24.83 ? 118 TRP A C   1 
ATOM   908  O O   . TRP A 1 118 ? 8.988   -12.120 2.794   1.00 23.20 ? 118 TRP A O   1 
ATOM   909  C CB  . TRP A 1 118 ? 10.495  -12.849 0.069   1.00 27.84 ? 118 TRP A CB  1 
ATOM   910  C CG  . TRP A 1 118 ? 11.988  -12.890 0.135   1.00 33.60 ? 118 TRP A CG  1 
ATOM   911  C CD1 . TRP A 1 118 ? 12.826  -13.690 -0.592  1.00 34.96 ? 118 TRP A CD1 1 
ATOM   912  C CD2 . TRP A 1 118 ? 12.822  -12.133 1.016   1.00 35.27 ? 118 TRP A CD2 1 
ATOM   913  N NE1 . TRP A 1 118 ? 14.132  -13.478 -0.216  1.00 36.22 ? 118 TRP A NE1 1 
ATOM   914  C CE2 . TRP A 1 118 ? 14.158  -12.527 0.770   1.00 36.37 ? 118 TRP A CE2 1 
ATOM   915  C CE3 . TRP A 1 118 ? 12.570  -11.158 1.993   1.00 36.95 ? 118 TRP A CE3 1 
ATOM   916  C CZ2 . TRP A 1 118 ? 15.241  -11.981 1.467   1.00 36.31 ? 118 TRP A CZ2 1 
ATOM   917  C CZ3 . TRP A 1 118 ? 13.648  -10.615 2.687   1.00 36.82 ? 118 TRP A CZ3 1 
ATOM   918  C CH2 . TRP A 1 118 ? 14.968  -11.029 2.419   1.00 37.41 ? 118 TRP A CH2 1 
ATOM   919  N N   . GLY A 1 119 ? 7.508   -12.992 1.343   1.00 21.00 ? 119 GLY A N   1 
ATOM   920  C CA  . GLY A 1 119 ? 6.406   -12.265 1.941   1.00 19.63 ? 119 GLY A CA  1 
ATOM   921  C C   . GLY A 1 119 ? 6.390   -10.775 1.656   1.00 19.46 ? 119 GLY A C   1 
ATOM   922  O O   . GLY A 1 119 ? 7.159   -10.269 0.834   1.00 19.20 ? 119 GLY A O   1 
ATOM   923  N N   . TYR A 1 120 ? 5.521   -10.061 2.368   1.00 18.32 ? 120 TYR A N   1 
ATOM   924  C CA  . TYR A 1 120 ? 5.366   -8.629  2.153   1.00 17.75 ? 120 TYR A CA  1 
ATOM   925  C C   . TYR A 1 120 ? 5.649   -7.815  3.407   1.00 16.82 ? 120 TYR A C   1 
ATOM   926  O O   . TYR A 1 120 ? 5.088   -8.060  4.468   1.00 16.50 ? 120 TYR A O   1 
ATOM   927  C CB  . TYR A 1 120 ? 3.968   -8.388  1.593   1.00 17.41 ? 120 TYR A CB  1 
ATOM   928  C CG  . TYR A 1 120 ? 3.795   -9.172  0.311   1.00 18.25 ? 120 TYR A CG  1 
ATOM   929  C CD1 . TYR A 1 120 ? 4.061   -8.590  -0.931  1.00 17.76 ? 120 TYR A CD1 1 
ATOM   930  C CD2 . TYR A 1 120 ? 3.526   -10.542 0.353   1.00 18.87 ? 120 TYR A CD2 1 
ATOM   931  C CE1 . TYR A 1 120 ? 4.079   -9.358  -2.096  1.00 19.70 ? 120 TYR A CE1 1 
ATOM   932  C CE2 . TYR A 1 120 ? 3.545   -11.315 -0.799  1.00 20.22 ? 120 TYR A CE2 1 
ATOM   933  C CZ  . TYR A 1 120 ? 3.827   -10.722 -2.016  1.00 20.79 ? 120 TYR A CZ  1 
ATOM   934  O OH  . TYR A 1 120 ? 3.901   -11.511 -3.138  1.00 22.95 ? 120 TYR A OH  1 
ATOM   935  N N   . ALA A 1 121 ? 6.535   -6.837  3.246   1.00 16.58 ? 121 ALA A N   1 
ATOM   936  C CA  . ALA A 1 121 ? 7.005   -5.993  4.334   1.00 18.17 ? 121 ALA A CA  1 
ATOM   937  C C   . ALA A 1 121 ? 6.033   -4.996  4.945   1.00 18.93 ? 121 ALA A C   1 
ATOM   938  O O   . ALA A 1 121 ? 5.661   -4.012  4.307   1.00 18.97 ? 121 ALA A O   1 
ATOM   939  C CB  . ALA A 1 121 ? 8.263   -5.259  3.880   1.00 17.85 ? 121 ALA A CB  1 
ATOM   940  N N   . VAL A 1 122 ? 5.642   -5.252  6.192   1.00 18.79 ? 122 VAL A N   1 
ATOM   941  C CA  . VAL A 1 122 ? 4.751   -4.354  6.930   1.00 17.77 ? 122 VAL A CA  1 
ATOM   942  C C   . VAL A 1 122 ? 5.659   -3.256  7.477   1.00 19.31 ? 122 VAL A C   1 
ATOM   943  O O   . VAL A 1 122 ? 6.714   -3.556  8.045   1.00 18.31 ? 122 VAL A O   1 
ATOM   944  C CB  . VAL A 1 122 ? 4.077   -5.082  8.115   1.00 18.88 ? 122 VAL A CB  1 
ATOM   945  C CG1 . VAL A 1 122 ? 3.218   -4.108  8.912   1.00 15.88 ? 122 VAL A CG1 1 
ATOM   946  C CG2 . VAL A 1 122 ? 3.232   -6.254  7.597   1.00 17.65 ? 122 VAL A CG2 1 
ATOM   947  N N   . PHE A 1 123 ? 5.271   -1.994  7.306   1.00 18.80 ? 123 PHE A N   1 
ATOM   948  C CA  . PHE A 1 123 ? 6.100   -0.889  7.788   1.00 18.73 ? 123 PHE A CA  1 
ATOM   949  C C   . PHE A 1 123 ? 5.314   0.190   8.522   1.00 19.83 ? 123 PHE A C   1 
ATOM   950  O O   . PHE A 1 123 ? 5.847   1.263   8.826   1.00 20.30 ? 123 PHE A O   1 
ATOM   951  C CB  . PHE A 1 123 ? 6.868   -0.267  6.621   1.00 18.35 ? 123 PHE A CB  1 
ATOM   952  C CG  . PHE A 1 123 ? 5.985   0.348   5.563   1.00 19.15 ? 123 PHE A CG  1 
ATOM   953  C CD1 . PHE A 1 123 ? 5.719   1.715   5.567   1.00 19.65 ? 123 PHE A CD1 1 
ATOM   954  C CD2 . PHE A 1 123 ? 5.410   -0.444  4.573   1.00 15.11 ? 123 PHE A CD2 1 
ATOM   955  C CE1 . PHE A 1 123 ? 4.889   2.287   4.598   1.00 18.99 ? 123 PHE A CE1 1 
ATOM   956  C CE2 . PHE A 1 123 ? 4.580   0.114   3.603   1.00 17.72 ? 123 PHE A CE2 1 
ATOM   957  C CZ  . PHE A 1 123 ? 4.319   1.482   3.614   1.00 17.01 ? 123 PHE A CZ  1 
ATOM   958  N N   . GLY A 1 124 ? 4.048   -0.099  8.806   1.00 18.72 ? 124 GLY A N   1 
ATOM   959  C CA  . GLY A 1 124 ? 3.212   0.860   9.506   1.00 17.82 ? 124 GLY A CA  1 
ATOM   960  C C   . GLY A 1 124 ? 1.810   0.339   9.738   1.00 16.46 ? 124 GLY A C   1 
ATOM   961  O O   . GLY A 1 124 ? 1.509   -0.825  9.473   1.00 13.93 ? 124 GLY A O   1 
ATOM   962  N N   . GLU A 1 125 ? 0.935   1.214   10.213  1.00 17.01 ? 125 GLU A N   1 
ATOM   963  C CA  . GLU A 1 125 ? -0.431  0.819   10.486  1.00 21.67 ? 125 GLU A CA  1 
ATOM   964  C C   . GLU A 1 125 ? -1.336  2.045   10.528  1.00 21.16 ? 125 GLU A C   1 
ATOM   965  O O   . GLU A 1 125 ? -0.892  3.138   10.873  1.00 21.68 ? 125 GLU A O   1 
ATOM   966  C CB  . GLU A 1 125 ? -0.466  0.072   11.820  1.00 25.58 ? 125 GLU A CB  1 
ATOM   967  C CG  . GLU A 1 125 ? -1.829  -0.414  12.272  1.00 34.62 ? 125 GLU A CG  1 
ATOM   968  C CD  . GLU A 1 125 ? -1.723  -1.401  13.422  1.00 39.40 ? 125 GLU A CD  1 
ATOM   969  O OE1 . GLU A 1 125 ? -0.847  -1.196  14.294  1.00 41.75 ? 125 GLU A OE1 1 
ATOM   970  O OE2 . GLU A 1 125 ? -2.513  -2.371  13.456  1.00 41.78 ? 125 GLU A OE2 1 
ATOM   971  N N   . VAL A 1 126 ? -2.596  1.864   10.150  1.00 19.87 ? 126 VAL A N   1 
ATOM   972  C CA  . VAL A 1 126 ? -3.568  2.953   10.163  1.00 19.07 ? 126 VAL A CA  1 
ATOM   973  C C   . VAL A 1 126 ? -3.861  3.300   11.623  1.00 19.42 ? 126 VAL A C   1 
ATOM   974  O O   . VAL A 1 126 ? -4.452  2.501   12.341  1.00 19.83 ? 126 VAL A O   1 
ATOM   975  C CB  . VAL A 1 126 ? -4.891  2.530   9.481   1.00 19.07 ? 126 VAL A CB  1 
ATOM   976  C CG1 . VAL A 1 126 ? -5.904  3.659   9.562   1.00 18.44 ? 126 VAL A CG1 1 
ATOM   977  C CG2 . VAL A 1 126 ? -4.626  2.148   8.032   1.00 17.94 ? 126 VAL A CG2 1 
ATOM   978  N N   . VAL A 1 127 ? -3.438  4.484   12.053  1.00 20.63 ? 127 VAL A N   1 
ATOM   979  C CA  . VAL A 1 127 ? -3.647  4.931   13.428  1.00 22.41 ? 127 VAL A CA  1 
ATOM   980  C C   . VAL A 1 127 ? -5.024  5.552   13.624  1.00 23.19 ? 127 VAL A C   1 
ATOM   981  O O   . VAL A 1 127 ? -5.642  5.384   14.670  1.00 23.70 ? 127 VAL A O   1 
ATOM   982  C CB  . VAL A 1 127 ? -2.574  5.932   13.819  1.00 21.36 ? 127 VAL A CB  1 
ATOM   983  N N   . GLU A 1 128 ? -5.490  6.283   12.617  1.00 24.11 ? 128 GLU A N   1 
ATOM   984  C CA  . GLU A 1 128 ? -6.798  6.924   12.660  1.00 23.25 ? 128 GLU A CA  1 
ATOM   985  C C   . GLU A 1 128 ? -7.470  6.771   11.294  1.00 22.14 ? 128 GLU A C   1 
ATOM   986  O O   . GLU A 1 128 ? -6.799  6.747   10.259  1.00 20.30 ? 128 GLU A O   1 
ATOM   987  C CB  . GLU A 1 128 ? -6.667  8.423   12.981  1.00 25.49 ? 128 GLU A CB  1 
ATOM   988  C CG  . GLU A 1 128 ? -6.055  8.778   14.343  1.00 27.70 ? 128 GLU A CG  1 
ATOM   989  C CD  . GLU A 1 128 ? -6.827  8.201   15.524  1.00 30.52 ? 128 GLU A CD  1 
ATOM   990  O OE1 . GLU A 1 128 ? -8.031  7.903   15.383  1.00 30.14 ? 128 GLU A OE1 1 
ATOM   991  O OE2 . GLU A 1 128 ? -6.226  8.055   16.609  1.00 33.40 ? 128 GLU A OE2 1 
ATOM   992  N N   . GLY A 1 129 ? -8.795  6.672   11.291  1.00 20.11 ? 129 GLY A N   1 
ATOM   993  C CA  . GLY A 1 129 ? -9.516  6.552   10.035  1.00 20.27 ? 129 GLY A CA  1 
ATOM   994  C C   . GLY A 1 129 ? -9.643  5.151   9.466   1.00 19.85 ? 129 GLY A C   1 
ATOM   995  O O   . GLY A 1 129 ? -9.687  4.971   8.250   1.00 19.16 ? 129 GLY A O   1 
ATOM   996  N N   . THR A 1 130 ? -9.695  4.151   10.333  1.00 19.04 ? 130 THR A N   1 
ATOM   997  C CA  . THR A 1 130 ? -9.848  2.783   9.873   1.00 20.20 ? 130 THR A CA  1 
ATOM   998  C C   . THR A 1 130 ? -11.230 2.651   9.231   1.00 21.76 ? 130 THR A C   1 
ATOM   999  O O   . THR A 1 130 ? -11.456 1.777   8.393   1.00 21.89 ? 130 THR A O   1 
ATOM   1000 C CB  . THR A 1 130 ? -9.756  1.785   11.039  1.00 21.44 ? 130 THR A CB  1 
ATOM   1001 O OG1 . THR A 1 130 ? -10.723 2.138   12.035  1.00 19.10 ? 130 THR A OG1 1 
ATOM   1002 C CG2 . THR A 1 130 ? -8.360  1.793   11.651  1.00 19.47 ? 130 THR A CG2 1 
ATOM   1003 N N   . ASP A 1 131 ? -12.158 3.516   9.638   1.00 23.18 ? 131 ASP A N   1 
ATOM   1004 C CA  . ASP A 1 131 ? -13.507 3.486   9.090   1.00 22.22 ? 131 ASP A CA  1 
ATOM   1005 C C   . ASP A 1 131 ? -13.468 3.878   7.615   1.00 20.41 ? 131 ASP A C   1 
ATOM   1006 O O   . ASP A 1 131 ? -14.302 3.429   6.823   1.00 18.69 ? 131 ASP A O   1 
ATOM   1007 C CB  . ASP A 1 131 ? -14.431 4.420   9.883   1.00 27.53 ? 131 ASP A CB  1 
ATOM   1008 C CG  . ASP A 1 131 ? -13.907 5.841   9.956   1.00 34.09 ? 131 ASP A CG  1 
ATOM   1009 O OD1 . ASP A 1 131 ? -12.774 6.036   10.451  1.00 39.24 ? 131 ASP A OD1 1 
ATOM   1010 O OD2 . ASP A 1 131 ? -14.628 6.766   9.526   1.00 38.75 ? 131 ASP A OD2 1 
ATOM   1011 N N   . VAL A 1 132 ? -12.488 4.703   7.250   1.00 17.52 ? 132 VAL A N   1 
ATOM   1012 C CA  . VAL A 1 132 ? -12.317 5.139   5.868   1.00 17.49 ? 132 VAL A CA  1 
ATOM   1013 C C   . VAL A 1 132 ? -11.879 3.941   5.029   1.00 18.89 ? 132 VAL A C   1 
ATOM   1014 O O   . VAL A 1 132 ? -12.328 3.759   3.894   1.00 18.90 ? 132 VAL A O   1 
ATOM   1015 C CB  . VAL A 1 132 ? -11.235 6.247   5.748   1.00 16.01 ? 132 VAL A CB  1 
ATOM   1016 C CG1 . VAL A 1 132 ? -10.973 6.568   4.287   1.00 16.31 ? 132 VAL A CG1 1 
ATOM   1017 C CG2 . VAL A 1 132 ? -11.688 7.505   6.477   1.00 18.25 ? 132 VAL A CG2 1 
ATOM   1018 N N   . VAL A 1 133 ? -10.995 3.125   5.597   1.00 18.63 ? 133 VAL A N   1 
ATOM   1019 C CA  . VAL A 1 133 ? -10.505 1.939   4.914   1.00 17.08 ? 133 VAL A CA  1 
ATOM   1020 C C   . VAL A 1 133 ? -11.654 0.952   4.752   1.00 16.55 ? 133 VAL A C   1 
ATOM   1021 O O   . VAL A 1 133 ? -11.800 0.341   3.693   1.00 16.03 ? 133 VAL A O   1 
ATOM   1022 C CB  . VAL A 1 133 ? -9.356  1.259   5.714   1.00 17.01 ? 133 VAL A CB  1 
ATOM   1023 C CG1 . VAL A 1 133 ? -8.958  -0.045  5.054   1.00 18.92 ? 133 VAL A CG1 1 
ATOM   1024 C CG2 . VAL A 1 133 ? -8.147  2.194   5.788   1.00 17.29 ? 133 VAL A CG2 1 
ATOM   1025 N N   . ASP A 1 134 ? -12.460 0.803   5.802   1.00 16.25 ? 134 ASP A N   1 
ATOM   1026 C CA  . ASP A 1 134 ? -13.596 -0.124  5.787   1.00 18.58 ? 134 ASP A CA  1 
ATOM   1027 C C   . ASP A 1 134 ? -14.592 0.178   4.671   1.00 19.18 ? 134 ASP A C   1 
ATOM   1028 O O   . ASP A 1 134 ? -15.189 -0.738  4.091   1.00 16.54 ? 134 ASP A O   1 
ATOM   1029 C CB  . ASP A 1 134 ? -14.352 -0.102  7.126   1.00 21.72 ? 134 ASP A CB  1 
ATOM   1030 C CG  . ASP A 1 134 ? -13.517 -0.608  8.288   1.00 24.24 ? 134 ASP A CG  1 
ATOM   1031 O OD1 . ASP A 1 134 ? -12.636 -1.464  8.070   1.00 26.06 ? 134 ASP A OD1 1 
ATOM   1032 O OD2 . ASP A 1 134 ? -13.758 -0.159  9.428   1.00 25.96 ? 134 ASP A OD2 1 
ATOM   1033 N N   . ARG A 1 135 ? -14.784 1.461   4.384   1.00 19.84 ? 135 ARG A N   1 
ATOM   1034 C CA  . ARG A 1 135 ? -15.712 1.867   3.336   1.00 18.77 ? 135 ARG A CA  1 
ATOM   1035 C C   . ARG A 1 135 ? -15.099 1.692   1.953   1.00 19.42 ? 135 ARG A C   1 
ATOM   1036 O O   . ARG A 1 135 ? -15.740 1.173   1.043   1.00 18.58 ? 135 ARG A O   1 
ATOM   1037 C CB  . ARG A 1 135 ? -16.149 3.321   3.558   1.00 17.59 ? 135 ARG A CB  1 
ATOM   1038 C CG  . ARG A 1 135 ? -17.169 3.443   4.685   1.00 19.73 ? 135 ARG A CG  1 
ATOM   1039 C CD  . ARG A 1 135 ? -17.742 4.843   4.827   1.00 21.28 ? 135 ARG A CD  1 
ATOM   1040 N NE  . ARG A 1 135 ? -16.954 5.681   5.729   1.00 22.43 ? 135 ARG A NE  1 
ATOM   1041 C CZ  . ARG A 1 135 ? -16.020 6.543   5.343   1.00 22.83 ? 135 ARG A CZ  1 
ATOM   1042 N NH1 . ARG A 1 135 ? -15.739 6.697   4.057   1.00 22.30 ? 135 ARG A NH1 1 
ATOM   1043 N NH2 . ARG A 1 135 ? -15.376 7.267   6.250   1.00 21.83 ? 135 ARG A NH2 1 
ATOM   1044 N N   . ILE A 1 136 ? -13.845 2.106   1.805   1.00 18.93 ? 136 ILE A N   1 
ATOM   1045 C CA  . ILE A 1 136 ? -13.163 1.982   0.529   1.00 16.93 ? 136 ILE A CA  1 
ATOM   1046 C C   . ILE A 1 136 ? -13.126 0.541   0.016   1.00 17.17 ? 136 ILE A C   1 
ATOM   1047 O O   . ILE A 1 136 ? -13.334 0.292   -1.174  1.00 16.97 ? 136 ILE A O   1 
ATOM   1048 C CB  . ILE A 1 136 ? -11.711 2.514   0.623   1.00 17.00 ? 136 ILE A CB  1 
ATOM   1049 C CG1 . ILE A 1 136 ? -11.725 4.034   0.837   1.00 19.22 ? 136 ILE A CG1 1 
ATOM   1050 C CG2 . ILE A 1 136 ? -10.939 2.154   -0.641  1.00 17.15 ? 136 ILE A CG2 1 
ATOM   1051 C CD1 . ILE A 1 136 ? -10.357 4.666   0.976   1.00 16.42 ? 136 ILE A CD1 1 
ATOM   1052 N N   . LYS A 1 137 ? -12.879 -0.405  0.916   1.00 16.59 ? 137 LYS A N   1 
ATOM   1053 C CA  . LYS A 1 137 ? -12.767 -1.810  0.538   1.00 17.63 ? 137 LYS A CA  1 
ATOM   1054 C C   . LYS A 1 137 ? -13.974 -2.413  -0.180  1.00 19.62 ? 137 LYS A C   1 
ATOM   1055 O O   . LYS A 1 137 ? -13.826 -3.366  -0.947  1.00 18.34 ? 137 LYS A O   1 
ATOM   1056 C CB  . LYS A 1 137 ? -12.448 -2.663  1.772   1.00 18.85 ? 137 LYS A CB  1 
ATOM   1057 C CG  . LYS A 1 137 ? -13.615 -2.807  2.739   1.00 18.70 ? 137 LYS A CG  1 
ATOM   1058 C CD  . LYS A 1 137 ? -13.335 -3.841  3.808   1.00 21.22 ? 137 LYS A CD  1 
ATOM   1059 C CE  . LYS A 1 137 ? -14.514 -3.943  4.765   1.00 21.86 ? 137 LYS A CE  1 
ATOM   1060 N NZ  . LYS A 1 137 ? -14.273 -4.951  5.813   1.00 20.58 ? 137 LYS A NZ  1 
ATOM   1061 N N   . SER A 1 138 ? -15.162 -1.861  0.049   1.00 20.12 ? 138 SER A N   1 
ATOM   1062 C CA  . SER A 1 138 ? -16.357 -2.415  -0.578  1.00 21.81 ? 138 SER A CA  1 
ATOM   1063 C C   . SER A 1 138 ? -16.952 -1.639  -1.754  1.00 22.43 ? 138 SER A C   1 
ATOM   1064 O O   . SER A 1 138 ? -18.079 -1.919  -2.161  1.00 22.57 ? 138 SER A O   1 
ATOM   1065 C CB  . SER A 1 138 ? -17.442 -2.632  0.480   1.00 22.59 ? 138 SER A CB  1 
ATOM   1066 O OG  . SER A 1 138 ? -17.817 -1.407  1.082   1.00 26.23 ? 138 SER A OG  1 
ATOM   1067 N N   . VAL A 1 139 ? -16.219 -0.675  -2.305  1.00 21.55 ? 139 VAL A N   1 
ATOM   1068 C CA  . VAL A 1 139 ? -16.743 0.086   -3.437  1.00 22.21 ? 139 VAL A CA  1 
ATOM   1069 C C   . VAL A 1 139 ? -16.765 -0.768  -4.698  1.00 21.91 ? 139 VAL A C   1 
ATOM   1070 O O   . VAL A 1 139 ? -16.019 -1.742  -4.815  1.00 19.78 ? 139 VAL A O   1 
ATOM   1071 C CB  . VAL A 1 139 ? -15.909 1.356   -3.726  1.00 20.58 ? 139 VAL A CB  1 
ATOM   1072 C CG1 . VAL A 1 139 ? -15.856 2.231   -2.481  1.00 20.27 ? 139 VAL A CG1 1 
ATOM   1073 C CG2 . VAL A 1 139 ? -14.510 0.972   -4.194  1.00 20.18 ? 139 VAL A CG2 1 
ATOM   1074 N N   . ALA A 1 140 ? -17.629 -0.397  -5.636  1.00 23.54 ? 140 ALA A N   1 
ATOM   1075 C CA  . ALA A 1 140 ? -17.759 -1.117  -6.895  1.00 23.23 ? 140 ALA A CA  1 
ATOM   1076 C C   . ALA A 1 140 ? -16.441 -1.124  -7.660  1.00 23.15 ? 140 ALA A C   1 
ATOM   1077 O O   . ALA A 1 140 ? -15.733 -0.114  -7.727  1.00 22.79 ? 140 ALA A O   1 
ATOM   1078 C CB  . ALA A 1 140 ? -18.857 -0.478  -7.750  1.00 25.49 ? 140 ALA A CB  1 
ATOM   1079 N N   . THR A 1 141 ? -16.115 -2.271  -8.240  1.00 20.13 ? 141 THR A N   1 
ATOM   1080 C CA  . THR A 1 141 ? -14.887 -2.406  -9.002  1.00 21.93 ? 141 THR A CA  1 
ATOM   1081 C C   . THR A 1 141 ? -15.144 -3.215  -10.263 1.00 24.27 ? 141 THR A C   1 
ATOM   1082 O O   . THR A 1 141 ? -16.139 -3.928  -10.363 1.00 22.69 ? 141 THR A O   1 
ATOM   1083 C CB  . THR A 1 141 ? -13.796 -3.135  -8.202  1.00 21.81 ? 141 THR A CB  1 
ATOM   1084 O OG1 . THR A 1 141 ? -14.203 -4.492  -7.975  1.00 20.50 ? 141 THR A OG1 1 
ATOM   1085 C CG2 . THR A 1 141 ? -13.548 -2.435  -6.862  1.00 17.50 ? 141 THR A CG2 1 
ATOM   1086 N N   . GLY A 1 142 ? -14.232 -3.097  -11.215 1.00 25.41 ? 142 GLY A N   1 
ATOM   1087 C CA  . GLY A 1 142 ? -14.347 -3.831  -12.458 1.00 28.80 ? 142 GLY A CA  1 
ATOM   1088 C C   . GLY A 1 142 ? -12.987 -3.890  -13.116 1.00 30.59 ? 142 GLY A C   1 
ATOM   1089 O O   . GLY A 1 142 ? -12.022 -3.299  -12.626 1.00 30.66 ? 142 GLY A O   1 
ATOM   1090 N N   . SER A 1 143 ? -12.898 -4.598  -14.231 1.00 33.44 ? 143 SER A N   1 
ATOM   1091 C CA  . SER A 1 143 ? -11.635 -4.707  -14.939 1.00 35.37 ? 143 SER A CA  1 
ATOM   1092 C C   . SER A 1 143 ? -11.425 -3.520  -15.871 1.00 36.81 ? 143 SER A C   1 
ATOM   1093 O O   . SER A 1 143 ? -12.379 -2.941  -16.387 1.00 36.61 ? 143 SER A O   1 
ATOM   1094 C CB  . SER A 1 143 ? -11.589 -6.011  -15.737 1.00 37.01 ? 143 SER A CB  1 
ATOM   1095 O OG  . SER A 1 143 ? -11.668 -7.129  -14.871 1.00 36.41 ? 143 SER A OG  1 
ATOM   1096 N N   . ARG A 1 144 ? -10.162 -3.158  -16.055 1.00 39.40 ? 144 ARG A N   1 
ATOM   1097 C CA  . ARG A 1 144 ? -9.759  -2.063  -16.932 1.00 41.90 ? 144 ARG A CA  1 
ATOM   1098 C C   . ARG A 1 144 ? -8.369  -2.430  -17.420 1.00 43.85 ? 144 ARG A C   1 
ATOM   1099 O O   . ARG A 1 144 ? -7.514  -2.816  -16.621 1.00 44.19 ? 144 ARG A O   1 
ATOM   1100 C CB  . ARG A 1 144 ? -9.678  -0.734  -16.178 1.00 41.49 ? 144 ARG A CB  1 
ATOM   1101 C CG  . ARG A 1 144 ? -10.982 -0.219  -15.607 1.00 42.65 ? 144 ARG A CG  1 
ATOM   1102 C CD  . ARG A 1 144 ? -10.875 1.279   -15.372 1.00 43.39 ? 144 ARG A CD  1 
ATOM   1103 N NE  . ARG A 1 144 ? -11.856 1.778   -14.411 1.00 46.88 ? 144 ARG A NE  1 
ATOM   1104 C CZ  . ARG A 1 144 ? -11.977 3.056   -14.066 1.00 46.36 ? 144 ARG A CZ  1 
ATOM   1105 N NH1 . ARG A 1 144 ? -11.185 3.972   -14.605 1.00 47.90 ? 144 ARG A NH1 1 
ATOM   1106 N NH2 . ARG A 1 144 ? -12.877 3.421   -13.162 1.00 48.52 ? 144 ARG A NH2 1 
ATOM   1107 N N   . ALA A 1 145 ? -8.134  -2.309  -18.723 1.00 45.55 ? 145 ALA A N   1 
ATOM   1108 C CA  . ALA A 1 145 ? -6.830  -2.658  -19.272 1.00 46.22 ? 145 ALA A CA  1 
ATOM   1109 C C   . ALA A 1 145 ? -6.498  -4.053  -18.762 1.00 46.89 ? 145 ALA A C   1 
ATOM   1110 O O   . ALA A 1 145 ? -7.362  -4.932  -18.730 1.00 48.45 ? 145 ALA A O   1 
ATOM   1111 C CB  . ALA A 1 145 ? -5.774  -1.657  -18.802 1.00 45.14 ? 145 ALA A CB  1 
ATOM   1112 N N   . GLY A 1 146 ? -5.249  -4.251  -18.351 1.00 46.59 ? 146 GLY A N   1 
ATOM   1113 C CA  . GLY A 1 146 ? -4.843  -5.543  -17.831 1.00 46.26 ? 146 GLY A CA  1 
ATOM   1114 C C   . GLY A 1 146 ? -4.944  -5.542  -16.318 1.00 45.30 ? 146 GLY A C   1 
ATOM   1115 O O   . GLY A 1 146 ? -4.172  -6.211  -15.631 1.00 47.38 ? 146 GLY A O   1 
ATOM   1116 N N   . HIS A 1 147 ? -5.908  -4.784  -15.801 1.00 42.87 ? 147 HIS A N   1 
ATOM   1117 C CA  . HIS A 1 147 ? -6.115  -4.666  -14.364 1.00 39.30 ? 147 HIS A CA  1 
ATOM   1118 C C   . HIS A 1 147 ? -7.516  -5.090  -13.947 1.00 36.71 ? 147 HIS A C   1 
ATOM   1119 O O   . HIS A 1 147 ? -8.498  -4.759  -14.602 1.00 37.16 ? 147 HIS A O   1 
ATOM   1120 C CB  . HIS A 1 147 ? -5.891  -3.221  -13.933 1.00 40.48 ? 147 HIS A CB  1 
ATOM   1121 C CG  . HIS A 1 147 ? -4.512  -2.716  -14.209 1.00 42.48 ? 147 HIS A CG  1 
ATOM   1122 N ND1 . HIS A 1 147 ? -3.435  -3.015  -13.402 1.00 42.10 ? 147 HIS A ND1 1 
ATOM   1123 C CD2 . HIS A 1 147 ? -4.029  -1.945  -15.211 1.00 42.56 ? 147 HIS A CD2 1 
ATOM   1124 C CE1 . HIS A 1 147 ? -2.349  -2.447  -13.893 1.00 43.47 ? 147 HIS A CE1 1 
ATOM   1125 N NE2 . HIS A 1 147 ? -2.683  -1.791  -14.992 1.00 43.54 ? 147 HIS A NE2 1 
ATOM   1126 N N   . GLY A 1 148 ? -7.595  -5.826  -12.848 1.00 34.64 ? 148 GLY A N   1 
ATOM   1127 C CA  . GLY A 1 148 ? -8.884  -6.251  -12.341 1.00 32.41 ? 148 GLY A CA  1 
ATOM   1128 C C   . GLY A 1 148 ? -9.058  -5.558  -11.008 1.00 29.43 ? 148 GLY A C   1 
ATOM   1129 O O   . GLY A 1 148 ? -8.091  -5.027  -10.468 1.00 31.61 ? 148 GLY A O   1 
ATOM   1130 N N   . ASP A 1 149 ? -10.275 -5.524  -10.486 1.00 27.51 ? 149 ASP A N   1 
ATOM   1131 C CA  . ASP A 1 149 ? -10.513 -4.897  -9.195  1.00 24.58 ? 149 ASP A CA  1 
ATOM   1132 C C   . ASP A 1 149 ? -10.231 -3.391  -9.150  1.00 23.35 ? 149 ASP A C   1 
ATOM   1133 O O   . ASP A 1 149 ? -9.806  -2.866  -8.119  1.00 21.22 ? 149 ASP A O   1 
ATOM   1134 C CB  . ASP A 1 149 ? -9.670  -5.612  -8.135  1.00 25.17 ? 149 ASP A CB  1 
ATOM   1135 C CG  . ASP A 1 149 ? -9.872  -7.111  -8.158  1.00 24.11 ? 149 ASP A CG  1 
ATOM   1136 O OD1 . ASP A 1 149 ? -11.012 -7.547  -7.926  1.00 26.34 ? 149 ASP A OD1 1 
ATOM   1137 O OD2 . ASP A 1 149 ? -8.899  -7.852  -8.417  1.00 26.48 ? 149 ASP A OD2 1 
ATOM   1138 N N   . VAL A 1 150 ? -10.469 -2.700  -10.262 1.00 19.79 ? 150 VAL A N   1 
ATOM   1139 C CA  . VAL A 1 150 ? -10.263 -1.257  -10.316 1.00 20.05 ? 150 VAL A CA  1 
ATOM   1140 C C   . VAL A 1 150 ? -11.584 -0.575  -9.962  1.00 19.98 ? 150 VAL A C   1 
ATOM   1141 O O   . VAL A 1 150 ? -12.635 -0.916  -10.500 1.00 21.58 ? 150 VAL A O   1 
ATOM   1142 C CB  . VAL A 1 150 ? -9.799  -0.805  -11.724 1.00 19.47 ? 150 VAL A CB  1 
ATOM   1143 C CG1 . VAL A 1 150 ? -9.618  0.706   -11.757 1.00 21.28 ? 150 VAL A CG1 1 
ATOM   1144 C CG2 . VAL A 1 150 ? -8.493  -1.479  -12.079 1.00 20.03 ? 150 VAL A CG2 1 
ATOM   1145 N N   . PRO A 1 151 ? -11.553 0.386   -9.026  1.00 20.11 ? 151 PRO A N   1 
ATOM   1146 C CA  . PRO A 1 151 ? -12.784 1.080   -8.638  1.00 19.89 ? 151 PRO A CA  1 
ATOM   1147 C C   . PRO A 1 151 ? -13.453 1.802   -9.813  1.00 18.82 ? 151 PRO A C   1 
ATOM   1148 O O   . PRO A 1 151 ? -12.792 2.508   -10.571 1.00 18.19 ? 151 PRO A O   1 
ATOM   1149 C CB  . PRO A 1 151 ? -12.305 2.052   -7.560  1.00 20.86 ? 151 PRO A CB  1 
ATOM   1150 C CG  . PRO A 1 151 ? -11.157 1.299   -6.928  1.00 19.50 ? 151 PRO A CG  1 
ATOM   1151 C CD  . PRO A 1 151 ? -10.436 0.767   -8.144  1.00 19.45 ? 151 PRO A CD  1 
ATOM   1152 N N   . VAL A 1 152 ? -14.760 1.611   -9.955  1.00 19.64 ? 152 VAL A N   1 
ATOM   1153 C CA  . VAL A 1 152 ? -15.531 2.256   -11.018 1.00 20.51 ? 152 VAL A CA  1 
ATOM   1154 C C   . VAL A 1 152 ? -15.324 3.764   -10.895 1.00 20.28 ? 152 VAL A C   1 
ATOM   1155 O O   . VAL A 1 152 ? -15.016 4.445   -11.876 1.00 21.22 ? 152 VAL A O   1 
ATOM   1156 C CB  . VAL A 1 152 ? -17.026 1.916   -10.880 1.00 22.17 ? 152 VAL A CB  1 
ATOM   1157 C CG1 . VAL A 1 152 ? -17.838 2.624   -11.959 1.00 22.12 ? 152 VAL A CG1 1 
ATOM   1158 C CG2 . VAL A 1 152 ? -17.211 0.408   -10.971 1.00 21.93 ? 152 VAL A CG2 1 
ATOM   1159 N N   . ASP A 1 153 ? -15.496 4.274   -9.678  1.00 21.77 ? 153 ASP A N   1 
ATOM   1160 C CA  . ASP A 1 153 ? -15.286 5.689   -9.386  1.00 23.64 ? 153 ASP A CA  1 
ATOM   1161 C C   . ASP A 1 153 ? -13.956 5.806   -8.652  1.00 23.09 ? 153 ASP A C   1 
ATOM   1162 O O   . ASP A 1 153 ? -13.750 5.147   -7.632  1.00 21.47 ? 153 ASP A O   1 
ATOM   1163 C CB  . ASP A 1 153 ? -16.421 6.236   -8.516  1.00 24.29 ? 153 ASP A CB  1 
ATOM   1164 C CG  . ASP A 1 153 ? -17.732 6.302   -9.265  1.00 28.99 ? 153 ASP A CG  1 
ATOM   1165 O OD1 . ASP A 1 153 ? -17.707 6.782   -10.423 1.00 29.99 ? 153 ASP A OD1 1 
ATOM   1166 O OD2 . ASP A 1 153 ? -18.774 5.882   -8.708  1.00 29.11 ? 153 ASP A OD2 1 
ATOM   1167 N N   . ASP A 1 154 ? -13.065 6.645   -9.175  1.00 22.42 ? 154 ASP A N   1 
ATOM   1168 C CA  . ASP A 1 154 ? -11.736 6.821   -8.599  1.00 21.05 ? 154 ASP A CA  1 
ATOM   1169 C C   . ASP A 1 154 ? -11.706 7.115   -7.104  1.00 20.20 ? 154 ASP A C   1 
ATOM   1170 O O   . ASP A 1 154 ? -12.426 7.982   -6.611  1.00 20.34 ? 154 ASP A O   1 
ATOM   1171 C CB  . ASP A 1 154 ? -10.966 7.941   -9.318  1.00 21.68 ? 154 ASP A CB  1 
ATOM   1172 C CG  . ASP A 1 154 ? -10.631 7.605   -10.771 1.00 23.53 ? 154 ASP A CG  1 
ATOM   1173 O OD1 . ASP A 1 154 ? -10.681 6.417   -11.161 1.00 25.39 ? 154 ASP A OD1 1 
ATOM   1174 O OD2 . ASP A 1 154 ? -10.294 8.537   -11.523 1.00 23.29 ? 154 ASP A OD2 1 
ATOM   1175 N N   . VAL A 1 155 ? -10.869 6.369   -6.389  1.00 18.53 ? 155 VAL A N   1 
ATOM   1176 C CA  . VAL A 1 155 ? -10.673 6.576   -4.956  1.00 17.07 ? 155 VAL A CA  1 
ATOM   1177 C C   . VAL A 1 155 ? -9.330  7.288   -4.982  1.00 18.26 ? 155 VAL A C   1 
ATOM   1178 O O   . VAL A 1 155 ? -8.282  6.676   -5.212  1.00 16.89 ? 155 VAL A O   1 
ATOM   1179 C CB  . VAL A 1 155 ? -10.575 5.249   -4.201  1.00 16.68 ? 155 VAL A CB  1 
ATOM   1180 C CG1 . VAL A 1 155 ? -10.326 5.512   -2.717  1.00 15.03 ? 155 VAL A CG1 1 
ATOM   1181 C CG2 . VAL A 1 155 ? -11.863 4.461   -4.404  1.00 16.21 ? 155 VAL A CG2 1 
ATOM   1182 N N   . ILE A 1 156 ? -9.383  8.593   -4.752  1.00 17.27 ? 156 ILE A N   1 
ATOM   1183 C CA  . ILE A 1 156 ? -8.219  9.450   -4.856  1.00 18.90 ? 156 ILE A CA  1 
ATOM   1184 C C   . ILE A 1 156 ? -7.497  9.890   -3.594  1.00 18.46 ? 156 ILE A C   1 
ATOM   1185 O O   . ILE A 1 156 ? -8.116  10.316  -2.622  1.00 21.08 ? 156 ILE A O   1 
ATOM   1186 C CB  . ILE A 1 156 ? -8.608  10.740  -5.647  1.00 18.78 ? 156 ILE A CB  1 
ATOM   1187 C CG1 . ILE A 1 156 ? -9.263  10.351  -6.979  1.00 19.35 ? 156 ILE A CG1 1 
ATOM   1188 C CG2 . ILE A 1 156 ? -7.387  11.610  -5.881  1.00 17.91 ? 156 ILE A CG2 1 
ATOM   1189 C CD1 . ILE A 1 156 ? -9.905  11.504  -7.720  1.00 21.09 ? 156 ILE A CD1 1 
ATOM   1190 N N   . ILE A 1 157 ? -6.173  9.789   -3.632  1.00 18.76 ? 157 ILE A N   1 
ATOM   1191 C CA  . ILE A 1 157 ? -5.337  10.254  -2.535  1.00 19.13 ? 157 ILE A CA  1 
ATOM   1192 C C   . ILE A 1 157 ? -5.037  11.672  -2.990  1.00 20.10 ? 157 ILE A C   1 
ATOM   1193 O O   . ILE A 1 157 ? -4.118  11.902  -3.778  1.00 22.57 ? 157 ILE A O   1 
ATOM   1194 C CB  . ILE A 1 157 ? -4.013  9.458   -2.420  1.00 18.64 ? 157 ILE A CB  1 
ATOM   1195 C CG1 . ILE A 1 157 ? -4.311  8.016   -1.997  1.00 19.17 ? 157 ILE A CG1 1 
ATOM   1196 C CG2 . ILE A 1 157 ? -3.088  10.130  -1.400  1.00 19.09 ? 157 ILE A CG2 1 
ATOM   1197 C CD1 . ILE A 1 157 ? -3.078  7.123   -1.925  1.00 21.18 ? 157 ILE A CD1 1 
ATOM   1198 N N   . GLU A 1 158 ? -5.854  12.612  -2.536  1.00 21.32 ? 158 GLU A N   1 
ATOM   1199 C CA  . GLU A 1 158 ? -5.702  14.009  -2.913  1.00 23.42 ? 158 GLU A CA  1 
ATOM   1200 C C   . GLU A 1 158 ? -4.364  14.561  -2.464  1.00 24.80 ? 158 GLU A C   1 
ATOM   1201 O O   . GLU A 1 158 ? -3.679  15.259  -3.214  1.00 24.06 ? 158 GLU A O   1 
ATOM   1202 C CB  . GLU A 1 158 ? -6.834  14.836  -2.303  1.00 26.24 ? 158 GLU A CB  1 
ATOM   1203 C CG  . GLU A 1 158 ? -8.190  14.553  -2.923  1.00 26.95 ? 158 GLU A CG  1 
ATOM   1204 C CD  . GLU A 1 158 ? -9.332  15.085  -2.091  1.00 28.89 ? 158 GLU A CD  1 
ATOM   1205 O OE1 . GLU A 1 158 ? -9.076  15.895  -1.172  1.00 32.25 ? 158 GLU A OE1 1 
ATOM   1206 O OE2 . GLU A 1 158 ? -10.489 14.701  -2.358  1.00 29.52 ? 158 GLU A OE2 1 
ATOM   1207 N N   . LYS A 1 159 ? -3.989  14.233  -1.237  1.00 24.11 ? 159 LYS A N   1 
ATOM   1208 C CA  . LYS A 1 159 ? -2.730  14.706  -0.702  1.00 26.70 ? 159 LYS A CA  1 
ATOM   1209 C C   . LYS A 1 159 ? -2.242  13.821  0.430   1.00 25.61 ? 159 LYS A C   1 
ATOM   1210 O O   . LYS A 1 159 ? -3.028  13.345  1.245   1.00 26.55 ? 159 LYS A O   1 
ATOM   1211 C CB  . LYS A 1 159 ? -2.889  16.156  -0.210  1.00 28.89 ? 159 LYS A CB  1 
ATOM   1212 C CG  . LYS A 1 159 ? -1.657  16.741  0.464   1.00 33.97 ? 159 LYS A CG  1 
ATOM   1213 C CD  . LYS A 1 159 ? -0.446  16.695  -0.460  1.00 36.59 ? 159 LYS A CD  1 
ATOM   1214 C CE  . LYS A 1 159 ? 0.855   17.001  0.281   1.00 38.12 ? 159 LYS A CE  1 
ATOM   1215 N NZ  . LYS A 1 159 ? 2.060   16.697  -0.544  1.00 34.73 ? 159 LYS A NZ  1 
ATOM   1216 N N   . ALA A 1 160 ? -0.935  13.586  0.453   1.00 26.10 ? 160 ALA A N   1 
ATOM   1217 C CA  . ALA A 1 160 ? -0.304  12.800  1.507   1.00 27.04 ? 160 ALA A CA  1 
ATOM   1218 C C   . ALA A 1 160 ? 0.704   13.742  2.159   1.00 27.58 ? 160 ALA A C   1 
ATOM   1219 O O   . ALA A 1 160 ? 1.498   14.373  1.465   1.00 26.92 ? 160 ALA A O   1 
ATOM   1220 C CB  . ALA A 1 160 ? 0.404   11.588  0.919   1.00 23.69 ? 160 ALA A CB  1 
ATOM   1221 N N   . GLU A 1 161 ? 0.669   13.855  3.481   1.00 29.75 ? 161 GLU A N   1 
ATOM   1222 C CA  . GLU A 1 161 ? 1.595   14.754  4.167   1.00 34.33 ? 161 GLU A CA  1 
ATOM   1223 C C   . GLU A 1 161 ? 2.190   14.215  5.459   1.00 34.37 ? 161 GLU A C   1 
ATOM   1224 O O   . GLU A 1 161 ? 1.585   13.397  6.145   1.00 32.40 ? 161 GLU A O   1 
ATOM   1225 C CB  . GLU A 1 161 ? 0.904   16.077  4.501   1.00 36.33 ? 161 GLU A CB  1 
ATOM   1226 C CG  . GLU A 1 161 ? 0.259   16.773  3.334   1.00 40.33 ? 161 GLU A CG  1 
ATOM   1227 C CD  . GLU A 1 161 ? -0.227  18.161  3.699   1.00 42.06 ? 161 GLU A CD  1 
ATOM   1228 O OE1 . GLU A 1 161 ? -1.028  18.277  4.652   1.00 42.12 ? 161 GLU A OE1 1 
ATOM   1229 O OE2 . GLU A 1 161 ? 0.193   19.131  3.033   1.00 45.14 ? 161 GLU A OE2 1 
ATOM   1230 N N   . ILE A 1 162 ? 3.385   14.700  5.782   1.00 36.09 ? 162 ILE A N   1 
ATOM   1231 C CA  . ILE A 1 162 ? 4.057   14.326  7.016   1.00 38.62 ? 162 ILE A CA  1 
ATOM   1232 C C   . ILE A 1 162 ? 3.557   15.344  8.036   1.00 40.33 ? 162 ILE A C   1 
ATOM   1233 O O   . ILE A 1 162 ? 3.545   16.543  7.752   1.00 40.71 ? 162 ILE A O   1 
ATOM   1234 C CB  . ILE A 1 162 ? 5.594   14.476  6.910   1.00 39.89 ? 162 ILE A CB  1 
ATOM   1235 C CG1 . ILE A 1 162 ? 6.165   13.468  5.910   1.00 39.58 ? 162 ILE A CG1 1 
ATOM   1236 C CG2 . ILE A 1 162 ? 6.224   14.294  8.286   1.00 39.43 ? 162 ILE A CG2 1 
ATOM   1237 C CD1 . ILE A 1 162 ? 6.052   12.031  6.359   1.00 40.26 ? 162 ILE A CD1 1 
ATOM   1238 N N   . VAL A 1 163 ? 3.132   14.886  9.206   1.00 41.30 ? 163 VAL A N   1 
ATOM   1239 C CA  . VAL A 1 163 ? 2.651   15.818  10.223  1.00 44.37 ? 163 VAL A CA  1 
ATOM   1240 C C   . VAL A 1 163 ? 3.604   15.877  11.414  1.00 45.34 ? 163 VAL A C   1 
ATOM   1241 O O   . VAL A 1 163 ? 3.122   15.875  12.568  1.00 47.23 ? 163 VAL A O   1 
ATOM   1242 C CB  . VAL A 1 163 ? 1.237   15.437  10.717  1.00 43.56 ? 163 VAL A CB  1 
ATOM   1243 C CG1 . VAL A 1 163 ? 0.247   15.545  9.569   1.00 46.17 ? 163 VAL A CG1 1 
ATOM   1244 C CG2 . VAL A 1 163 ? 1.238   14.028  11.281  1.00 43.79 ? 163 VAL A CG2 1 
ATOM   1245 O OXT . VAL A 1 163 ? 4.829   15.944  11.171  1.00 45.04 ? 163 VAL A OXT 1 
HETATM 1246 C C1  . SIN B 2 1   ? 5.030   -2.615  -8.338  1.00 26.74 ? 0   SIN B C1  1 
HETATM 1247 O O1  . SIN B 2 1   ? 5.734   -2.357  -7.336  1.00 28.29 ? 0   SIN B O1  1 
HETATM 1248 O O2  . SIN B 2 1   ? 5.319   -2.351  -9.524  1.00 26.38 ? 0   SIN B O2  1 
HETATM 1249 C C2  . SIN B 2 1   ? 3.693   -3.316  -8.090  1.00 26.08 ? 0   SIN B C2  1 
HETATM 1250 C C3  . SIN B 2 1   ? 3.554   -4.543  -8.992  1.00 24.56 ? 0   SIN B C3  1 
HETATM 1251 C C4  . SIN B 2 1   ? 2.187   -5.212  -8.830  1.00 24.96 ? 0   SIN B C4  1 
HETATM 1252 O O3  . SIN B 2 1   ? 1.265   -4.645  -8.246  1.00 21.94 ? 0   SIN B O3  1 
ATOM   1253 N N   . ALA B 2 2   ? 2.099   -6.434  -9.346  1.00 23.42 ? 1   ALA B N   1 
ATOM   1254 C CA  . ALA B 2 2   ? 0.854   -7.214  -9.301  1.00 23.63 ? 1   ALA B CA  1 
ATOM   1255 C C   . ALA B 2 2   ? 0.751   -8.039  -8.015  1.00 22.75 ? 1   ALA B C   1 
ATOM   1256 O O   . ALA B 2 2   ? -0.295  -8.624  -7.740  1.00 23.63 ? 1   ALA B O   1 
ATOM   1257 C CB  . ALA B 2 2   ? 0.800   -8.150  -10.511 1.00 23.61 ? 1   ALA B CB  1 
ATOM   1258 N N   . PHE B 2 3   ? 1.839   -8.085  -7.251  1.00 19.93 ? 2   PHE B N   1 
ATOM   1259 C CA  . PHE B 2 3   ? 1.846   -8.850  -5.995  1.00 22.89 ? 2   PHE B CA  1 
ATOM   1260 C C   . PHE B 2 3   ? 1.634   -7.903  -4.813  1.00 22.63 ? 2   PHE B C   1 
ATOM   1261 O O   . PHE B 2 3   ? 2.001   -6.731  -4.870  1.00 22.30 ? 2   PHE B O   1 
ATOM   1262 C CB  . PHE B 2 3   ? 3.151   -9.635  -5.839  1.00 24.80 ? 2   PHE B CB  1 
ATOM   1263 C CG  . PHE B 2 3   ? 3.115   -10.899 -6.701  1.00 28.56 ? 2   PHE B CG  1 
ATOM   1264 C CD1 . PHE B 2 3   ? 4.095   -11.873 -6.548  1.00 30.11 ? 2   PHE B CD1 1 
ATOM   1265 C CD2 . PHE B 2 3   ? 2.078   -11.098 -7.607  1.00 28.58 ? 2   PHE B CD2 1 
ATOM   1266 C CE1 . PHE B 2 3   ? 4.036   -13.044 -7.297  1.00 30.76 ? 2   PHE B CE1 1 
ATOM   1267 C CE2 . PHE B 2 3   ? 2.017   -12.267 -8.355  1.00 29.85 ? 2   PHE B CE2 1 
ATOM   1268 C CZ  . PHE B 2 3   ? 2.996   -13.242 -8.199  1.00 29.83 ? 2   PHE B CZ  1 
ATOM   1269 N N   . PRO B 2 4   ? 1.119   -8.376  -3.682  1.00 23.46 ? 3   PRO B N   1 
ATOM   1270 C CA  . PRO B 2 4   ? 0.766   -9.785  -3.436  1.00 20.92 ? 3   PRO B CA  1 
ATOM   1271 C C   . PRO B 2 4   ? -0.461  -10.220 -4.242  1.00 20.63 ? 3   PRO B C   1 
ATOM   1272 O O   . PRO B 2 4   ? -1.387  -9.451  -4.499  1.00 17.21 ? 3   PRO B O   1 
ATOM   1273 C CB  . PRO B 2 4   ? 0.388   -9.759  -1.954  1.00 22.53 ? 3   PRO B CB  1 
ATOM   1274 C CG  . PRO B 2 4   ? -0.323  -8.407  -1.866  1.00 24.05 ? 3   PRO B CG  1 
ATOM   1275 C CD  . PRO B 2 4   ? 0.738   -7.535  -2.537  1.00 23.52 ? 3   PRO B CD  1 
ATOM   1276 N N   . PHE B 2 5   ? -0.413  -11.494 -4.619  1.00 20.66 ? 4   PHE B N   1 
ATOM   1277 C CA  . PHE B 2 5   ? -1.469  -12.165 -5.390  1.00 19.75 ? 4   PHE B CA  1 
ATOM   1278 C C   . PHE B 2 5   ? -2.677  -12.369 -4.471  1.00 18.62 ? 4   PHE B C   1 
ATOM   1279 O O   . PHE B 2 5   ? -2.428  -12.775 -3.197  1.00 15.08 ? 4   PHE B O   1 
ATOM   1280 C CB  . PHE B 2 5   ? -0.924  -13.527 -5.826  1.00 19.80 ? 4   PHE B CB  1 
ATOM   1281 C CG  . PHE B 2 5   ? -1.950  -14.351 -6.604  1.00 19.81 ? 4   PHE B CG  1 
ATOM   1282 C CD1 . PHE B 2 5   ? -2.726  -15.299 -5.946  1.00 19.42 ? 4   PHE B CD1 1 
ATOM   1283 C CD2 . PHE B 2 5   ? -2.087  -14.172 -7.977  1.00 21.45 ? 4   PHE B CD2 1 
ATOM   1284 C CE1 . PHE B 2 5   ? -3.637  -16.068 -6.661  1.00 19.72 ? 4   PHE B CE1 1 
ATOM   1285 C CE2 . PHE B 2 5   ? -2.998  -14.941 -8.692  1.00 20.36 ? 4   PHE B CE2 1 
ATOM   1286 C CZ  . PHE B 2 5   ? -3.772  -15.890 -8.034  1.00 19.22 ? 4   PHE B CZ  1 
HETATM 1287 N N1  . NIT B 2 6   ? -3.885  -12.094 -4.955  1.00 19.36 ? 5   NIT B N1  1 
HETATM 1288 C C1  . NIT B 2 6   ? -5.005  -12.239 -4.249  1.00 20.05 ? 5   NIT B C1  1 
HETATM 1289 C C2  . NIT B 2 6   ? -6.214  -11.853 -4.817  1.00 18.19 ? 5   NIT B C2  1 
HETATM 1290 C C3  . NIT B 2 6   ? -7.395  -11.937 -4.088  1.00 17.86 ? 5   NIT B C3  1 
HETATM 1291 C C4  . NIT B 2 6   ? -7.374  -12.412 -2.782  1.00 21.70 ? 5   NIT B C4  1 
HETATM 1292 N N4  . NIT B 2 6   ? -8.504  -12.493 -2.084  1.00 21.25 ? 5   NIT B N4  1 
HETATM 1293 O ON1 . NIT B 2 6   ? -9.736  -12.087 -2.662  1.00 22.55 ? 5   NIT B ON1 1 
HETATM 1294 O ON2 . NIT B 2 6   ? -8.489  -13.001 -0.756  1.00 24.89 ? 5   NIT B ON2 1 
HETATM 1295 C C5  . NIT B 2 6   ? -6.167  -12.803 -2.211  1.00 20.22 ? 5   NIT B C5  1 
HETATM 1296 C C6  . NIT B 2 6   ? -4.986  -12.716 -2.942  1.00 20.48 ? 5   NIT B C6  1 
HETATM 1297 O O   . HOH C 3 .   ? 6.986   -6.491  0.355   1.00 18.39 ? 164 HOH A O   1 
HETATM 1298 O O   . HOH C 3 .   ? -6.326  -3.455  -10.005 1.00 23.77 ? 165 HOH A O   1 
HETATM 1299 O O   . HOH C 3 .   ? 8.422   -20.870 2.619   1.00 34.92 ? 166 HOH A O   1 
HETATM 1300 O O   . HOH C 3 .   ? -2.294  3.324   -7.644  1.00 19.74 ? 167 HOH A O   1 
HETATM 1301 O O   . HOH C 3 .   ? -15.050 -3.942  -3.394  1.00 22.09 ? 168 HOH A O   1 
HETATM 1302 O O   . HOH C 3 .   ? 5.016   9.825   -13.727 1.00 28.54 ? 169 HOH A O   1 
HETATM 1303 O O   . HOH C 3 .   ? -15.682 -5.141  -15.099 1.00 45.48 ? 170 HOH A O   1 
HETATM 1304 O O   . HOH C 3 .   ? -5.152  -6.860  -11.334 1.00 32.32 ? 171 HOH A O   1 
HETATM 1305 O O   . HOH C 3 .   ? 10.685  -3.599  2.146   1.00 17.94 ? 172 HOH A O   1 
HETATM 1306 O O   . HOH C 3 .   ? 11.338  3.376   -4.416  1.00 24.43 ? 173 HOH A O   1 
HETATM 1307 O O   . HOH C 3 .   ? -18.967 3.306   -7.853  1.00 32.73 ? 174 HOH A O   1 
HETATM 1308 O O   . HOH C 3 .   ? -13.074 13.368  -6.211  1.00 28.63 ? 175 HOH A O   1 
HETATM 1309 O O   . HOH C 3 .   ? 11.183  -4.992  -1.926  1.00 23.97 ? 176 HOH A O   1 
HETATM 1310 O O   . HOH C 3 .   ? -14.608 7.580   -5.248  1.00 20.18 ? 177 HOH A O   1 
HETATM 1311 O O   . HOH C 3 .   ? -9.209  -9.992  10.275  1.00 32.60 ? 178 HOH A O   1 
HETATM 1312 O O   . HOH C 3 .   ? 2.099   -13.286 -4.064  1.00 24.87 ? 179 HOH A O   1 
HETATM 1313 O O   . HOH C 3 .   ? -1.871  -5.712  15.826  1.00 42.89 ? 180 HOH A O   1 
HETATM 1314 O O   . HOH C 3 .   ? 8.508   2.095   0.989   1.00 23.69 ? 181 HOH A O   1 
HETATM 1315 O O   . HOH C 3 .   ? -4.402  -14.414 8.956   1.00 28.50 ? 182 HOH A O   1 
HETATM 1316 O O   . HOH C 3 .   ? 6.517   -7.671  7.748   1.00 19.73 ? 183 HOH A O   1 
HETATM 1317 O O   . HOH C 3 .   ? 13.758  -8.964  5.631   1.00 26.49 ? 184 HOH A O   1 
HETATM 1318 O O   . HOH C 3 .   ? -13.451 -0.084  -13.035 1.00 30.92 ? 185 HOH A O   1 
HETATM 1319 O O   . HOH C 3 .   ? 2.613   12.886  -1.579  1.00 26.89 ? 186 HOH A O   1 
HETATM 1320 O O   . HOH C 3 .   ? -10.450 14.015  3.767   1.00 37.07 ? 187 HOH A O   1 
HETATM 1321 O O   . HOH C 3 .   ? 5.030   7.528   12.178  1.00 26.99 ? 188 HOH A O   1 
HETATM 1322 O O   . HOH C 3 .   ? -12.674 -6.112  -6.504  1.00 34.69 ? 189 HOH A O   1 
HETATM 1323 O O   . HOH C 3 .   ? -15.423 4.229   -5.490  1.00 20.15 ? 190 HOH A O   1 
HETATM 1324 O O   . HOH C 3 .   ? 8.801   -21.723 -9.442  1.00 48.01 ? 191 HOH A O   1 
HETATM 1325 O O   . HOH C 3 .   ? -16.432 1.012   9.787   1.00 32.63 ? 192 HOH A O   1 
HETATM 1326 O O   . HOH C 3 .   ? 6.912   -10.648 9.408   1.00 42.04 ? 193 HOH A O   1 
HETATM 1327 O O   . HOH C 3 .   ? -10.024 18.674  2.260   1.00 34.66 ? 194 HOH A O   1 
HETATM 1328 O O   . HOH C 3 .   ? 9.794   -12.571 10.454  1.00 30.00 ? 195 HOH A O   1 
HETATM 1329 O O   . HOH C 3 .   ? 6.032   -10.217 6.414   1.00 29.19 ? 196 HOH A O   1 
HETATM 1330 O O   . HOH C 3 .   ? -3.781  12.854  -10.720 1.00 30.09 ? 197 HOH A O   1 
HETATM 1331 O O   . HOH C 3 .   ? -7.642  10.044  9.992   1.00 22.86 ? 198 HOH A O   1 
HETATM 1332 O O   . HOH C 3 .   ? 4.901   16.254  3.550   1.00 45.28 ? 199 HOH A O   1 
HETATM 1333 O O   . HOH C 3 .   ? 15.056  3.624   1.849   1.00 34.74 ? 200 HOH A O   1 
HETATM 1334 O O   . HOH C 3 .   ? 16.623  -7.550  3.285   1.00 32.82 ? 201 HOH A O   1 
HETATM 1335 O O   . HOH C 3 .   ? 14.665  4.362   10.984  1.00 29.54 ? 202 HOH A O   1 
HETATM 1336 O O   . HOH C 3 .   ? -2.075  -11.266 10.180  1.00 32.26 ? 203 HOH A O   1 
HETATM 1337 O O   . HOH C 3 .   ? 16.194  6.004   -7.614  1.00 25.91 ? 204 HOH A O   1 
HETATM 1338 O O   . HOH C 3 .   ? 13.885  7.848   -10.987 1.00 33.15 ? 205 HOH A O   1 
HETATM 1339 O O   . HOH C 3 .   ? -20.807 1.746   -9.467  1.00 36.81 ? 206 HOH A O   1 
HETATM 1340 O O   . HOH C 3 .   ? -11.884 -9.849  -8.588  1.00 32.42 ? 207 HOH A O   1 
HETATM 1341 O O   . HOH C 3 .   ? -18.122 4.912   8.325   1.00 35.08 ? 208 HOH A O   1 
HETATM 1342 O O   . HOH C 3 .   ? 4.426   16.526  0.539   1.00 37.63 ? 209 HOH A O   1 
HETATM 1343 O O   . HOH C 3 .   ? 2.847   -16.424 5.825   1.00 39.15 ? 210 HOH A O   1 
HETATM 1344 O O   . HOH C 3 .   ? -3.232  -13.357 11.931  1.00 28.68 ? 211 HOH A O   1 
HETATM 1345 O O   . HOH C 3 .   ? 1.747   -6.337  12.597  1.00 20.52 ? 212 HOH A O   1 
HETATM 1346 O O   . HOH C 3 .   ? -12.514 8.330   11.334  1.00 29.57 ? 213 HOH A O   1 
HETATM 1347 O O   . HOH C 3 .   ? 2.510   -8.631  14.400  1.00 26.78 ? 214 HOH A O   1 
HETATM 1348 O O   . HOH C 3 .   ? -11.041 8.314   -14.105 1.00 31.46 ? 215 HOH A O   1 
HETATM 1349 O O   . HOH C 3 .   ? -17.705 -4.925  -7.408  1.00 37.60 ? 216 HOH A O   1 
HETATM 1350 O O   . HOH C 3 .   ? 14.167  0.398   20.799  1.00 29.74 ? 217 HOH A O   1 
HETATM 1351 O O   . HOH C 3 .   ? -11.234 -11.843 -7.173  1.00 32.78 ? 218 HOH A O   1 
HETATM 1352 O O   . HOH C 3 .   ? 12.408  10.017  -10.185 1.00 40.00 ? 219 HOH A O   1 
HETATM 1353 O O   . HOH C 3 .   ? 6.870   13.664  -11.652 1.00 21.02 ? 220 HOH A O   1 
HETATM 1354 O O   . HOH C 3 .   ? 15.548  0.484   17.765  1.00 31.88 ? 221 HOH A O   1 
HETATM 1355 O O   . HOH C 3 .   ? 16.234  -1.579  16.151  1.00 18.80 ? 222 HOH A O   1 
HETATM 1356 O O   . HOH C 3 .   ? 1.883   14.380  -7.754  1.00 36.49 ? 223 HOH A O   1 
HETATM 1357 O O   . HOH C 3 .   ? 8.267   -1.512  -7.974  1.00 25.98 ? 224 HOH A O   1 
HETATM 1358 O O   . HOH C 3 .   ? -9.881  3.335   -17.328 1.00 34.99 ? 225 HOH A O   1 
HETATM 1359 O O   . HOH C 3 .   ? 9.254   -4.831  0.142   1.00 19.30 ? 226 HOH A O   1 
HETATM 1360 O O   . HOH C 3 .   ? 9.499   0.873   14.866  1.00 19.76 ? 227 HOH A O   1 
HETATM 1361 O O   . HOH C 3 .   ? 7.207   11.668  -13.539 1.00 32.56 ? 228 HOH A O   1 
HETATM 1362 O O   . HOH C 3 .   ? -8.616  12.792  10.327  1.00 26.59 ? 229 HOH A O   1 
HETATM 1363 O O   . HOH C 3 .   ? 14.033  5.117   8.310   1.00 27.20 ? 230 HOH A O   1 
HETATM 1364 O O   . HOH C 3 .   ? 13.657  -2.641  15.693  1.00 26.10 ? 231 HOH A O   1 
HETATM 1365 O O   . HOH C 3 .   ? 13.299  -4.974  14.469  1.00 25.17 ? 232 HOH A O   1 
HETATM 1366 O O   . HOH C 3 .   ? -10.446 3.811   -10.222 1.00 19.82 ? 233 HOH A O   1 
HETATM 1367 O O   . HOH C 3 .   ? -9.547  4.318   -7.662  1.00 14.63 ? 234 HOH A O   1 
HETATM 1368 O O   . HOH C 3 .   ? -13.835 -6.121  -3.906  1.00 29.95 ? 235 HOH A O   1 
HETATM 1369 O O   . HOH C 3 .   ? -21.119 -4.462  0.461   1.00 34.36 ? 236 HOH A O   1 
HETATM 1370 O O   . HOH C 3 .   ? 6.486   1.684   -16.369 1.00 35.93 ? 237 HOH A O   1 
HETATM 1371 O O   . HOH C 3 .   ? 5.384   -14.814 0.136   1.00 25.07 ? 238 HOH A O   1 
HETATM 1372 O O   . HOH C 3 .   ? 4.653   -14.165 -2.536  1.00 25.40 ? 239 HOH A O   1 
HETATM 1373 O O   . HOH C 3 .   ? 4.056   -14.945 2.417   1.00 24.74 ? 240 HOH A O   1 
HETATM 1374 O O   . HOH C 3 .   ? -16.368 2.801   -7.358  1.00 18.06 ? 241 HOH A O   1 
HETATM 1375 O O   . HOH C 3 .   ? -19.308 0.265   5.327   1.00 33.87 ? 242 HOH A O   1 
HETATM 1376 O O   . HOH C 3 .   ? -20.132 1.734   2.638   1.00 28.06 ? 243 HOH A O   1 
HETATM 1377 O O   . HOH C 3 .   ? 7.315   18.458  0.803   1.00 33.11 ? 244 HOH A O   1 
HETATM 1378 O O   . HOH C 3 .   ? 12.693  9.474   4.100   1.00 30.26 ? 245 HOH A O   1 
HETATM 1379 O O   . HOH C 3 .   ? 11.944  11.893  3.765   1.00 42.10 ? 246 HOH A O   1 
HETATM 1380 O O   . HOH C 3 .   ? 4.614   19.113  11.286  1.00 42.61 ? 247 HOH A O   1 
HETATM 1381 O O   . HOH C 3 .   ? 7.432   -13.091 -3.830  1.00 43.97 ? 248 HOH A O   1 
HETATM 1382 O O   . HOH C 3 .   ? 7.855   -15.030 -6.153  1.00 34.76 ? 249 HOH A O   1 
HETATM 1383 O O   . HOH C 3 .   ? 4.971   13.853  -9.875  1.00 39.00 ? 250 HOH A O   1 
HETATM 1384 O O   . HOH C 3 .   ? 12.332  7.130   8.392   1.00 31.97 ? 251 HOH A O   1 
HETATM 1385 O O   . HOH C 3 .   ? 8.660   4.539   -15.559 1.00 39.44 ? 252 HOH A O   1 
HETATM 1386 O O   . HOH C 3 .   ? 9.953   4.074   -13.399 1.00 42.76 ? 253 HOH A O   1 
HETATM 1387 O O   . HOH C 3 .   ? 4.951   13.188  13.724  1.00 40.31 ? 254 HOH A O   1 
HETATM 1388 O O   . HOH C 3 .   ? 1.799   12.877  14.617  1.00 39.11 ? 255 HOH A O   1 
HETATM 1389 O O   . HOH C 3 .   ? -6.230  14.733  -6.968  1.00 29.87 ? 256 HOH A O   1 
HETATM 1390 O O   . HOH C 3 .   ? -8.856  15.237  -6.810  1.00 34.05 ? 257 HOH A O   1 
HETATM 1391 O O   . HOH C 3 .   ? -17.658 -1.582  3.615   1.00 23.37 ? 258 HOH A O   1 
HETATM 1392 O O   . HOH C 3 .   ? -10.647 11.279  -11.418 1.00 20.06 ? 259 HOH A O   1 
HETATM 1393 O O   . HOH C 3 .   ? 10.466  -5.940  14.547  1.00 27.20 ? 260 HOH A O   1 
HETATM 1394 O O   . HOH C 3 .   ? 10.249  10.175  -3.719  1.00 30.67 ? 261 HOH A O   1 
HETATM 1395 O O   . HOH C 3 .   ? 4.062   5.397   -8.922  1.00 37.41 ? 262 HOH A O   1 
HETATM 1396 O O   . HOH C 3 .   ? -13.045 0.934   11.578  1.00 35.07 ? 263 HOH A O   1 
HETATM 1397 O O   . HOH C 3 .   ? -6.208  -7.562  -8.965  1.00 37.32 ? 264 HOH A O   1 
HETATM 1398 O O   . HOH C 3 .   ? -0.242  -4.940  14.053  1.00 30.65 ? 265 HOH A O   1 
HETATM 1399 O O   . HOH C 3 .   ? 1.156   -2.436  -11.195 1.00 32.87 ? 266 HOH A O   1 
HETATM 1400 O O   . HOH C 3 .   ? 1.991   -15.673 -5.260  1.00 36.53 ? 267 HOH A O   1 
HETATM 1401 O O   . HOH C 3 .   ? 12.149  -11.819 -9.635  1.00 38.45 ? 268 HOH A O   1 
HETATM 1402 O O   . HOH C 3 .   ? -6.282  13.832  -9.676  1.00 37.81 ? 269 HOH A O   1 
HETATM 1403 O O   . HOH C 3 .   ? -8.648  13.349  -10.865 1.00 33.94 ? 270 HOH A O   1 
HETATM 1404 O O   . HOH C 3 .   ? -12.390 -11.868 -4.803  1.00 34.71 ? 271 HOH A O   1 
HETATM 1405 O O   . HOH D 3 .   ? 4.265   -7.380  -11.201 1.00 18.56 ? 13  HOH B O   1 
HETATM 1406 O O   . HOH D 3 .   ? -0.581  -3.315  -9.421  1.00 25.62 ? 34  HOH B O   1 
HETATM 1407 O O   . HOH D 3 .   ? 3.391   -9.802  -12.703 1.00 37.49 ? 40  HOH B O   1 
HETATM 1408 O O   . HOH D 3 .   ? 0.433   -10.725 -12.981 1.00 33.24 ? 48  HOH B O   1 
HETATM 1409 O O   . HOH D 3 .   ? 5.948   -1.110  -5.115  1.00 22.97 ? 50  HOH B O   1 
HETATM 1410 O O   . HOH D 3 .   ? -4.136  -11.533 -7.698  1.00 19.05 ? 84  HOH B O   1 
HETATM 1411 O O   . HOH D 3 .   ? -1.754  -10.529 -8.762  1.00 26.36 ? 85  HOH B O   1 
HETATM 1412 O O   . HOH D 3 .   ? -4.973  -12.897 -9.909  1.00 23.13 ? 86  HOH B O   1 
HETATM 1413 O O   . HOH D 3 .   ? -0.671  -11.986 -10.874 1.00 36.26 ? 87  HOH B O   1 
HETATM 1414 O O   . HOH D 3 .   ? -6.601  -11.102 -11.246 1.00 41.24 ? 111 HOH B O   1 
# 
loop_
_pdbx_poly_seq_scheme.asym_id 
_pdbx_poly_seq_scheme.entity_id 
_pdbx_poly_seq_scheme.seq_id 
_pdbx_poly_seq_scheme.mon_id 
_pdbx_poly_seq_scheme.ndb_seq_num 
_pdbx_poly_seq_scheme.pdb_seq_num 
_pdbx_poly_seq_scheme.auth_seq_num 
_pdbx_poly_seq_scheme.pdb_mon_id 
_pdbx_poly_seq_scheme.auth_mon_id 
_pdbx_poly_seq_scheme.pdb_strand_id 
_pdbx_poly_seq_scheme.pdb_ins_code 
_pdbx_poly_seq_scheme.hetero 
A 1 1   SER 1   1   1   SER SER A . n 
A 1 2   ILE 2   2   2   ILE ILE A . n 
A 1 3   LYS 3   3   3   LYS LYS A . n 
A 1 4   LEU 4   4   4   LEU LEU A . n 
A 1 5   GLN 5   5   5   GLN GLN A . n 
A 1 6   THR 6   6   6   THR THR A . n 
A 1 7   ASN 7   7   7   ASN ASN A . n 
A 1 8   HIS 8   8   8   HIS HIS A . n 
A 1 9   GLY 9   9   9   GLY GLY A . n 
A 1 10  THR 10  10  10  THR THR A . n 
A 1 11  ILE 11  11  11  ILE ILE A . n 
A 1 12  THR 12  12  12  THR THR A . n 
A 1 13  LEU 13  13  13  LEU LEU A . n 
A 1 14  LYS 14  14  14  LYS LYS A . n 
A 1 15  LEU 15  15  15  LEU LEU A . n 
A 1 16  PHE 16  16  16  PHE PHE A . n 
A 1 17  ALA 17  17  17  ALA ALA A . n 
A 1 18  ASP 18  18  18  ASP ASP A . n 
A 1 19  LYS 19  19  19  LYS LYS A . n 
A 1 20  ALA 20  20  20  ALA ALA A . n 
A 1 21  PRO 21  21  21  PRO PRO A . n 
A 1 22  GLU 22  22  22  GLU GLU A . n 
A 1 23  THR 23  23  23  THR THR A . n 
A 1 24  ALA 24  24  24  ALA ALA A . n 
A 1 25  ALA 25  25  25  ALA ALA A . n 
A 1 26  ASN 26  26  26  ASN ASN A . n 
A 1 27  PHE 27  27  27  PHE PHE A . n 
A 1 28  GLU 28  28  28  GLU GLU A . n 
A 1 29  GLN 29  29  29  GLN GLN A . n 
A 1 30  TYR 30  30  30  TYR TYR A . n 
A 1 31  VAL 31  31  31  VAL VAL A . n 
A 1 32  LYS 32  32  32  LYS LYS A . n 
A 1 33  ASP 33  33  33  ASP ASP A . n 
A 1 34  GLY 34  34  34  GLY GLY A . n 
A 1 35  HIS 35  35  35  HIS HIS A . n 
A 1 36  TYR 36  36  36  TYR TYR A . n 
A 1 37  ASP 37  37  37  ASP ASP A . n 
A 1 38  GLY 38  38  38  GLY GLY A . n 
A 1 39  THR 39  39  39  THR THR A . n 
A 1 40  ILE 40  40  40  ILE ILE A . n 
A 1 41  PHE 41  41  41  PHE PHE A . n 
A 1 42  HIS 42  42  42  HIS HIS A . n 
A 1 43  ARG 43  43  43  ARG ARG A . n 
A 1 44  VAL 44  44  44  VAL VAL A . n 
A 1 45  ILE 45  45  45  ILE ILE A . n 
A 1 46  ASP 46  46  46  ASP ASP A . n 
A 1 47  GLY 47  47  47  GLY GLY A . n 
A 1 48  PHE 48  48  48  PHE PHE A . n 
A 1 49  MET 49  49  49  MET MET A . n 
A 1 50  ILE 50  50  50  ILE ILE A . n 
A 1 51  GLN 51  51  51  GLN GLN A . n 
A 1 52  GLY 52  52  52  GLY GLY A . n 
A 1 53  GLY 53  53  53  GLY GLY A . n 
A 1 54  GLY 54  54  54  GLY GLY A . n 
A 1 55  PHE 55  55  55  PHE PHE A . n 
A 1 56  GLU 56  56  56  GLU GLU A . n 
A 1 57  PRO 57  57  57  PRO PRO A . n 
A 1 58  GLY 58  58  58  GLY GLY A . n 
A 1 59  MET 59  59  59  MET MET A . n 
A 1 60  LYS 60  60  60  LYS LYS A . n 
A 1 61  GLN 61  61  61  GLN GLN A . n 
A 1 62  LYS 62  62  62  LYS LYS A . n 
A 1 63  SER 63  63  63  SER SER A . n 
A 1 64  THR 64  64  64  THR THR A . n 
A 1 65  ARG 65  65  65  ARG ARG A . n 
A 1 66  ALA 66  66  66  ALA ALA A . n 
A 1 67  PRO 67  67  67  PRO PRO A . n 
A 1 68  ILE 68  68  68  ILE ILE A . n 
A 1 69  LYS 69  69  69  LYS LYS A . n 
A 1 70  ASN 70  70  70  ASN ASN A . n 
A 1 71  GLU 71  71  71  GLU GLU A . n 
A 1 72  ALA 72  72  72  ALA ALA A . n 
A 1 73  ASN 73  73  73  ASN ASN A . n 
A 1 74  ASN 74  74  74  ASN ASN A . n 
A 1 75  GLY 75  75  75  GLY GLY A . n 
A 1 76  LEU 76  76  76  LEU LEU A . n 
A 1 77  SER 77  77  77  SER SER A . n 
A 1 78  ASN 78  78  78  ASN ASN A . n 
A 1 79  LYS 79  79  79  LYS LYS A . n 
A 1 80  LYS 80  80  80  LYS LYS A . n 
A 1 81  TYR 81  81  81  TYR TYR A . n 
A 1 82  THR 82  82  82  THR THR A . n 
A 1 83  ILE 83  83  83  ILE ILE A . n 
A 1 84  ALA 84  84  84  ALA ALA A . n 
A 1 85  MET 85  85  85  MET MET A . n 
A 1 86  ALA 86  86  86  ALA ALA A . n 
A 1 87  ARG 87  87  87  ARG ARG A . n 
A 1 88  THR 88  88  88  THR THR A . n 
A 1 89  PRO 89  89  89  PRO PRO A . n 
A 1 90  ASP 90  90  90  ASP ASP A . n 
A 1 91  PRO 91  91  91  PRO PRO A . n 
A 1 92  HIS 92  92  92  HIS HIS A . n 
A 1 93  SER 93  93  93  SER SER A . n 
A 1 94  ALA 94  94  94  ALA ALA A . n 
A 1 95  SER 95  95  95  SER SER A . n 
A 1 96  ALA 96  96  96  ALA ALA A . n 
A 1 97  GLN 97  97  97  GLN GLN A . n 
A 1 98  PHE 98  98  98  PHE PHE A . n 
A 1 99  PHE 99  99  99  PHE PHE A . n 
A 1 100 ILE 100 100 100 ILE ILE A . n 
A 1 101 ASN 101 101 101 ASN ASN A . n 
A 1 102 VAL 102 102 102 VAL VAL A . n 
A 1 103 LYS 103 103 103 LYS LYS A . n 
A 1 104 ASP 104 104 104 ASP ASP A . n 
A 1 105 ASN 105 105 105 ASN ASN A . n 
A 1 106 ALA 106 106 106 ALA ALA A . n 
A 1 107 PHE 107 107 107 PHE PHE A . n 
A 1 108 LEU 108 108 108 LEU LEU A . n 
A 1 109 ASP 109 109 109 ASP ASP A . n 
A 1 110 HIS 110 110 110 HIS HIS A . n 
A 1 111 THR 111 111 111 THR THR A . n 
A 1 112 ALA 112 112 112 ALA ALA A . n 
A 1 113 PRO 113 113 113 PRO PRO A . n 
A 1 114 THR 114 114 114 THR THR A . n 
A 1 115 ALA 115 115 115 ALA ALA A . n 
A 1 116 HIS 116 116 116 HIS HIS A . n 
A 1 117 GLY 117 117 117 GLY GLY A . n 
A 1 118 TRP 118 118 118 TRP TRP A . n 
A 1 119 GLY 119 119 119 GLY GLY A . n 
A 1 120 TYR 120 120 120 TYR TYR A . n 
A 1 121 ALA 121 121 121 ALA ALA A . n 
A 1 122 VAL 122 122 122 VAL VAL A . n 
A 1 123 PHE 123 123 123 PHE PHE A . n 
A 1 124 GLY 124 124 124 GLY GLY A . n 
A 1 125 GLU 125 125 125 GLU GLU A . n 
A 1 126 VAL 126 126 126 VAL VAL A . n 
A 1 127 VAL 127 127 127 VAL ALA A . n 
A 1 128 GLU 128 128 128 GLU GLU A . n 
A 1 129 GLY 129 129 129 GLY GLY A . n 
A 1 130 THR 130 130 130 THR THR A . n 
A 1 131 ASP 131 131 131 ASP ASP A . n 
A 1 132 VAL 132 132 132 VAL VAL A . n 
A 1 133 VAL 133 133 133 VAL VAL A . n 
A 1 134 ASP 134 134 134 ASP ASP A . n 
A 1 135 ARG 135 135 135 ARG ARG A . n 
A 1 136 ILE 136 136 136 ILE ILE A . n 
A 1 137 LYS 137 137 137 LYS LYS A . n 
A 1 138 SER 138 138 138 SER SER A . n 
A 1 139 VAL 139 139 139 VAL VAL A . n 
A 1 140 ALA 140 140 140 ALA ALA A . n 
A 1 141 THR 141 141 141 THR THR A . n 
A 1 142 GLY 142 142 142 GLY GLY A . n 
A 1 143 SER 143 143 143 SER SER A . n 
A 1 144 ARG 144 144 144 ARG ARG A . n 
A 1 145 ALA 145 145 145 ALA ALA A . n 
A 1 146 GLY 146 146 146 GLY GLY A . n 
A 1 147 HIS 147 147 147 HIS HIS A . n 
A 1 148 GLY 148 148 148 GLY GLY A . n 
A 1 149 ASP 149 149 149 ASP ASP A . n 
A 1 150 VAL 150 150 150 VAL VAL A . n 
A 1 151 PRO 151 151 151 PRO PRO A . n 
A 1 152 VAL 152 152 152 VAL VAL A . n 
A 1 153 ASP 153 153 153 ASP ASP A . n 
A 1 154 ASP 154 154 154 ASP ASP A . n 
A 1 155 VAL 155 155 155 VAL VAL A . n 
A 1 156 ILE 156 156 156 ILE ILE A . n 
A 1 157 ILE 157 157 157 ILE ILE A . n 
A 1 158 GLU 158 158 158 GLU GLU A . n 
A 1 159 LYS 159 159 159 LYS LYS A . n 
A 1 160 ALA 160 160 160 ALA ALA A . n 
A 1 161 GLU 161 161 161 GLU GLU A . n 
A 1 162 ILE 162 162 162 ILE ILE A . n 
A 1 163 VAL 163 163 163 VAL VAL A . n 
B 2 1   SIN 1   0   0   SIN SIN B . n 
B 2 2   ALA 2   1   1   ALA ALA B . n 
B 2 3   PHE 3   2   2   PHE PHE B . n 
B 2 4   PRO 4   3   3   PRO PRO B . n 
B 2 5   PHE 5   4   4   PHE PHE B . n 
B 2 6   NIT 6   5   5   NIT NIT B . n 
# 
loop_
_pdbx_nonpoly_scheme.asym_id 
_pdbx_nonpoly_scheme.entity_id 
_pdbx_nonpoly_scheme.mon_id 
_pdbx_nonpoly_scheme.ndb_seq_num 
_pdbx_nonpoly_scheme.pdb_seq_num 
_pdbx_nonpoly_scheme.auth_seq_num 
_pdbx_nonpoly_scheme.pdb_mon_id 
_pdbx_nonpoly_scheme.auth_mon_id 
_pdbx_nonpoly_scheme.pdb_strand_id 
_pdbx_nonpoly_scheme.pdb_ins_code 
C 3 HOH 1   164 1   HOH HOH A . 
C 3 HOH 2   165 2   HOH HOH A . 
C 3 HOH 3   166 3   HOH HOH A . 
C 3 HOH 4   167 4   HOH HOH A . 
C 3 HOH 5   168 5   HOH HOH A . 
C 3 HOH 6   169 6   HOH HOH A . 
C 3 HOH 7   170 7   HOH HOH A . 
C 3 HOH 8   171 8   HOH HOH A . 
C 3 HOH 9   172 9   HOH HOH A . 
C 3 HOH 10  173 10  HOH HOH A . 
C 3 HOH 11  174 11  HOH HOH A . 
C 3 HOH 12  175 12  HOH HOH A . 
C 3 HOH 13  176 14  HOH HOH A . 
C 3 HOH 14  177 15  HOH HOH A . 
C 3 HOH 15  178 16  HOH HOH A . 
C 3 HOH 16  179 17  HOH HOH A . 
C 3 HOH 17  180 18  HOH HOH A . 
C 3 HOH 18  181 19  HOH HOH A . 
C 3 HOH 19  182 20  HOH HOH A . 
C 3 HOH 20  183 21  HOH HOH A . 
C 3 HOH 21  184 22  HOH HOH A . 
C 3 HOH 22  185 23  HOH HOH A . 
C 3 HOH 23  186 24  HOH HOH A . 
C 3 HOH 24  187 25  HOH HOH A . 
C 3 HOH 25  188 26  HOH HOH A . 
C 3 HOH 26  189 27  HOH HOH A . 
C 3 HOH 27  190 28  HOH HOH A . 
C 3 HOH 28  191 29  HOH HOH A . 
C 3 HOH 29  192 30  HOH HOH A . 
C 3 HOH 30  193 31  HOH HOH A . 
C 3 HOH 31  194 32  HOH HOH A . 
C 3 HOH 32  195 33  HOH HOH A . 
C 3 HOH 33  196 35  HOH HOH A . 
C 3 HOH 34  197 36  HOH HOH A . 
C 3 HOH 35  198 37  HOH HOH A . 
C 3 HOH 36  199 38  HOH HOH A . 
C 3 HOH 37  200 39  HOH HOH A . 
C 3 HOH 38  201 41  HOH HOH A . 
C 3 HOH 39  202 42  HOH HOH A . 
C 3 HOH 40  203 43  HOH HOH A . 
C 3 HOH 41  204 44  HOH HOH A . 
C 3 HOH 42  205 45  HOH HOH A . 
C 3 HOH 43  206 46  HOH HOH A . 
C 3 HOH 44  207 47  HOH HOH A . 
C 3 HOH 45  208 49  HOH HOH A . 
C 3 HOH 46  209 52  HOH HOH A . 
C 3 HOH 47  210 53  HOH HOH A . 
C 3 HOH 48  211 54  HOH HOH A . 
C 3 HOH 49  212 55  HOH HOH A . 
C 3 HOH 50  213 56  HOH HOH A . 
C 3 HOH 51  214 57  HOH HOH A . 
C 3 HOH 52  215 58  HOH HOH A . 
C 3 HOH 53  216 59  HOH HOH A . 
C 3 HOH 54  217 60  HOH HOH A . 
C 3 HOH 55  218 61  HOH HOH A . 
C 3 HOH 56  219 62  HOH HOH A . 
C 3 HOH 57  220 63  HOH HOH A . 
C 3 HOH 58  221 64  HOH HOH A . 
C 3 HOH 59  222 65  HOH HOH A . 
C 3 HOH 60  223 66  HOH HOH A . 
C 3 HOH 61  224 67  HOH HOH A . 
C 3 HOH 62  225 68  HOH HOH A . 
C 3 HOH 63  226 69  HOH HOH A . 
C 3 HOH 64  227 70  HOH HOH A . 
C 3 HOH 65  228 71  HOH HOH A . 
C 3 HOH 66  229 72  HOH HOH A . 
C 3 HOH 67  230 73  HOH HOH A . 
C 3 HOH 68  231 74  HOH HOH A . 
C 3 HOH 69  232 75  HOH HOH A . 
C 3 HOH 70  233 76  HOH HOH A . 
C 3 HOH 71  234 77  HOH HOH A . 
C 3 HOH 72  235 78  HOH HOH A . 
C 3 HOH 73  236 79  HOH HOH A . 
C 3 HOH 74  237 80  HOH HOH A . 
C 3 HOH 75  238 81  HOH HOH A . 
C 3 HOH 76  239 82  HOH HOH A . 
C 3 HOH 77  240 83  HOH HOH A . 
C 3 HOH 78  241 88  HOH HOH A . 
C 3 HOH 79  242 89  HOH HOH A . 
C 3 HOH 80  243 90  HOH HOH A . 
C 3 HOH 81  244 91  HOH HOH A . 
C 3 HOH 82  245 92  HOH HOH A . 
C 3 HOH 83  246 93  HOH HOH A . 
C 3 HOH 84  247 94  HOH HOH A . 
C 3 HOH 85  248 95  HOH HOH A . 
C 3 HOH 86  249 96  HOH HOH A . 
C 3 HOH 87  250 97  HOH HOH A . 
C 3 HOH 88  251 98  HOH HOH A . 
C 3 HOH 89  252 99  HOH HOH A . 
C 3 HOH 90  253 100 HOH HOH A . 
C 3 HOH 91  254 101 HOH HOH A . 
C 3 HOH 92  255 102 HOH HOH A . 
C 3 HOH 93  256 103 HOH HOH A . 
C 3 HOH 94  257 104 HOH HOH A . 
C 3 HOH 95  258 105 HOH HOH A . 
C 3 HOH 96  259 106 HOH HOH A . 
C 3 HOH 97  260 107 HOH HOH A . 
C 3 HOH 98  261 108 HOH HOH A . 
C 3 HOH 99  262 109 HOH HOH A . 
C 3 HOH 100 263 110 HOH HOH A . 
C 3 HOH 101 264 112 HOH HOH A . 
C 3 HOH 102 265 113 HOH HOH A . 
C 3 HOH 103 266 114 HOH HOH A . 
C 3 HOH 104 267 115 HOH HOH A . 
C 3 HOH 105 268 116 HOH HOH A . 
C 3 HOH 106 269 117 HOH HOH A . 
C 3 HOH 107 270 118 HOH HOH A . 
C 3 HOH 108 271 51  HOH HOH A . 
D 3 HOH 1   13  13  HOH HOH B . 
D 3 HOH 2   34  34  HOH HOH B . 
D 3 HOH 3   40  40  HOH HOH B . 
D 3 HOH 4   48  48  HOH HOH B . 
D 3 HOH 5   50  50  HOH HOH B . 
D 3 HOH 6   84  84  HOH HOH B . 
D 3 HOH 7   85  85  HOH HOH B . 
D 3 HOH 8   86  86  HOH HOH B . 
D 3 HOH 9   87  87  HOH HOH B . 
D 3 HOH 10  111 111 HOH HOH B . 
# 
_pdbx_struct_assembly.id                   1 
_pdbx_struct_assembly.details              author_defined_assembly 
_pdbx_struct_assembly.method_details       ? 
_pdbx_struct_assembly.oligomeric_details   dimeric 
_pdbx_struct_assembly.oligomeric_count     2 
# 
_pdbx_struct_assembly_gen.assembly_id       1 
_pdbx_struct_assembly_gen.oper_expression   1 
_pdbx_struct_assembly_gen.asym_id_list      A,B,C,D 
# 
_pdbx_struct_oper_list.id                   1 
_pdbx_struct_oper_list.type                 'identity operation' 
_pdbx_struct_oper_list.name                 1_555 
_pdbx_struct_oper_list.symmetry_operation   x,y,z 
_pdbx_struct_oper_list.matrix[1][1]         1.0000000000 
_pdbx_struct_oper_list.matrix[1][2]         0.0000000000 
_pdbx_struct_oper_list.matrix[1][3]         0.0000000000 
_pdbx_struct_oper_list.vector[1]            0.0000000000 
_pdbx_struct_oper_list.matrix[2][1]         0.0000000000 
_pdbx_struct_oper_list.matrix[2][2]         1.0000000000 
_pdbx_struct_oper_list.matrix[2][3]         0.0000000000 
_pdbx_struct_oper_list.vector[2]            0.0000000000 
_pdbx_struct_oper_list.matrix[3][1]         0.0000000000 
_pdbx_struct_oper_list.matrix[3][2]         0.0000000000 
_pdbx_struct_oper_list.matrix[3][3]         1.0000000000 
_pdbx_struct_oper_list.vector[3]            0.0000000000 
# 
loop_
_pdbx_audit_revision_history.ordinal 
_pdbx_audit_revision_history.data_content_type 
_pdbx_audit_revision_history.major_revision 
_pdbx_audit_revision_history.minor_revision 
_pdbx_audit_revision_history.revision_date 
1 'Structure model' 1 0 2012-03-07 
2 'Structure model' 1 1 2013-01-23 
3 'Structure model' 1 2 2017-11-08 
4 'Structure model' 1 3 2019-07-17 
5 'Structure model' 1 4 2023-09-13 
# 
_pdbx_audit_revision_details.ordinal             1 
_pdbx_audit_revision_details.revision_ordinal    1 
_pdbx_audit_revision_details.data_content_type   'Structure model' 
_pdbx_audit_revision_details.provider            repository 
_pdbx_audit_revision_details.type                'Initial release' 
_pdbx_audit_revision_details.description         ? 
_pdbx_audit_revision_details.details             ? 
# 
loop_
_pdbx_audit_revision_group.ordinal 
_pdbx_audit_revision_group.revision_ordinal 
_pdbx_audit_revision_group.data_content_type 
_pdbx_audit_revision_group.group 
1 2 'Structure model' 'Database references'    
2 3 'Structure model' 'Refinement description' 
3 4 'Structure model' 'Data collection'        
4 4 'Structure model' 'Derived calculations'   
5 4 'Structure model' 'Refinement description' 
6 5 'Structure model' 'Data collection'        
7 5 'Structure model' 'Database references'    
8 5 'Structure model' 'Refinement description' 
# 
loop_
_pdbx_audit_revision_category.ordinal 
_pdbx_audit_revision_category.revision_ordinal 
_pdbx_audit_revision_category.data_content_type 
_pdbx_audit_revision_category.category 
1 3 'Structure model' software                      
2 4 'Structure model' software                      
3 4 'Structure model' struct_conn                   
4 5 'Structure model' chem_comp_atom                
5 5 'Structure model' chem_comp_bond                
6 5 'Structure model' database_2                    
7 5 'Structure model' pdbx_initial_refinement_model 
8 5 'Structure model' struct_ref_seq_dif            
# 
loop_
_pdbx_audit_revision_item.ordinal 
_pdbx_audit_revision_item.revision_ordinal 
_pdbx_audit_revision_item.data_content_type 
_pdbx_audit_revision_item.item 
1  4 'Structure model' '_software.contact_author'            
2  4 'Structure model' '_software.contact_author_email'      
3  4 'Structure model' '_software.language'                  
4  4 'Structure model' '_software.location'                  
5  4 'Structure model' '_software.name'                      
6  4 'Structure model' '_software.type'                      
7  4 'Structure model' '_struct_conn.pdbx_leaving_atom_flag' 
8  5 'Structure model' '_database_2.pdbx_DOI'                
9  5 'Structure model' '_database_2.pdbx_database_accession' 
10 5 'Structure model' '_struct_ref_seq_dif.details'         
# 
loop_
_software.pdbx_ordinal 
_software.name 
_software.version 
_software.date 
_software.type 
_software.contact_author 
_software.contact_author_email 
_software.classification 
_software.location 
_software.language 
_software.citation_id 
1 CNS         .    ?               ?       ?                    ?                        refinement        ? ?          ? 
2 PDB_EXTRACT 3.10 'June 10, 2010' package PDB                  deposit@deposit.rcsb.org 'data extraction' 
http://sw-tools.pdb.org/apps/PDB_EXTRACT/    C++        ? 
3 DENZO       .    ?               ?       ?                    ?                        'data reduction'  ? ?          ? 
4 SCALEPACK   .    ?               ?       ?                    ?                        'data scaling'    ? ?          ? 
5 AMoRE       .    ?               ?       ?                    ?                        phasing           ? ?          ? 
6 REFMAC      .    ?               program 'Garib N. Murshudov' garib@ysbl.york.ac.uk    refinement        
http://www.ccp4.ac.uk/dist/html/refmac5.html Fortran_77 ? 
# 
_pdbx_validate_symm_contact.id                1 
_pdbx_validate_symm_contact.PDB_model_num     1 
_pdbx_validate_symm_contact.auth_atom_id_1    O 
_pdbx_validate_symm_contact.auth_asym_id_1    A 
_pdbx_validate_symm_contact.auth_comp_id_1    HOH 
_pdbx_validate_symm_contact.auth_seq_id_1     267 
_pdbx_validate_symm_contact.PDB_ins_code_1    ? 
_pdbx_validate_symm_contact.label_alt_id_1    ? 
_pdbx_validate_symm_contact.site_symmetry_1   1_555 
_pdbx_validate_symm_contact.auth_atom_id_2    O 
_pdbx_validate_symm_contact.auth_asym_id_2    A 
_pdbx_validate_symm_contact.auth_comp_id_2    HOH 
_pdbx_validate_symm_contact.auth_seq_id_2     267 
_pdbx_validate_symm_contact.PDB_ins_code_2    ? 
_pdbx_validate_symm_contact.label_alt_id_2    ? 
_pdbx_validate_symm_contact.site_symmetry_2   7_555 
_pdbx_validate_symm_contact.dist              2.00 
# 
_pdbx_validate_rmsd_bond.id                        1 
_pdbx_validate_rmsd_bond.PDB_model_num             1 
_pdbx_validate_rmsd_bond.auth_atom_id_1            C 
_pdbx_validate_rmsd_bond.auth_asym_id_1            B 
_pdbx_validate_rmsd_bond.auth_comp_id_1            PHE 
_pdbx_validate_rmsd_bond.auth_seq_id_1             4 
_pdbx_validate_rmsd_bond.PDB_ins_code_1            ? 
_pdbx_validate_rmsd_bond.label_alt_id_1            ? 
_pdbx_validate_rmsd_bond.auth_atom_id_2            O 
_pdbx_validate_rmsd_bond.auth_asym_id_2            B 
_pdbx_validate_rmsd_bond.auth_comp_id_2            PHE 
_pdbx_validate_rmsd_bond.auth_seq_id_2             4 
_pdbx_validate_rmsd_bond.PDB_ins_code_2            ? 
_pdbx_validate_rmsd_bond.label_alt_id_2            ? 
_pdbx_validate_rmsd_bond.bond_value                1.360 
_pdbx_validate_rmsd_bond.bond_target_value         1.229 
_pdbx_validate_rmsd_bond.bond_deviation            0.131 
_pdbx_validate_rmsd_bond.bond_standard_deviation   0.019 
_pdbx_validate_rmsd_bond.linker_flag               N 
# 
loop_
_pdbx_validate_torsion.id 
_pdbx_validate_torsion.PDB_model_num 
_pdbx_validate_torsion.auth_comp_id 
_pdbx_validate_torsion.auth_asym_id 
_pdbx_validate_torsion.auth_seq_id 
_pdbx_validate_torsion.PDB_ins_code 
_pdbx_validate_torsion.label_alt_id 
_pdbx_validate_torsion.phi 
_pdbx_validate_torsion.psi 
1 1 PHE A 16  ? ? -107.36 75.69   
2 1 ALA A 20  ? ? -150.11 58.90   
3 1 PHE A 48  ? ? -135.75 -80.12  
4 1 TYR A 81  ? ? 83.37   0.77    
5 1 ARG A 87  ? ? -169.72 -167.42 
6 1 HIS A 92  ? ? -98.76  40.09   
7 1 SER A 95  ? ? -132.35 -88.40  
8 1 ASN A 105 ? ? -118.93 67.54   
9 1 ALA A 145 ? ? 51.05   -137.43 
# 
loop_
_pdbx_unobs_or_zero_occ_atoms.id 
_pdbx_unobs_or_zero_occ_atoms.PDB_model_num 
_pdbx_unobs_or_zero_occ_atoms.polymer_flag 
_pdbx_unobs_or_zero_occ_atoms.occupancy_flag 
_pdbx_unobs_or_zero_occ_atoms.auth_asym_id 
_pdbx_unobs_or_zero_occ_atoms.auth_comp_id 
_pdbx_unobs_or_zero_occ_atoms.auth_seq_id 
_pdbx_unobs_or_zero_occ_atoms.PDB_ins_code 
_pdbx_unobs_or_zero_occ_atoms.auth_atom_id 
_pdbx_unobs_or_zero_occ_atoms.label_alt_id 
_pdbx_unobs_or_zero_occ_atoms.label_asym_id 
_pdbx_unobs_or_zero_occ_atoms.label_comp_id 
_pdbx_unobs_or_zero_occ_atoms.label_seq_id 
_pdbx_unobs_or_zero_occ_atoms.label_atom_id 
1 1 Y 1 A VAL 127 ? CG1 ? A VAL 127 CG1 
2 1 Y 1 A VAL 127 ? CG2 ? A VAL 127 CG2 
# 
loop_
_chem_comp_atom.comp_id 
_chem_comp_atom.atom_id 
_chem_comp_atom.type_symbol 
_chem_comp_atom.pdbx_aromatic_flag 
_chem_comp_atom.pdbx_stereo_config 
_chem_comp_atom.pdbx_ordinal 
ALA N    N N N 1   
ALA CA   C N S 2   
ALA C    C N N 3   
ALA O    O N N 4   
ALA CB   C N N 5   
ALA OXT  O N N 6   
ALA H    H N N 7   
ALA H2   H N N 8   
ALA HA   H N N 9   
ALA HB1  H N N 10  
ALA HB2  H N N 11  
ALA HB3  H N N 12  
ALA HXT  H N N 13  
ARG N    N N N 14  
ARG CA   C N S 15  
ARG C    C N N 16  
ARG O    O N N 17  
ARG CB   C N N 18  
ARG CG   C N N 19  
ARG CD   C N N 20  
ARG NE   N N N 21  
ARG CZ   C N N 22  
ARG NH1  N N N 23  
ARG NH2  N N N 24  
ARG OXT  O N N 25  
ARG H    H N N 26  
ARG H2   H N N 27  
ARG HA   H N N 28  
ARG HB2  H N N 29  
ARG HB3  H N N 30  
ARG HG2  H N N 31  
ARG HG3  H N N 32  
ARG HD2  H N N 33  
ARG HD3  H N N 34  
ARG HE   H N N 35  
ARG HH11 H N N 36  
ARG HH12 H N N 37  
ARG HH21 H N N 38  
ARG HH22 H N N 39  
ARG HXT  H N N 40  
ASN N    N N N 41  
ASN CA   C N S 42  
ASN C    C N N 43  
ASN O    O N N 44  
ASN CB   C N N 45  
ASN CG   C N N 46  
ASN OD1  O N N 47  
ASN ND2  N N N 48  
ASN OXT  O N N 49  
ASN H    H N N 50  
ASN H2   H N N 51  
ASN HA   H N N 52  
ASN HB2  H N N 53  
ASN HB3  H N N 54  
ASN HD21 H N N 55  
ASN HD22 H N N 56  
ASN HXT  H N N 57  
ASP N    N N N 58  
ASP CA   C N S 59  
ASP C    C N N 60  
ASP O    O N N 61  
ASP CB   C N N 62  
ASP CG   C N N 63  
ASP OD1  O N N 64  
ASP OD2  O N N 65  
ASP OXT  O N N 66  
ASP H    H N N 67  
ASP H2   H N N 68  
ASP HA   H N N 69  
ASP HB2  H N N 70  
ASP HB3  H N N 71  
ASP HD2  H N N 72  
ASP HXT  H N N 73  
GLN N    N N N 74  
GLN CA   C N S 75  
GLN C    C N N 76  
GLN O    O N N 77  
GLN CB   C N N 78  
GLN CG   C N N 79  
GLN CD   C N N 80  
GLN OE1  O N N 81  
GLN NE2  N N N 82  
GLN OXT  O N N 83  
GLN H    H N N 84  
GLN H2   H N N 85  
GLN HA   H N N 86  
GLN HB2  H N N 87  
GLN HB3  H N N 88  
GLN HG2  H N N 89  
GLN HG3  H N N 90  
GLN HE21 H N N 91  
GLN HE22 H N N 92  
GLN HXT  H N N 93  
GLU N    N N N 94  
GLU CA   C N S 95  
GLU C    C N N 96  
GLU O    O N N 97  
GLU CB   C N N 98  
GLU CG   C N N 99  
GLU CD   C N N 100 
GLU OE1  O N N 101 
GLU OE2  O N N 102 
GLU OXT  O N N 103 
GLU H    H N N 104 
GLU H2   H N N 105 
GLU HA   H N N 106 
GLU HB2  H N N 107 
GLU HB3  H N N 108 
GLU HG2  H N N 109 
GLU HG3  H N N 110 
GLU HE2  H N N 111 
GLU HXT  H N N 112 
GLY N    N N N 113 
GLY CA   C N N 114 
GLY C    C N N 115 
GLY O    O N N 116 
GLY OXT  O N N 117 
GLY H    H N N 118 
GLY H2   H N N 119 
GLY HA2  H N N 120 
GLY HA3  H N N 121 
GLY HXT  H N N 122 
HIS N    N N N 123 
HIS CA   C N S 124 
HIS C    C N N 125 
HIS O    O N N 126 
HIS CB   C N N 127 
HIS CG   C Y N 128 
HIS ND1  N Y N 129 
HIS CD2  C Y N 130 
HIS CE1  C Y N 131 
HIS NE2  N Y N 132 
HIS OXT  O N N 133 
HIS H    H N N 134 
HIS H2   H N N 135 
HIS HA   H N N 136 
HIS HB2  H N N 137 
HIS HB3  H N N 138 
HIS HD1  H N N 139 
HIS HD2  H N N 140 
HIS HE1  H N N 141 
HIS HE2  H N N 142 
HIS HXT  H N N 143 
HOH O    O N N 144 
HOH H1   H N N 145 
HOH H2   H N N 146 
ILE N    N N N 147 
ILE CA   C N S 148 
ILE C    C N N 149 
ILE O    O N N 150 
ILE CB   C N S 151 
ILE CG1  C N N 152 
ILE CG2  C N N 153 
ILE CD1  C N N 154 
ILE OXT  O N N 155 
ILE H    H N N 156 
ILE H2   H N N 157 
ILE HA   H N N 158 
ILE HB   H N N 159 
ILE HG12 H N N 160 
ILE HG13 H N N 161 
ILE HG21 H N N 162 
ILE HG22 H N N 163 
ILE HG23 H N N 164 
ILE HD11 H N N 165 
ILE HD12 H N N 166 
ILE HD13 H N N 167 
ILE HXT  H N N 168 
LEU N    N N N 169 
LEU CA   C N S 170 
LEU C    C N N 171 
LEU O    O N N 172 
LEU CB   C N N 173 
LEU CG   C N N 174 
LEU CD1  C N N 175 
LEU CD2  C N N 176 
LEU OXT  O N N 177 
LEU H    H N N 178 
LEU H2   H N N 179 
LEU HA   H N N 180 
LEU HB2  H N N 181 
LEU HB3  H N N 182 
LEU HG   H N N 183 
LEU HD11 H N N 184 
LEU HD12 H N N 185 
LEU HD13 H N N 186 
LEU HD21 H N N 187 
LEU HD22 H N N 188 
LEU HD23 H N N 189 
LEU HXT  H N N 190 
LYS N    N N N 191 
LYS CA   C N S 192 
LYS C    C N N 193 
LYS O    O N N 194 
LYS CB   C N N 195 
LYS CG   C N N 196 
LYS CD   C N N 197 
LYS CE   C N N 198 
LYS NZ   N N N 199 
LYS OXT  O N N 200 
LYS H    H N N 201 
LYS H2   H N N 202 
LYS HA   H N N 203 
LYS HB2  H N N 204 
LYS HB3  H N N 205 
LYS HG2  H N N 206 
LYS HG3  H N N 207 
LYS HD2  H N N 208 
LYS HD3  H N N 209 
LYS HE2  H N N 210 
LYS HE3  H N N 211 
LYS HZ1  H N N 212 
LYS HZ2  H N N 213 
LYS HZ3  H N N 214 
LYS HXT  H N N 215 
MET N    N N N 216 
MET CA   C N S 217 
MET C    C N N 218 
MET O    O N N 219 
MET CB   C N N 220 
MET CG   C N N 221 
MET SD   S N N 222 
MET CE   C N N 223 
MET OXT  O N N 224 
MET H    H N N 225 
MET H2   H N N 226 
MET HA   H N N 227 
MET HB2  H N N 228 
MET HB3  H N N 229 
MET HG2  H N N 230 
MET HG3  H N N 231 
MET HE1  H N N 232 
MET HE2  H N N 233 
MET HE3  H N N 234 
MET HXT  H N N 235 
NIT N1   N N N 236 
NIT C1   C Y N 237 
NIT C2   C Y N 238 
NIT C3   C Y N 239 
NIT C4   C Y N 240 
NIT N4   N N N 241 
NIT ON1  O N N 242 
NIT ON2  O N N 243 
NIT C5   C Y N 244 
NIT C6   C Y N 245 
NIT HN11 H N N 246 
NIT HN12 H N N 247 
NIT H2   H N N 248 
NIT H3   H N N 249 
NIT H5   H N N 250 
NIT H6   H N N 251 
PHE N    N N N 252 
PHE CA   C N S 253 
PHE C    C N N 254 
PHE O    O N N 255 
PHE CB   C N N 256 
PHE CG   C Y N 257 
PHE CD1  C Y N 258 
PHE CD2  C Y N 259 
PHE CE1  C Y N 260 
PHE CE2  C Y N 261 
PHE CZ   C Y N 262 
PHE OXT  O N N 263 
PHE H    H N N 264 
PHE H2   H N N 265 
PHE HA   H N N 266 
PHE HB2  H N N 267 
PHE HB3  H N N 268 
PHE HD1  H N N 269 
PHE HD2  H N N 270 
PHE HE1  H N N 271 
PHE HE2  H N N 272 
PHE HZ   H N N 273 
PHE HXT  H N N 274 
PRO N    N N N 275 
PRO CA   C N S 276 
PRO C    C N N 277 
PRO O    O N N 278 
PRO CB   C N N 279 
PRO CG   C N N 280 
PRO CD   C N N 281 
PRO OXT  O N N 282 
PRO H    H N N 283 
PRO HA   H N N 284 
PRO HB2  H N N 285 
PRO HB3  H N N 286 
PRO HG2  H N N 287 
PRO HG3  H N N 288 
PRO HD2  H N N 289 
PRO HD3  H N N 290 
PRO HXT  H N N 291 
SER N    N N N 292 
SER CA   C N S 293 
SER C    C N N 294 
SER O    O N N 295 
SER CB   C N N 296 
SER OG   O N N 297 
SER OXT  O N N 298 
SER H    H N N 299 
SER H2   H N N 300 
SER HA   H N N 301 
SER HB2  H N N 302 
SER HB3  H N N 303 
SER HG   H N N 304 
SER HXT  H N N 305 
SIN C1   C N N 306 
SIN O1   O N N 307 
SIN O2   O N N 308 
SIN C2   C N N 309 
SIN C3   C N N 310 
SIN C4   C N N 311 
SIN O3   O N N 312 
SIN O4   O N N 313 
SIN HO2  H N N 314 
SIN H21  H N N 315 
SIN H22  H N N 316 
SIN H31  H N N 317 
SIN H32  H N N 318 
SIN HO4  H N N 319 
THR N    N N N 320 
THR CA   C N S 321 
THR C    C N N 322 
THR O    O N N 323 
THR CB   C N R 324 
THR OG1  O N N 325 
THR CG2  C N N 326 
THR OXT  O N N 327 
THR H    H N N 328 
THR H2   H N N 329 
THR HA   H N N 330 
THR HB   H N N 331 
THR HG1  H N N 332 
THR HG21 H N N 333 
THR HG22 H N N 334 
THR HG23 H N N 335 
THR HXT  H N N 336 
TRP N    N N N 337 
TRP CA   C N S 338 
TRP C    C N N 339 
TRP O    O N N 340 
TRP CB   C N N 341 
TRP CG   C Y N 342 
TRP CD1  C Y N 343 
TRP CD2  C Y N 344 
TRP NE1  N Y N 345 
TRP CE2  C Y N 346 
TRP CE3  C Y N 347 
TRP CZ2  C Y N 348 
TRP CZ3  C Y N 349 
TRP CH2  C Y N 350 
TRP OXT  O N N 351 
TRP H    H N N 352 
TRP H2   H N N 353 
TRP HA   H N N 354 
TRP HB2  H N N 355 
TRP HB3  H N N 356 
TRP HD1  H N N 357 
TRP HE1  H N N 358 
TRP HE3  H N N 359 
TRP HZ2  H N N 360 
TRP HZ3  H N N 361 
TRP HH2  H N N 362 
TRP HXT  H N N 363 
TYR N    N N N 364 
TYR CA   C N S 365 
TYR C    C N N 366 
TYR O    O N N 367 
TYR CB   C N N 368 
TYR CG   C Y N 369 
TYR CD1  C Y N 370 
TYR CD2  C Y N 371 
TYR CE1  C Y N 372 
TYR CE2  C Y N 373 
TYR CZ   C Y N 374 
TYR OH   O N N 375 
TYR OXT  O N N 376 
TYR H    H N N 377 
TYR H2   H N N 378 
TYR HA   H N N 379 
TYR HB2  H N N 380 
TYR HB3  H N N 381 
TYR HD1  H N N 382 
TYR HD2  H N N 383 
TYR HE1  H N N 384 
TYR HE2  H N N 385 
TYR HH   H N N 386 
TYR HXT  H N N 387 
VAL N    N N N 388 
VAL CA   C N S 389 
VAL C    C N N 390 
VAL O    O N N 391 
VAL CB   C N N 392 
VAL CG1  C N N 393 
VAL CG2  C N N 394 
VAL OXT  O N N 395 
VAL H    H N N 396 
VAL H2   H N N 397 
VAL HA   H N N 398 
VAL HB   H N N 399 
VAL HG11 H N N 400 
VAL HG12 H N N 401 
VAL HG13 H N N 402 
VAL HG21 H N N 403 
VAL HG22 H N N 404 
VAL HG23 H N N 405 
VAL HXT  H N N 406 
# 
loop_
_chem_comp_bond.comp_id 
_chem_comp_bond.atom_id_1 
_chem_comp_bond.atom_id_2 
_chem_comp_bond.value_order 
_chem_comp_bond.pdbx_aromatic_flag 
_chem_comp_bond.pdbx_stereo_config 
_chem_comp_bond.pdbx_ordinal 
ALA N   CA   sing N N 1   
ALA N   H    sing N N 2   
ALA N   H2   sing N N 3   
ALA CA  C    sing N N 4   
ALA CA  CB   sing N N 5   
ALA CA  HA   sing N N 6   
ALA C   O    doub N N 7   
ALA C   OXT  sing N N 8   
ALA CB  HB1  sing N N 9   
ALA CB  HB2  sing N N 10  
ALA CB  HB3  sing N N 11  
ALA OXT HXT  sing N N 12  
ARG N   CA   sing N N 13  
ARG N   H    sing N N 14  
ARG N   H2   sing N N 15  
ARG CA  C    sing N N 16  
ARG CA  CB   sing N N 17  
ARG CA  HA   sing N N 18  
ARG C   O    doub N N 19  
ARG C   OXT  sing N N 20  
ARG CB  CG   sing N N 21  
ARG CB  HB2  sing N N 22  
ARG CB  HB3  sing N N 23  
ARG CG  CD   sing N N 24  
ARG CG  HG2  sing N N 25  
ARG CG  HG3  sing N N 26  
ARG CD  NE   sing N N 27  
ARG CD  HD2  sing N N 28  
ARG CD  HD3  sing N N 29  
ARG NE  CZ   sing N N 30  
ARG NE  HE   sing N N 31  
ARG CZ  NH1  sing N N 32  
ARG CZ  NH2  doub N N 33  
ARG NH1 HH11 sing N N 34  
ARG NH1 HH12 sing N N 35  
ARG NH2 HH21 sing N N 36  
ARG NH2 HH22 sing N N 37  
ARG OXT HXT  sing N N 38  
ASN N   CA   sing N N 39  
ASN N   H    sing N N 40  
ASN N   H2   sing N N 41  
ASN CA  C    sing N N 42  
ASN CA  CB   sing N N 43  
ASN CA  HA   sing N N 44  
ASN C   O    doub N N 45  
ASN C   OXT  sing N N 46  
ASN CB  CG   sing N N 47  
ASN CB  HB2  sing N N 48  
ASN CB  HB3  sing N N 49  
ASN CG  OD1  doub N N 50  
ASN CG  ND2  sing N N 51  
ASN ND2 HD21 sing N N 52  
ASN ND2 HD22 sing N N 53  
ASN OXT HXT  sing N N 54  
ASP N   CA   sing N N 55  
ASP N   H    sing N N 56  
ASP N   H2   sing N N 57  
ASP CA  C    sing N N 58  
ASP CA  CB   sing N N 59  
ASP CA  HA   sing N N 60  
ASP C   O    doub N N 61  
ASP C   OXT  sing N N 62  
ASP CB  CG   sing N N 63  
ASP CB  HB2  sing N N 64  
ASP CB  HB3  sing N N 65  
ASP CG  OD1  doub N N 66  
ASP CG  OD2  sing N N 67  
ASP OD2 HD2  sing N N 68  
ASP OXT HXT  sing N N 69  
GLN N   CA   sing N N 70  
GLN N   H    sing N N 71  
GLN N   H2   sing N N 72  
GLN CA  C    sing N N 73  
GLN CA  CB   sing N N 74  
GLN CA  HA   sing N N 75  
GLN C   O    doub N N 76  
GLN C   OXT  sing N N 77  
GLN CB  CG   sing N N 78  
GLN CB  HB2  sing N N 79  
GLN CB  HB3  sing N N 80  
GLN CG  CD   sing N N 81  
GLN CG  HG2  sing N N 82  
GLN CG  HG3  sing N N 83  
GLN CD  OE1  doub N N 84  
GLN CD  NE2  sing N N 85  
GLN NE2 HE21 sing N N 86  
GLN NE2 HE22 sing N N 87  
GLN OXT HXT  sing N N 88  
GLU N   CA   sing N N 89  
GLU N   H    sing N N 90  
GLU N   H2   sing N N 91  
GLU CA  C    sing N N 92  
GLU CA  CB   sing N N 93  
GLU CA  HA   sing N N 94  
GLU C   O    doub N N 95  
GLU C   OXT  sing N N 96  
GLU CB  CG   sing N N 97  
GLU CB  HB2  sing N N 98  
GLU CB  HB3  sing N N 99  
GLU CG  CD   sing N N 100 
GLU CG  HG2  sing N N 101 
GLU CG  HG3  sing N N 102 
GLU CD  OE1  doub N N 103 
GLU CD  OE2  sing N N 104 
GLU OE2 HE2  sing N N 105 
GLU OXT HXT  sing N N 106 
GLY N   CA   sing N N 107 
GLY N   H    sing N N 108 
GLY N   H2   sing N N 109 
GLY CA  C    sing N N 110 
GLY CA  HA2  sing N N 111 
GLY CA  HA3  sing N N 112 
GLY C   O    doub N N 113 
GLY C   OXT  sing N N 114 
GLY OXT HXT  sing N N 115 
HIS N   CA   sing N N 116 
HIS N   H    sing N N 117 
HIS N   H2   sing N N 118 
HIS CA  C    sing N N 119 
HIS CA  CB   sing N N 120 
HIS CA  HA   sing N N 121 
HIS C   O    doub N N 122 
HIS C   OXT  sing N N 123 
HIS CB  CG   sing N N 124 
HIS CB  HB2  sing N N 125 
HIS CB  HB3  sing N N 126 
HIS CG  ND1  sing Y N 127 
HIS CG  CD2  doub Y N 128 
HIS ND1 CE1  doub Y N 129 
HIS ND1 HD1  sing N N 130 
HIS CD2 NE2  sing Y N 131 
HIS CD2 HD2  sing N N 132 
HIS CE1 NE2  sing Y N 133 
HIS CE1 HE1  sing N N 134 
HIS NE2 HE2  sing N N 135 
HIS OXT HXT  sing N N 136 
HOH O   H1   sing N N 137 
HOH O   H2   sing N N 138 
ILE N   CA   sing N N 139 
ILE N   H    sing N N 140 
ILE N   H2   sing N N 141 
ILE CA  C    sing N N 142 
ILE CA  CB   sing N N 143 
ILE CA  HA   sing N N 144 
ILE C   O    doub N N 145 
ILE C   OXT  sing N N 146 
ILE CB  CG1  sing N N 147 
ILE CB  CG2  sing N N 148 
ILE CB  HB   sing N N 149 
ILE CG1 CD1  sing N N 150 
ILE CG1 HG12 sing N N 151 
ILE CG1 HG13 sing N N 152 
ILE CG2 HG21 sing N N 153 
ILE CG2 HG22 sing N N 154 
ILE CG2 HG23 sing N N 155 
ILE CD1 HD11 sing N N 156 
ILE CD1 HD12 sing N N 157 
ILE CD1 HD13 sing N N 158 
ILE OXT HXT  sing N N 159 
LEU N   CA   sing N N 160 
LEU N   H    sing N N 161 
LEU N   H2   sing N N 162 
LEU CA  C    sing N N 163 
LEU CA  CB   sing N N 164 
LEU CA  HA   sing N N 165 
LEU C   O    doub N N 166 
LEU C   OXT  sing N N 167 
LEU CB  CG   sing N N 168 
LEU CB  HB2  sing N N 169 
LEU CB  HB3  sing N N 170 
LEU CG  CD1  sing N N 171 
LEU CG  CD2  sing N N 172 
LEU CG  HG   sing N N 173 
LEU CD1 HD11 sing N N 174 
LEU CD1 HD12 sing N N 175 
LEU CD1 HD13 sing N N 176 
LEU CD2 HD21 sing N N 177 
LEU CD2 HD22 sing N N 178 
LEU CD2 HD23 sing N N 179 
LEU OXT HXT  sing N N 180 
LYS N   CA   sing N N 181 
LYS N   H    sing N N 182 
LYS N   H2   sing N N 183 
LYS CA  C    sing N N 184 
LYS CA  CB   sing N N 185 
LYS CA  HA   sing N N 186 
LYS C   O    doub N N 187 
LYS C   OXT  sing N N 188 
LYS CB  CG   sing N N 189 
LYS CB  HB2  sing N N 190 
LYS CB  HB3  sing N N 191 
LYS CG  CD   sing N N 192 
LYS CG  HG2  sing N N 193 
LYS CG  HG3  sing N N 194 
LYS CD  CE   sing N N 195 
LYS CD  HD2  sing N N 196 
LYS CD  HD3  sing N N 197 
LYS CE  NZ   sing N N 198 
LYS CE  HE2  sing N N 199 
LYS CE  HE3  sing N N 200 
LYS NZ  HZ1  sing N N 201 
LYS NZ  HZ2  sing N N 202 
LYS NZ  HZ3  sing N N 203 
LYS OXT HXT  sing N N 204 
MET N   CA   sing N N 205 
MET N   H    sing N N 206 
MET N   H2   sing N N 207 
MET CA  C    sing N N 208 
MET CA  CB   sing N N 209 
MET CA  HA   sing N N 210 
MET C   O    doub N N 211 
MET C   OXT  sing N N 212 
MET CB  CG   sing N N 213 
MET CB  HB2  sing N N 214 
MET CB  HB3  sing N N 215 
MET CG  SD   sing N N 216 
MET CG  HG2  sing N N 217 
MET CG  HG3  sing N N 218 
MET SD  CE   sing N N 219 
MET CE  HE1  sing N N 220 
MET CE  HE2  sing N N 221 
MET CE  HE3  sing N N 222 
MET OXT HXT  sing N N 223 
NIT N1  C1   sing N N 224 
NIT N1  HN11 sing N N 225 
NIT N1  HN12 sing N N 226 
NIT C1  C2   doub Y N 227 
NIT C1  C6   sing Y N 228 
NIT C2  C3   sing Y N 229 
NIT C2  H2   sing N N 230 
NIT C3  C4   doub Y N 231 
NIT C3  H3   sing N N 232 
NIT C4  N4   sing N N 233 
NIT C4  C5   sing Y N 234 
NIT N4  ON1  sing N N 235 
NIT N4  ON2  doub N N 236 
NIT C5  C6   doub Y N 237 
NIT C5  H5   sing N N 238 
NIT C6  H6   sing N N 239 
PHE N   CA   sing N N 240 
PHE N   H    sing N N 241 
PHE N   H2   sing N N 242 
PHE CA  C    sing N N 243 
PHE CA  CB   sing N N 244 
PHE CA  HA   sing N N 245 
PHE C   O    doub N N 246 
PHE C   OXT  sing N N 247 
PHE CB  CG   sing N N 248 
PHE CB  HB2  sing N N 249 
PHE CB  HB3  sing N N 250 
PHE CG  CD1  doub Y N 251 
PHE CG  CD2  sing Y N 252 
PHE CD1 CE1  sing Y N 253 
PHE CD1 HD1  sing N N 254 
PHE CD2 CE2  doub Y N 255 
PHE CD2 HD2  sing N N 256 
PHE CE1 CZ   doub Y N 257 
PHE CE1 HE1  sing N N 258 
PHE CE2 CZ   sing Y N 259 
PHE CE2 HE2  sing N N 260 
PHE CZ  HZ   sing N N 261 
PHE OXT HXT  sing N N 262 
PRO N   CA   sing N N 263 
PRO N   CD   sing N N 264 
PRO N   H    sing N N 265 
PRO CA  C    sing N N 266 
PRO CA  CB   sing N N 267 
PRO CA  HA   sing N N 268 
PRO C   O    doub N N 269 
PRO C   OXT  sing N N 270 
PRO CB  CG   sing N N 271 
PRO CB  HB2  sing N N 272 
PRO CB  HB3  sing N N 273 
PRO CG  CD   sing N N 274 
PRO CG  HG2  sing N N 275 
PRO CG  HG3  sing N N 276 
PRO CD  HD2  sing N N 277 
PRO CD  HD3  sing N N 278 
PRO OXT HXT  sing N N 279 
SER N   CA   sing N N 280 
SER N   H    sing N N 281 
SER N   H2   sing N N 282 
SER CA  C    sing N N 283 
SER CA  CB   sing N N 284 
SER CA  HA   sing N N 285 
SER C   O    doub N N 286 
SER C   OXT  sing N N 287 
SER CB  OG   sing N N 288 
SER CB  HB2  sing N N 289 
SER CB  HB3  sing N N 290 
SER OG  HG   sing N N 291 
SER OXT HXT  sing N N 292 
SIN C1  O1   doub N N 293 
SIN C1  O2   sing N N 294 
SIN C1  C2   sing N N 295 
SIN O2  HO2  sing N N 296 
SIN C2  C3   sing N N 297 
SIN C2  H21  sing N N 298 
SIN C2  H22  sing N N 299 
SIN C3  C4   sing N N 300 
SIN C3  H31  sing N N 301 
SIN C3  H32  sing N N 302 
SIN C4  O3   doub N N 303 
SIN C4  O4   sing N N 304 
SIN O4  HO4  sing N N 305 
THR N   CA   sing N N 306 
THR N   H    sing N N 307 
THR N   H2   sing N N 308 
THR CA  C    sing N N 309 
THR CA  CB   sing N N 310 
THR CA  HA   sing N N 311 
THR C   O    doub N N 312 
THR C   OXT  sing N N 313 
THR CB  OG1  sing N N 314 
THR CB  CG2  sing N N 315 
THR CB  HB   sing N N 316 
THR OG1 HG1  sing N N 317 
THR CG2 HG21 sing N N 318 
THR CG2 HG22 sing N N 319 
THR CG2 HG23 sing N N 320 
THR OXT HXT  sing N N 321 
TRP N   CA   sing N N 322 
TRP N   H    sing N N 323 
TRP N   H2   sing N N 324 
TRP CA  C    sing N N 325 
TRP CA  CB   sing N N 326 
TRP CA  HA   sing N N 327 
TRP C   O    doub N N 328 
TRP C   OXT  sing N N 329 
TRP CB  CG   sing N N 330 
TRP CB  HB2  sing N N 331 
TRP CB  HB3  sing N N 332 
TRP CG  CD1  doub Y N 333 
TRP CG  CD2  sing Y N 334 
TRP CD1 NE1  sing Y N 335 
TRP CD1 HD1  sing N N 336 
TRP CD2 CE2  doub Y N 337 
TRP CD2 CE3  sing Y N 338 
TRP NE1 CE2  sing Y N 339 
TRP NE1 HE1  sing N N 340 
TRP CE2 CZ2  sing Y N 341 
TRP CE3 CZ3  doub Y N 342 
TRP CE3 HE3  sing N N 343 
TRP CZ2 CH2  doub Y N 344 
TRP CZ2 HZ2  sing N N 345 
TRP CZ3 CH2  sing Y N 346 
TRP CZ3 HZ3  sing N N 347 
TRP CH2 HH2  sing N N 348 
TRP OXT HXT  sing N N 349 
TYR N   CA   sing N N 350 
TYR N   H    sing N N 351 
TYR N   H2   sing N N 352 
TYR CA  C    sing N N 353 
TYR CA  CB   sing N N 354 
TYR CA  HA   sing N N 355 
TYR C   O    doub N N 356 
TYR C   OXT  sing N N 357 
TYR CB  CG   sing N N 358 
TYR CB  HB2  sing N N 359 
TYR CB  HB3  sing N N 360 
TYR CG  CD1  doub Y N 361 
TYR CG  CD2  sing Y N 362 
TYR CD1 CE1  sing Y N 363 
TYR CD1 HD1  sing N N 364 
TYR CD2 CE2  doub Y N 365 
TYR CD2 HD2  sing N N 366 
TYR CE1 CZ   doub Y N 367 
TYR CE1 HE1  sing N N 368 
TYR CE2 CZ   sing Y N 369 
TYR CE2 HE2  sing N N 370 
TYR CZ  OH   sing N N 371 
TYR OH  HH   sing N N 372 
TYR OXT HXT  sing N N 373 
VAL N   CA   sing N N 374 
VAL N   H    sing N N 375 
VAL N   H2   sing N N 376 
VAL CA  C    sing N N 377 
VAL CA  CB   sing N N 378 
VAL CA  HA   sing N N 379 
VAL C   O    doub N N 380 
VAL C   OXT  sing N N 381 
VAL CB  CG1  sing N N 382 
VAL CB  CG2  sing N N 383 
VAL CB  HB   sing N N 384 
VAL CG1 HG11 sing N N 385 
VAL CG1 HG12 sing N N 386 
VAL CG1 HG13 sing N N 387 
VAL CG2 HG21 sing N N 388 
VAL CG2 HG22 sing N N 389 
VAL CG2 HG23 sing N N 390 
VAL OXT HXT  sing N N 391 
# 
_pdbx_entity_nonpoly.entity_id   3 
_pdbx_entity_nonpoly.name        water 
_pdbx_entity_nonpoly.comp_id     HOH 
# 
_pdbx_initial_refinement_model.id               1 
_pdbx_initial_refinement_model.entity_id_list   ? 
_pdbx_initial_refinement_model.type             'experimental model' 
_pdbx_initial_refinement_model.source_name      PDB 
_pdbx_initial_refinement_model.accession_code   1LOP 
_pdbx_initial_refinement_model.details          'PDB ENTRY 1LOP' 
# 
